data_1F5U
# 
_entry.id   1F5U 
# 
_audit_conform.dict_name       mmcif_pdbx.dic 
_audit_conform.dict_version    5.392 
_audit_conform.dict_location   http://mmcif.pdb.org/dictionaries/ascii/mmcif_pdbx.dic 
# 
loop_
_database_2.database_id 
_database_2.database_code 
_database_2.pdbx_database_accession 
_database_2.pdbx_DOI 
PDB   1F5U         pdb_00001f5u 10.2210/pdb1f5u/pdb 
RCSB  RCSB011279   ?            ?                   
WWPDB D_1000011279 ?            ?                   
# 
loop_
_pdbx_audit_revision_history.ordinal 
_pdbx_audit_revision_history.data_content_type 
_pdbx_audit_revision_history.major_revision 
_pdbx_audit_revision_history.minor_revision 
_pdbx_audit_revision_history.revision_date 
1 'Structure model' 1 0 2000-08-21 
2 'Structure model' 1 1 2008-04-27 
3 'Structure model' 1 2 2011-07-13 
4 'Structure model' 1 3 2022-02-16 
5 'Structure model' 1 4 2024-05-22 
# 
_pdbx_audit_revision_details.ordinal             1 
_pdbx_audit_revision_details.revision_ordinal    1 
_pdbx_audit_revision_details.data_content_type   'Structure model' 
_pdbx_audit_revision_details.provider            repository 
_pdbx_audit_revision_details.type                'Initial release' 
_pdbx_audit_revision_details.description         ? 
_pdbx_audit_revision_details.details             ? 
# 
loop_
_pdbx_audit_revision_group.ordinal 
_pdbx_audit_revision_group.revision_ordinal 
_pdbx_audit_revision_group.data_content_type 
_pdbx_audit_revision_group.group 
1 2 'Structure model' 'Version format compliance' 
2 3 'Structure model' 'Version format compliance' 
3 4 'Structure model' 'Data collection'           
4 4 'Structure model' 'Database references'       
5 4 'Structure model' 'Derived calculations'      
6 5 'Structure model' 'Data collection'           
# 
loop_
_pdbx_audit_revision_category.ordinal 
_pdbx_audit_revision_category.revision_ordinal 
_pdbx_audit_revision_category.data_content_type 
_pdbx_audit_revision_category.category 
1 4 'Structure model' database_2            
2 4 'Structure model' pdbx_nmr_software     
3 4 'Structure model' pdbx_struct_assembly  
4 4 'Structure model' pdbx_struct_oper_list 
5 5 'Structure model' chem_comp_atom        
6 5 'Structure model' chem_comp_bond        
# 
loop_
_pdbx_audit_revision_item.ordinal 
_pdbx_audit_revision_item.revision_ordinal 
_pdbx_audit_revision_item.data_content_type 
_pdbx_audit_revision_item.item 
1 4 'Structure model' '_database_2.pdbx_DOI'                
2 4 'Structure model' '_database_2.pdbx_database_accession' 
3 4 'Structure model' '_pdbx_nmr_software.name'             
# 
_pdbx_database_status.status_code                     REL 
_pdbx_database_status.entry_id                        1F5U 
_pdbx_database_status.recvd_initial_deposition_date   2000-06-16 
_pdbx_database_status.deposit_site                    RCSB 
_pdbx_database_status.process_site                    RCSB 
_pdbx_database_status.status_code_mr                  REL 
_pdbx_database_status.SG_entry                        . 
_pdbx_database_status.pdb_format_compatible           Y 
_pdbx_database_status.status_code_sf                  ? 
_pdbx_database_status.status_code_cs                  ? 
_pdbx_database_status.status_code_nmr_data            ? 
_pdbx_database_status.methods_development_category    ? 
# 
loop_
_audit_author.name 
_audit_author.pdbx_ordinal 
'Kim, C.-H.'     1 
'Tinoco Jr., I.' 2 
# 
_citation.id                        primary 
_citation.title                     'A retroviral RNA kissing complex containing only two G.C base pairs.' 
_citation.journal_abbrev            Proc.Natl.Acad.Sci.USA 
_citation.journal_volume            97 
_citation.page_first                9396 
_citation.page_last                 9401 
_citation.year                      2000 
_citation.journal_id_ASTM           PNASA6 
_citation.country                   US 
_citation.journal_id_ISSN           0027-8424 
_citation.journal_id_CSD            0040 
_citation.book_publisher            ? 
_citation.pdbx_database_id_PubMed   10931958 
_citation.pdbx_database_id_DOI      10.1073/pnas.170283697 
# 
loop_
_citation_author.citation_id 
_citation_author.name 
_citation_author.ordinal 
_citation_author.identifier_ORCID 
primary 'Kim, C.H.'      1 ? 
primary 'Tinoco Jr., I.' 2 ? 
# 
_entity.id                         1 
_entity.type                       polymer 
_entity.src_method                 syn 
_entity.pdbx_description           
;RNA (5'-R(*GP*GP*UP*GP*GP*GP*AP*GP*AP*CP*GP*UP*CP*CP*CP*AP*CP*C)-3')
;
_entity.formula_weight             5802.522 
_entity.pdbx_number_of_molecules   2 
_entity.pdbx_ec                    ? 
_entity.pdbx_mutation              ? 
_entity.pdbx_fragment              '18 MER RNA SEQUENCE MIMICKING H3 GACG STEM-LOOP' 
_entity.details                    
;H3 GACG STEM-LOOP IN THE 5'-END DIMERIZATION SIGNAL SEQUENCE OF MOLONEY MURINE LEUKEMIA VIRUS GENOMIC RNA
;
# 
_entity_poly.entity_id                      1 
_entity_poly.type                           polyribonucleotide 
_entity_poly.nstd_linkage                   no 
_entity_poly.nstd_monomer                   no 
_entity_poly.pdbx_seq_one_letter_code       GGUGGGAGACGUCCCACC 
_entity_poly.pdbx_seq_one_letter_code_can   GGUGGGAGACGUCCCACC 
_entity_poly.pdbx_strand_id                 A,B 
_entity_poly.pdbx_target_identifier         ? 
# 
loop_
_entity_poly_seq.entity_id 
_entity_poly_seq.num 
_entity_poly_seq.mon_id 
_entity_poly_seq.hetero 
1 1  G n 
1 2  G n 
1 3  U n 
1 4  G n 
1 5  G n 
1 6  G n 
1 7  A n 
1 8  G n 
1 9  A n 
1 10 C n 
1 11 G n 
1 12 U n 
1 13 C n 
1 14 C n 
1 15 C n 
1 16 A n 
1 17 C n 
1 18 C n 
# 
_pdbx_entity_src_syn.entity_id              1 
_pdbx_entity_src_syn.pdbx_src_id            1 
_pdbx_entity_src_syn.pdbx_alt_source_flag   sample 
_pdbx_entity_src_syn.pdbx_beg_seq_num       ? 
_pdbx_entity_src_syn.pdbx_end_seq_num       ? 
_pdbx_entity_src_syn.organism_scientific    ? 
_pdbx_entity_src_syn.organism_common_name   ? 
_pdbx_entity_src_syn.ncbi_taxonomy_id       ? 
_pdbx_entity_src_syn.details                'This sequence occurs naturally in Moloney murine leukemia virus' 
# 
loop_
_chem_comp.id 
_chem_comp.type 
_chem_comp.mon_nstd_flag 
_chem_comp.name 
_chem_comp.pdbx_synonyms 
_chem_comp.formula 
_chem_comp.formula_weight 
A 'RNA linking' y "ADENOSINE-5'-MONOPHOSPHATE" ? 'C10 H14 N5 O7 P' 347.221 
C 'RNA linking' y "CYTIDINE-5'-MONOPHOSPHATE"  ? 'C9 H14 N3 O8 P'  323.197 
G 'RNA linking' y "GUANOSINE-5'-MONOPHOSPHATE" ? 'C10 H14 N5 O8 P' 363.221 
U 'RNA linking' y "URIDINE-5'-MONOPHOSPHATE"   ? 'C9 H13 N2 O9 P'  324.181 
# 
loop_
_pdbx_poly_seq_scheme.asym_id 
_pdbx_poly_seq_scheme.entity_id 
_pdbx_poly_seq_scheme.seq_id 
_pdbx_poly_seq_scheme.mon_id 
_pdbx_poly_seq_scheme.ndb_seq_num 
_pdbx_poly_seq_scheme.pdb_seq_num 
_pdbx_poly_seq_scheme.auth_seq_num 
_pdbx_poly_seq_scheme.pdb_mon_id 
_pdbx_poly_seq_scheme.auth_mon_id 
_pdbx_poly_seq_scheme.pdb_strand_id 
_pdbx_poly_seq_scheme.pdb_ins_code 
_pdbx_poly_seq_scheme.hetero 
A 1 1  G 1  1  1  G G A . n 
A 1 2  G 2  2  2  G G A . n 
A 1 3  U 3  3  3  U U A . n 
A 1 4  G 4  4  4  G G A . n 
A 1 5  G 5  5  5  G G A . n 
A 1 6  G 6  6  6  G G A . n 
A 1 7  A 7  7  7  A A A . n 
A 1 8  G 8  8  8  G G A . n 
A 1 9  A 9  9  9  A A A . n 
A 1 10 C 10 10 10 C C A . n 
A 1 11 G 11 11 11 G G A . n 
A 1 12 U 12 12 12 U U A . n 
A 1 13 C 13 13 13 C C A . n 
A 1 14 C 14 14 14 C C A . n 
A 1 15 C 15 15 15 C C A . n 
A 1 16 A 16 16 16 A A A . n 
A 1 17 C 17 17 17 C C A . n 
A 1 18 C 18 18 18 C C A . n 
B 1 1  G 1  1  1  G G B . n 
B 1 2  G 2  2  2  G G B . n 
B 1 3  U 3  3  3  U U B . n 
B 1 4  G 4  4  4  G G B . n 
B 1 5  G 5  5  5  G G B . n 
B 1 6  G 6  6  6  G G B . n 
B 1 7  A 7  7  7  A A B . n 
B 1 8  G 8  8  8  G G B . n 
B 1 9  A 9  9  9  A A B . n 
B 1 10 C 10 10 10 C C B . n 
B 1 11 G 11 11 11 G G B . n 
B 1 12 U 12 12 12 U U B . n 
B 1 13 C 13 13 13 C C B . n 
B 1 14 C 14 14 14 C C B . n 
B 1 15 C 15 15 15 C C B . n 
B 1 16 A 16 16 16 A A B . n 
B 1 17 C 17 17 17 C C B . n 
B 1 18 C 18 18 18 C C B . n 
# 
_cell.entry_id           1F5U 
_cell.length_a           1.000 
_cell.length_b           1.000 
_cell.length_c           1.000 
_cell.angle_alpha        90.00 
_cell.angle_beta         90.00 
_cell.angle_gamma        90.00 
_cell.Z_PDB              1 
_cell.pdbx_unique_axis   ? 
# 
_symmetry.entry_id                         1F5U 
_symmetry.space_group_name_H-M             'P 1' 
_symmetry.pdbx_full_space_group_name_H-M   ? 
_symmetry.cell_setting                     ? 
_symmetry.Int_Tables_number                1 
# 
_exptl.entry_id          1F5U 
_exptl.method            'SOLUTION NMR' 
_exptl.crystals_number   ? 
# 
_struct.entry_id                  1F5U 
_struct.title                     
;SOLUTION STRUCTURE OF THE KISSING DIMER OF H3 GACG STEM-LOOP IN THE 5'-END DIMERIZATION SIGNAL OF MOLONEY MURINE LEUKEMIA VIRUS GENOMIC RNA
;
_struct.pdbx_model_details        ? 
_struct.pdbx_CASP_flag            ? 
_struct.pdbx_model_type_details   ? 
# 
_struct_keywords.entry_id        1F5U 
_struct_keywords.pdbx_keywords   RNA 
_struct_keywords.text            
'Retrovirus, Moloney murine leukemia virus, dimerization, tetraloop, stem-loop, kissing dimer, RNA' 
# 
loop_
_struct_asym.id 
_struct_asym.pdbx_blank_PDB_chainid_flag 
_struct_asym.pdbx_modified 
_struct_asym.entity_id 
_struct_asym.details 
A N N 1 ? 
B N N 1 ? 
# 
_struct_ref.id                         1 
_struct_ref.entity_id                  1 
_struct_ref.db_name                    PDB 
_struct_ref.db_code                    1F5U 
_struct_ref.pdbx_db_accession          1F5U 
_struct_ref.pdbx_db_isoform            ? 
_struct_ref.pdbx_seq_one_letter_code   ? 
_struct_ref.pdbx_align_begin           ? 
# 
loop_
_struct_ref_seq.align_id 
_struct_ref_seq.ref_id 
_struct_ref_seq.pdbx_PDB_id_code 
_struct_ref_seq.pdbx_strand_id 
_struct_ref_seq.seq_align_beg 
_struct_ref_seq.pdbx_seq_align_beg_ins_code 
_struct_ref_seq.seq_align_end 
_struct_ref_seq.pdbx_seq_align_end_ins_code 
_struct_ref_seq.pdbx_db_accession 
_struct_ref_seq.db_align_beg 
_struct_ref_seq.pdbx_db_align_beg_ins_code 
_struct_ref_seq.db_align_end 
_struct_ref_seq.pdbx_db_align_end_ins_code 
_struct_ref_seq.pdbx_auth_seq_align_beg 
_struct_ref_seq.pdbx_auth_seq_align_end 
1 1 1F5U A 1 ? 18 ? 1F5U 1 ? 18 ? 1 18 
2 1 1F5U B 1 ? 18 ? 1F5U 1 ? 18 ? 1 18 
# 
_pdbx_struct_assembly.id                   1 
_pdbx_struct_assembly.details              author_defined_assembly 
_pdbx_struct_assembly.method_details       ? 
_pdbx_struct_assembly.oligomeric_details   dimeric 
_pdbx_struct_assembly.oligomeric_count     2 
# 
_pdbx_struct_assembly_gen.assembly_id       1 
_pdbx_struct_assembly_gen.oper_expression   1 
_pdbx_struct_assembly_gen.asym_id_list      A,B 
# 
_pdbx_struct_oper_list.id                   1 
_pdbx_struct_oper_list.type                 'identity operation' 
_pdbx_struct_oper_list.name                 1_555 
_pdbx_struct_oper_list.symmetry_operation   x,y,z 
_pdbx_struct_oper_list.matrix[1][1]         1.0000000000 
_pdbx_struct_oper_list.matrix[1][2]         0.0000000000 
_pdbx_struct_oper_list.matrix[1][3]         0.0000000000 
_pdbx_struct_oper_list.vector[1]            0.0000000000 
_pdbx_struct_oper_list.matrix[2][1]         0.0000000000 
_pdbx_struct_oper_list.matrix[2][2]         1.0000000000 
_pdbx_struct_oper_list.matrix[2][3]         0.0000000000 
_pdbx_struct_oper_list.vector[2]            0.0000000000 
_pdbx_struct_oper_list.matrix[3][1]         0.0000000000 
_pdbx_struct_oper_list.matrix[3][2]         0.0000000000 
_pdbx_struct_oper_list.matrix[3][3]         1.0000000000 
_pdbx_struct_oper_list.vector[3]            0.0000000000 
# 
_struct_biol.id   1 
# 
loop_
_struct_conn.id 
_struct_conn.conn_type_id 
_struct_conn.pdbx_leaving_atom_flag 
_struct_conn.pdbx_PDB_id 
_struct_conn.ptnr1_label_asym_id 
_struct_conn.ptnr1_label_comp_id 
_struct_conn.ptnr1_label_seq_id 
_struct_conn.ptnr1_label_atom_id 
_struct_conn.pdbx_ptnr1_label_alt_id 
_struct_conn.pdbx_ptnr1_PDB_ins_code 
_struct_conn.pdbx_ptnr1_standard_comp_id 
_struct_conn.ptnr1_symmetry 
_struct_conn.ptnr2_label_asym_id 
_struct_conn.ptnr2_label_comp_id 
_struct_conn.ptnr2_label_seq_id 
_struct_conn.ptnr2_label_atom_id 
_struct_conn.pdbx_ptnr2_label_alt_id 
_struct_conn.pdbx_ptnr2_PDB_ins_code 
_struct_conn.ptnr1_auth_asym_id 
_struct_conn.ptnr1_auth_comp_id 
_struct_conn.ptnr1_auth_seq_id 
_struct_conn.ptnr2_auth_asym_id 
_struct_conn.ptnr2_auth_comp_id 
_struct_conn.ptnr2_auth_seq_id 
_struct_conn.ptnr2_symmetry 
_struct_conn.pdbx_ptnr3_label_atom_id 
_struct_conn.pdbx_ptnr3_label_seq_id 
_struct_conn.pdbx_ptnr3_label_comp_id 
_struct_conn.pdbx_ptnr3_label_asym_id 
_struct_conn.pdbx_ptnr3_label_alt_id 
_struct_conn.pdbx_ptnr3_PDB_ins_code 
_struct_conn.details 
_struct_conn.pdbx_dist_value 
_struct_conn.pdbx_value_order 
_struct_conn.pdbx_role 
hydrog1  hydrog ? ? A G 1  N1 ? ? ? 1_555 A C 18 N3 ? ? A G 1  A C 18 1_555 ? ? ? ? ? ? WATSON-CRICK  ? ? ? 
hydrog2  hydrog ? ? A G 1  N2 ? ? ? 1_555 A C 18 O2 ? ? A G 1  A C 18 1_555 ? ? ? ? ? ? WATSON-CRICK  ? ? ? 
hydrog3  hydrog ? ? A G 1  O6 ? ? ? 1_555 A C 18 N4 ? ? A G 1  A C 18 1_555 ? ? ? ? ? ? WATSON-CRICK  ? ? ? 
hydrog4  hydrog ? ? A G 2  O6 ? ? ? 1_555 A A 16 N6 ? ? A G 2  A A 16 1_555 ? ? ? ? ? ? 'G-A MISPAIR' ? ? ? 
hydrog5  hydrog ? ? A G 2  N1 ? ? ? 1_555 A C 17 N3 ? ? A G 2  A C 17 1_555 ? ? ? ? ? ? WATSON-CRICK  ? ? ? 
hydrog6  hydrog ? ? A G 2  N2 ? ? ? 1_555 A C 17 O2 ? ? A G 2  A C 17 1_555 ? ? ? ? ? ? WATSON-CRICK  ? ? ? 
hydrog7  hydrog ? ? A G 2  O6 ? ? ? 1_555 A C 17 N4 ? ? A G 2  A C 17 1_555 ? ? ? ? ? ? WATSON-CRICK  ? ? ? 
hydrog8  hydrog ? ? A U 3  N3 ? ? ? 1_555 A A 16 N1 ? ? A U 3  A A 16 1_555 ? ? ? ? ? ? WATSON-CRICK  ? ? ? 
hydrog9  hydrog ? ? A U 3  O4 ? ? ? 1_555 A A 16 N6 ? ? A U 3  A A 16 1_555 ? ? ? ? ? ? WATSON-CRICK  ? ? ? 
hydrog10 hydrog ? ? A G 4  N1 ? ? ? 1_555 A C 15 N3 ? ? A G 4  A C 15 1_555 ? ? ? ? ? ? WATSON-CRICK  ? ? ? 
hydrog11 hydrog ? ? A G 4  N2 ? ? ? 1_555 A C 15 O2 ? ? A G 4  A C 15 1_555 ? ? ? ? ? ? WATSON-CRICK  ? ? ? 
hydrog12 hydrog ? ? A G 4  O6 ? ? ? 1_555 A C 15 N4 ? ? A G 4  A C 15 1_555 ? ? ? ? ? ? WATSON-CRICK  ? ? ? 
hydrog13 hydrog ? ? A G 5  N1 ? ? ? 1_555 A C 14 N3 ? ? A G 5  A C 14 1_555 ? ? ? ? ? ? WATSON-CRICK  ? ? ? 
hydrog14 hydrog ? ? A G 5  N2 ? ? ? 1_555 A C 14 O2 ? ? A G 5  A C 14 1_555 ? ? ? ? ? ? WATSON-CRICK  ? ? ? 
hydrog15 hydrog ? ? A G 5  O6 ? ? ? 1_555 A C 14 N4 ? ? A G 5  A C 14 1_555 ? ? ? ? ? ? WATSON-CRICK  ? ? ? 
hydrog16 hydrog ? ? A G 6  N1 ? ? ? 1_555 A C 13 N3 ? ? A G 6  A C 13 1_555 ? ? ? ? ? ? WATSON-CRICK  ? ? ? 
hydrog17 hydrog ? ? A G 6  N2 ? ? ? 1_555 A C 13 O2 ? ? A G 6  A C 13 1_555 ? ? ? ? ? ? WATSON-CRICK  ? ? ? 
hydrog18 hydrog ? ? A G 6  O6 ? ? ? 1_555 A C 13 N4 ? ? A G 6  A C 13 1_555 ? ? ? ? ? ? WATSON-CRICK  ? ? ? 
hydrog19 hydrog ? ? A A 7  N1 ? ? ? 1_555 A U 12 N3 ? ? A A 7  A U 12 1_555 ? ? ? ? ? ? WATSON-CRICK  ? ? ? 
hydrog20 hydrog ? ? A A 7  N6 ? ? ? 1_555 A U 12 O4 ? ? A A 7  A U 12 1_555 ? ? ? ? ? ? WATSON-CRICK  ? ? ? 
hydrog21 hydrog ? ? A G 8  N2 ? ? ? 1_555 A G 11 N7 ? ? A G 8  A G 11 1_555 ? ? ? ? ? ? 'G-G MISPAIR' ? ? ? 
hydrog22 hydrog ? ? A C 10 N3 ? ? ? 1_555 B G 11 N1 ? ? A C 10 B G 11 1_555 ? ? ? ? ? ? WATSON-CRICK  ? ? ? 
hydrog23 hydrog ? ? A C 10 N4 ? ? ? 1_555 B G 11 O6 ? ? A C 10 B G 11 1_555 ? ? ? ? ? ? WATSON-CRICK  ? ? ? 
hydrog24 hydrog ? ? A C 10 O2 ? ? ? 1_555 B G 11 N2 ? ? A C 10 B G 11 1_555 ? ? ? ? ? ? WATSON-CRICK  ? ? ? 
hydrog25 hydrog ? ? A G 11 N1 ? ? ? 1_555 B C 10 N3 ? ? A G 11 B C 10 1_555 ? ? ? ? ? ? WATSON-CRICK  ? ? ? 
hydrog26 hydrog ? ? A G 11 N2 ? ? ? 1_555 B C 10 O2 ? ? A G 11 B C 10 1_555 ? ? ? ? ? ? WATSON-CRICK  ? ? ? 
hydrog27 hydrog ? ? A G 11 O6 ? ? ? 1_555 B C 10 N4 ? ? A G 11 B C 10 1_555 ? ? ? ? ? ? WATSON-CRICK  ? ? ? 
hydrog28 hydrog ? ? B G 1  N1 ? ? ? 1_555 B C 18 N3 ? ? B G 1  B C 18 1_555 ? ? ? ? ? ? WATSON-CRICK  ? ? ? 
hydrog29 hydrog ? ? B G 1  N2 ? ? ? 1_555 B C 18 O2 ? ? B G 1  B C 18 1_555 ? ? ? ? ? ? WATSON-CRICK  ? ? ? 
hydrog30 hydrog ? ? B G 1  O6 ? ? ? 1_555 B C 18 N4 ? ? B G 1  B C 18 1_555 ? ? ? ? ? ? WATSON-CRICK  ? ? ? 
hydrog31 hydrog ? ? B G 2  N1 ? ? ? 1_555 B C 17 N3 ? ? B G 2  B C 17 1_555 ? ? ? ? ? ? WATSON-CRICK  ? ? ? 
hydrog32 hydrog ? ? B G 2  N2 ? ? ? 1_555 B C 17 O2 ? ? B G 2  B C 17 1_555 ? ? ? ? ? ? WATSON-CRICK  ? ? ? 
hydrog33 hydrog ? ? B G 2  O6 ? ? ? 1_555 B C 17 N4 ? ? B G 2  B C 17 1_555 ? ? ? ? ? ? WATSON-CRICK  ? ? ? 
hydrog34 hydrog ? ? B U 3  N3 ? ? ? 1_555 B A 16 N1 ? ? B U 3  B A 16 1_555 ? ? ? ? ? ? WATSON-CRICK  ? ? ? 
hydrog35 hydrog ? ? B U 3  O4 ? ? ? 1_555 B A 16 N6 ? ? B U 3  B A 16 1_555 ? ? ? ? ? ? WATSON-CRICK  ? ? ? 
hydrog36 hydrog ? ? B G 4  N1 ? ? ? 1_555 B C 15 N3 ? ? B G 4  B C 15 1_555 ? ? ? ? ? ? WATSON-CRICK  ? ? ? 
hydrog37 hydrog ? ? B G 4  N2 ? ? ? 1_555 B C 15 O2 ? ? B G 4  B C 15 1_555 ? ? ? ? ? ? WATSON-CRICK  ? ? ? 
hydrog38 hydrog ? ? B G 4  O6 ? ? ? 1_555 B C 15 N4 ? ? B G 4  B C 15 1_555 ? ? ? ? ? ? WATSON-CRICK  ? ? ? 
hydrog39 hydrog ? ? B G 5  N1 ? ? ? 1_555 B C 14 N3 ? ? B G 5  B C 14 1_555 ? ? ? ? ? ? WATSON-CRICK  ? ? ? 
hydrog40 hydrog ? ? B G 5  N2 ? ? ? 1_555 B C 14 O2 ? ? B G 5  B C 14 1_555 ? ? ? ? ? ? WATSON-CRICK  ? ? ? 
hydrog41 hydrog ? ? B G 5  O6 ? ? ? 1_555 B C 14 N4 ? ? B G 5  B C 14 1_555 ? ? ? ? ? ? WATSON-CRICK  ? ? ? 
hydrog42 hydrog ? ? B G 6  N1 ? ? ? 1_555 B C 13 N3 ? ? B G 6  B C 13 1_555 ? ? ? ? ? ? WATSON-CRICK  ? ? ? 
hydrog43 hydrog ? ? B G 6  N2 ? ? ? 1_555 B C 13 O2 ? ? B G 6  B C 13 1_555 ? ? ? ? ? ? WATSON-CRICK  ? ? ? 
hydrog44 hydrog ? ? B G 6  O6 ? ? ? 1_555 B C 13 N4 ? ? B G 6  B C 13 1_555 ? ? ? ? ? ? WATSON-CRICK  ? ? ? 
hydrog45 hydrog ? ? B A 7  N1 ? ? ? 1_555 B U 12 N3 ? ? B A 7  B U 12 1_555 ? ? ? ? ? ? WATSON-CRICK  ? ? ? 
hydrog46 hydrog ? ? B A 7  N6 ? ? ? 1_555 B U 12 O4 ? ? B A 7  B U 12 1_555 ? ? ? ? ? ? WATSON-CRICK  ? ? ? 
hydrog47 hydrog ? ? B G 8  N2 ? ? ? 1_555 B G 11 N7 ? ? B G 8  B G 11 1_555 ? ? ? ? ? ? 'G-G MISPAIR' ? ? ? 
# 
_struct_conn_type.id          hydrog 
_struct_conn_type.criteria    ? 
_struct_conn_type.reference   ? 
# 
_pdbx_nmr_ensemble.entry_id                                      1F5U 
_pdbx_nmr_ensemble.conformers_calculated_total_number            19 
_pdbx_nmr_ensemble.conformers_submitted_total_number             1 
_pdbx_nmr_ensemble.conformer_selection_criteria                  
'averaged and energy-minimized structure based on 19 converged structures' 
_pdbx_nmr_ensemble.average_constraints_per_residue               ? 
_pdbx_nmr_ensemble.average_constraint_violations_per_residue     ? 
_pdbx_nmr_ensemble.maximum_distance_constraint_violation         ? 
_pdbx_nmr_ensemble.average_distance_constraint_violation         ? 
_pdbx_nmr_ensemble.maximum_upper_distance_constraint_violation   ? 
_pdbx_nmr_ensemble.maximum_lower_distance_constraint_violation   ? 
_pdbx_nmr_ensemble.distance_constraint_violation_method          ? 
_pdbx_nmr_ensemble.maximum_torsion_angle_constraint_violation    ? 
_pdbx_nmr_ensemble.average_torsion_angle_constraint_violation    ? 
_pdbx_nmr_ensemble.torsion_angle_constraint_violation_method     ? 
# 
_pdbx_nmr_representative.entry_id             1F5U 
_pdbx_nmr_representative.conformer_id         1 
_pdbx_nmr_representative.selection_criteria   'averaged and energy-minimized structure based on 19 converged structures' 
# 
loop_
_pdbx_nmr_sample_details.solution_id 
_pdbx_nmr_sample_details.contents 
_pdbx_nmr_sample_details.solvent_system 
1 '2 mM RNA sample, 10mM Sodium phosphate buffer pH 6.5, 100mM Sodium Chloride, 0.1 mM EDTA' '90% H2O/10% D2O' 
2 '2 mM RNA sample, 10mM Sodium phosphate buffer pH 6.5, 100mM Sodium Chloride, 0.1 mM EDTA' '99.96 % D2O'     
# 
loop_
_pdbx_nmr_exptl_sample_conditions.conditions_id 
_pdbx_nmr_exptl_sample_conditions.temperature 
_pdbx_nmr_exptl_sample_conditions.pressure 
_pdbx_nmr_exptl_sample_conditions.pH 
_pdbx_nmr_exptl_sample_conditions.ionic_strength 
_pdbx_nmr_exptl_sample_conditions.pressure_units 
_pdbx_nmr_exptl_sample_conditions.temperature_units 
1 293 ambient 6.5 '100 mM NaCl' ? K 
2 283 ambient 6.5 '100mM NaCl'  ? K 
# 
loop_
_pdbx_nmr_exptl.experiment_id 
_pdbx_nmr_exptl.conditions_id 
_pdbx_nmr_exptl.solution_id 
_pdbx_nmr_exptl.type 
1 1 1 '2D NOESY' 
2 1 1 DQF-COSY   
3 2 2 '2D NOESY' 
4 2 2 DQF-COSY   
# 
_pdbx_nmr_refine.entry_id           1F5U 
_pdbx_nmr_refine.method             'simulated annealing' 
_pdbx_nmr_refine.details            
'The structure is based on a total of 852 restraints, 528 NOE-derived distance constraints, 324 dihedral constraints' 
_pdbx_nmr_refine.software_ordinal   1 
# 
loop_
_pdbx_nmr_software.name 
_pdbx_nmr_software.version 
_pdbx_nmr_software.classification 
_pdbx_nmr_software.authors 
_pdbx_nmr_software.ordinal 
UXNMR   910901 collection           Bruker         1 
XwinNMR ?      collection           Bruker         2 
Felix   95.0   'data analysis'      ?              3 
X-PLOR  3.1    'structure solution' 'Axel Brunger' 4 
X-PLOR  3.1    refinement           'Axel Brunger' 5 
# 
loop_
_chem_comp_atom.comp_id 
_chem_comp_atom.atom_id 
_chem_comp_atom.type_symbol 
_chem_comp_atom.pdbx_aromatic_flag 
_chem_comp_atom.pdbx_stereo_config 
_chem_comp_atom.pdbx_ordinal 
A OP3    O N N 1   
A P      P N N 2   
A OP1    O N N 3   
A OP2    O N N 4   
A "O5'"  O N N 5   
A "C5'"  C N N 6   
A "C4'"  C N R 7   
A "O4'"  O N N 8   
A "C3'"  C N S 9   
A "O3'"  O N N 10  
A "C2'"  C N R 11  
A "O2'"  O N N 12  
A "C1'"  C N R 13  
A N9     N Y N 14  
A C8     C Y N 15  
A N7     N Y N 16  
A C5     C Y N 17  
A C6     C Y N 18  
A N6     N N N 19  
A N1     N Y N 20  
A C2     C Y N 21  
A N3     N Y N 22  
A C4     C Y N 23  
A HOP3   H N N 24  
A HOP2   H N N 25  
A "H5'"  H N N 26  
A "H5''" H N N 27  
A "H4'"  H N N 28  
A "H3'"  H N N 29  
A "HO3'" H N N 30  
A "H2'"  H N N 31  
A "HO2'" H N N 32  
A "H1'"  H N N 33  
A H8     H N N 34  
A H61    H N N 35  
A H62    H N N 36  
A H2     H N N 37  
C OP3    O N N 38  
C P      P N N 39  
C OP1    O N N 40  
C OP2    O N N 41  
C "O5'"  O N N 42  
C "C5'"  C N N 43  
C "C4'"  C N R 44  
C "O4'"  O N N 45  
C "C3'"  C N S 46  
C "O3'"  O N N 47  
C "C2'"  C N R 48  
C "O2'"  O N N 49  
C "C1'"  C N R 50  
C N1     N N N 51  
C C2     C N N 52  
C O2     O N N 53  
C N3     N N N 54  
C C4     C N N 55  
C N4     N N N 56  
C C5     C N N 57  
C C6     C N N 58  
C HOP3   H N N 59  
C HOP2   H N N 60  
C "H5'"  H N N 61  
C "H5''" H N N 62  
C "H4'"  H N N 63  
C "H3'"  H N N 64  
C "HO3'" H N N 65  
C "H2'"  H N N 66  
C "HO2'" H N N 67  
C "H1'"  H N N 68  
C H41    H N N 69  
C H42    H N N 70  
C H5     H N N 71  
C H6     H N N 72  
G OP3    O N N 73  
G P      P N N 74  
G OP1    O N N 75  
G OP2    O N N 76  
G "O5'"  O N N 77  
G "C5'"  C N N 78  
G "C4'"  C N R 79  
G "O4'"  O N N 80  
G "C3'"  C N S 81  
G "O3'"  O N N 82  
G "C2'"  C N R 83  
G "O2'"  O N N 84  
G "C1'"  C N R 85  
G N9     N Y N 86  
G C8     C Y N 87  
G N7     N Y N 88  
G C5     C Y N 89  
G C6     C N N 90  
G O6     O N N 91  
G N1     N N N 92  
G C2     C N N 93  
G N2     N N N 94  
G N3     N N N 95  
G C4     C Y N 96  
G HOP3   H N N 97  
G HOP2   H N N 98  
G "H5'"  H N N 99  
G "H5''" H N N 100 
G "H4'"  H N N 101 
G "H3'"  H N N 102 
G "HO3'" H N N 103 
G "H2'"  H N N 104 
G "HO2'" H N N 105 
G "H1'"  H N N 106 
G H8     H N N 107 
G H1     H N N 108 
G H21    H N N 109 
G H22    H N N 110 
U OP3    O N N 111 
U P      P N N 112 
U OP1    O N N 113 
U OP2    O N N 114 
U "O5'"  O N N 115 
U "C5'"  C N N 116 
U "C4'"  C N R 117 
U "O4'"  O N N 118 
U "C3'"  C N S 119 
U "O3'"  O N N 120 
U "C2'"  C N R 121 
U "O2'"  O N N 122 
U "C1'"  C N R 123 
U N1     N N N 124 
U C2     C N N 125 
U O2     O N N 126 
U N3     N N N 127 
U C4     C N N 128 
U O4     O N N 129 
U C5     C N N 130 
U C6     C N N 131 
U HOP3   H N N 132 
U HOP2   H N N 133 
U "H5'"  H N N 134 
U "H5''" H N N 135 
U "H4'"  H N N 136 
U "H3'"  H N N 137 
U "HO3'" H N N 138 
U "H2'"  H N N 139 
U "HO2'" H N N 140 
U "H1'"  H N N 141 
U H3     H N N 142 
U H5     H N N 143 
U H6     H N N 144 
# 
loop_
_chem_comp_bond.comp_id 
_chem_comp_bond.atom_id_1 
_chem_comp_bond.atom_id_2 
_chem_comp_bond.value_order 
_chem_comp_bond.pdbx_aromatic_flag 
_chem_comp_bond.pdbx_stereo_config 
_chem_comp_bond.pdbx_ordinal 
A OP3   P      sing N N 1   
A OP3   HOP3   sing N N 2   
A P     OP1    doub N N 3   
A P     OP2    sing N N 4   
A P     "O5'"  sing N N 5   
A OP2   HOP2   sing N N 6   
A "O5'" "C5'"  sing N N 7   
A "C5'" "C4'"  sing N N 8   
A "C5'" "H5'"  sing N N 9   
A "C5'" "H5''" sing N N 10  
A "C4'" "O4'"  sing N N 11  
A "C4'" "C3'"  sing N N 12  
A "C4'" "H4'"  sing N N 13  
A "O4'" "C1'"  sing N N 14  
A "C3'" "O3'"  sing N N 15  
A "C3'" "C2'"  sing N N 16  
A "C3'" "H3'"  sing N N 17  
A "O3'" "HO3'" sing N N 18  
A "C2'" "O2'"  sing N N 19  
A "C2'" "C1'"  sing N N 20  
A "C2'" "H2'"  sing N N 21  
A "O2'" "HO2'" sing N N 22  
A "C1'" N9     sing N N 23  
A "C1'" "H1'"  sing N N 24  
A N9    C8     sing Y N 25  
A N9    C4     sing Y N 26  
A C8    N7     doub Y N 27  
A C8    H8     sing N N 28  
A N7    C5     sing Y N 29  
A C5    C6     sing Y N 30  
A C5    C4     doub Y N 31  
A C6    N6     sing N N 32  
A C6    N1     doub Y N 33  
A N6    H61    sing N N 34  
A N6    H62    sing N N 35  
A N1    C2     sing Y N 36  
A C2    N3     doub Y N 37  
A C2    H2     sing N N 38  
A N3    C4     sing Y N 39  
C OP3   P      sing N N 40  
C OP3   HOP3   sing N N 41  
C P     OP1    doub N N 42  
C P     OP2    sing N N 43  
C P     "O5'"  sing N N 44  
C OP2   HOP2   sing N N 45  
C "O5'" "C5'"  sing N N 46  
C "C5'" "C4'"  sing N N 47  
C "C5'" "H5'"  sing N N 48  
C "C5'" "H5''" sing N N 49  
C "C4'" "O4'"  sing N N 50  
C "C4'" "C3'"  sing N N 51  
C "C4'" "H4'"  sing N N 52  
C "O4'" "C1'"  sing N N 53  
C "C3'" "O3'"  sing N N 54  
C "C3'" "C2'"  sing N N 55  
C "C3'" "H3'"  sing N N 56  
C "O3'" "HO3'" sing N N 57  
C "C2'" "O2'"  sing N N 58  
C "C2'" "C1'"  sing N N 59  
C "C2'" "H2'"  sing N N 60  
C "O2'" "HO2'" sing N N 61  
C "C1'" N1     sing N N 62  
C "C1'" "H1'"  sing N N 63  
C N1    C2     sing N N 64  
C N1    C6     sing N N 65  
C C2    O2     doub N N 66  
C C2    N3     sing N N 67  
C N3    C4     doub N N 68  
C C4    N4     sing N N 69  
C C4    C5     sing N N 70  
C N4    H41    sing N N 71  
C N4    H42    sing N N 72  
C C5    C6     doub N N 73  
C C5    H5     sing N N 74  
C C6    H6     sing N N 75  
G OP3   P      sing N N 76  
G OP3   HOP3   sing N N 77  
G P     OP1    doub N N 78  
G P     OP2    sing N N 79  
G P     "O5'"  sing N N 80  
G OP2   HOP2   sing N N 81  
G "O5'" "C5'"  sing N N 82  
G "C5'" "C4'"  sing N N 83  
G "C5'" "H5'"  sing N N 84  
G "C5'" "H5''" sing N N 85  
G "C4'" "O4'"  sing N N 86  
G "C4'" "C3'"  sing N N 87  
G "C4'" "H4'"  sing N N 88  
G "O4'" "C1'"  sing N N 89  
G "C3'" "O3'"  sing N N 90  
G "C3'" "C2'"  sing N N 91  
G "C3'" "H3'"  sing N N 92  
G "O3'" "HO3'" sing N N 93  
G "C2'" "O2'"  sing N N 94  
G "C2'" "C1'"  sing N N 95  
G "C2'" "H2'"  sing N N 96  
G "O2'" "HO2'" sing N N 97  
G "C1'" N9     sing N N 98  
G "C1'" "H1'"  sing N N 99  
G N9    C8     sing Y N 100 
G N9    C4     sing Y N 101 
G C8    N7     doub Y N 102 
G C8    H8     sing N N 103 
G N7    C5     sing Y N 104 
G C5    C6     sing N N 105 
G C5    C4     doub Y N 106 
G C6    O6     doub N N 107 
G C6    N1     sing N N 108 
G N1    C2     sing N N 109 
G N1    H1     sing N N 110 
G C2    N2     sing N N 111 
G C2    N3     doub N N 112 
G N2    H21    sing N N 113 
G N2    H22    sing N N 114 
G N3    C4     sing N N 115 
U OP3   P      sing N N 116 
U OP3   HOP3   sing N N 117 
U P     OP1    doub N N 118 
U P     OP2    sing N N 119 
U P     "O5'"  sing N N 120 
U OP2   HOP2   sing N N 121 
U "O5'" "C5'"  sing N N 122 
U "C5'" "C4'"  sing N N 123 
U "C5'" "H5'"  sing N N 124 
U "C5'" "H5''" sing N N 125 
U "C4'" "O4'"  sing N N 126 
U "C4'" "C3'"  sing N N 127 
U "C4'" "H4'"  sing N N 128 
U "O4'" "C1'"  sing N N 129 
U "C3'" "O3'"  sing N N 130 
U "C3'" "C2'"  sing N N 131 
U "C3'" "H3'"  sing N N 132 
U "O3'" "HO3'" sing N N 133 
U "C2'" "O2'"  sing N N 134 
U "C2'" "C1'"  sing N N 135 
U "C2'" "H2'"  sing N N 136 
U "O2'" "HO2'" sing N N 137 
U "C1'" N1     sing N N 138 
U "C1'" "H1'"  sing N N 139 
U N1    C2     sing N N 140 
U N1    C6     sing N N 141 
U C2    O2     doub N N 142 
U C2    N3     sing N N 143 
U N3    C4     sing N N 144 
U N3    H3     sing N N 145 
U C4    O4     doub N N 146 
U C4    C5     sing N N 147 
U C5    C6     doub N N 148 
U C5    H5     sing N N 149 
U C6    H6     sing N N 150 
# 
loop_
_ndb_struct_conf_na.entry_id 
_ndb_struct_conf_na.feature 
1F5U 'double helix'         
1F5U 'a-form double helix'  
1F5U 'mismatched base pair' 
1F5U 'quadruple helix'      
# 
loop_
_ndb_struct_na_base_pair.model_number 
_ndb_struct_na_base_pair.i_label_asym_id 
_ndb_struct_na_base_pair.i_label_comp_id 
_ndb_struct_na_base_pair.i_label_seq_id 
_ndb_struct_na_base_pair.i_symmetry 
_ndb_struct_na_base_pair.j_label_asym_id 
_ndb_struct_na_base_pair.j_label_comp_id 
_ndb_struct_na_base_pair.j_label_seq_id 
_ndb_struct_na_base_pair.j_symmetry 
_ndb_struct_na_base_pair.shear 
_ndb_struct_na_base_pair.stretch 
_ndb_struct_na_base_pair.stagger 
_ndb_struct_na_base_pair.buckle 
_ndb_struct_na_base_pair.propeller 
_ndb_struct_na_base_pair.opening 
_ndb_struct_na_base_pair.pair_number 
_ndb_struct_na_base_pair.pair_name 
_ndb_struct_na_base_pair.i_auth_asym_id 
_ndb_struct_na_base_pair.i_auth_seq_id 
_ndb_struct_na_base_pair.i_PDB_ins_code 
_ndb_struct_na_base_pair.j_auth_asym_id 
_ndb_struct_na_base_pair.j_auth_seq_id 
_ndb_struct_na_base_pair.j_PDB_ins_code 
_ndb_struct_na_base_pair.hbond_type_28 
_ndb_struct_na_base_pair.hbond_type_12 
1 A G 1  1_555 A C 18 1_555 0.079  -0.066 -0.353 -21.131 -17.162 -6.555  1  A_G1:C18_A  A 1  ? A 18 ? 19 1 
1 A G 2  1_555 A C 17 1_555 0.031  -0.118 0.090  -16.394 -27.613 -8.113  2  A_G2:C17_A  A 2  ? A 17 ? 19 1 
1 A U 3  1_555 A A 16 1_555 -0.109 -0.074 0.157  -3.565  -27.580 -8.106  3  A_U3:A16_A  A 3  ? A 16 ? 20 1 
1 A G 4  1_555 A C 15 1_555 0.040  -0.047 -0.462 -16.822 -19.890 -5.374  4  A_G4:C15_A  A 4  ? A 15 ? 19 1 
1 A G 5  1_555 A C 14 1_555 0.054  -0.070 -0.240 -6.317  -19.170 -4.342  5  A_G5:C14_A  A 5  ? A 14 ? 19 1 
1 A G 6  1_555 A C 13 1_555 -0.105 -0.202 -0.317 -3.042  -24.880 -0.659  6  A_G6:C13_A  A 6  ? A 13 ? 19 1 
1 A A 7  1_555 A U 12 1_555 0.374  -0.038 -0.501 15.438  9.006   -11.166 7  A_A7:U12_A  A 7  ? A 12 ? 20 1 
1 A C 10 1_555 B G 11 1_555 0.201  -0.420 0.625  -2.739  -25.706 -11.622 8  A_C10:G11_B A 10 ? B 11 ? 19 1 
1 A G 11 1_555 B C 10 1_555 -0.170 -0.392 0.555  5.638   -26.476 -10.545 9  A_G11:C10_B A 11 ? B 10 ? 19 1 
1 B G 1  1_555 B C 18 1_555 -0.205 -0.113 -0.490 -22.741 -16.158 -6.206  10 B_G1:C18_B  B 1  ? B 18 ? 19 1 
1 B G 2  1_555 B C 17 1_555 -0.003 -0.120 -0.004 -10.536 -23.869 -5.961  11 B_G2:C17_B  B 2  ? B 17 ? 19 1 
1 B U 3  1_555 B A 16 1_555 -0.035 -0.088 -0.368 2.028   -29.322 -2.931  12 B_U3:A16_B  B 3  ? B 16 ? 20 1 
1 B G 4  1_555 B C 15 1_555 -0.021 -0.111 -0.554 -13.316 -20.793 -3.104  13 B_G4:C15_B  B 4  ? B 15 ? 19 1 
1 B G 5  1_555 B C 14 1_555 -0.051 -0.131 -0.461 -5.340  -19.716 -1.674  14 B_G5:C14_B  B 5  ? B 14 ? 19 1 
1 B G 6  1_555 B C 13 1_555 -0.175 -0.229 -0.709 -12.804 -25.619 1.393   15 B_G6:C13_B  B 6  ? B 13 ? 19 1 
1 B A 7  1_555 B U 12 1_555 0.389  -0.012 -0.068 13.518  4.222   -10.873 16 B_A7:U12_B  B 7  ? B 12 ? 20 1 
# 
loop_
_ndb_struct_na_base_pair_step.model_number 
_ndb_struct_na_base_pair_step.i_label_asym_id_1 
_ndb_struct_na_base_pair_step.i_label_comp_id_1 
_ndb_struct_na_base_pair_step.i_label_seq_id_1 
_ndb_struct_na_base_pair_step.i_symmetry_1 
_ndb_struct_na_base_pair_step.j_label_asym_id_1 
_ndb_struct_na_base_pair_step.j_label_comp_id_1 
_ndb_struct_na_base_pair_step.j_label_seq_id_1 
_ndb_struct_na_base_pair_step.j_symmetry_1 
_ndb_struct_na_base_pair_step.i_label_asym_id_2 
_ndb_struct_na_base_pair_step.i_label_comp_id_2 
_ndb_struct_na_base_pair_step.i_label_seq_id_2 
_ndb_struct_na_base_pair_step.i_symmetry_2 
_ndb_struct_na_base_pair_step.j_label_asym_id_2 
_ndb_struct_na_base_pair_step.j_label_comp_id_2 
_ndb_struct_na_base_pair_step.j_label_seq_id_2 
_ndb_struct_na_base_pair_step.j_symmetry_2 
_ndb_struct_na_base_pair_step.shift 
_ndb_struct_na_base_pair_step.slide 
_ndb_struct_na_base_pair_step.rise 
_ndb_struct_na_base_pair_step.tilt 
_ndb_struct_na_base_pair_step.roll 
_ndb_struct_na_base_pair_step.twist 
_ndb_struct_na_base_pair_step.x_displacement 
_ndb_struct_na_base_pair_step.y_displacement 
_ndb_struct_na_base_pair_step.helical_rise 
_ndb_struct_na_base_pair_step.inclination 
_ndb_struct_na_base_pair_step.tip 
_ndb_struct_na_base_pair_step.helical_twist 
_ndb_struct_na_base_pair_step.step_number 
_ndb_struct_na_base_pair_step.step_name 
_ndb_struct_na_base_pair_step.i_auth_asym_id_1 
_ndb_struct_na_base_pair_step.i_auth_seq_id_1 
_ndb_struct_na_base_pair_step.i_PDB_ins_code_1 
_ndb_struct_na_base_pair_step.j_auth_asym_id_1 
_ndb_struct_na_base_pair_step.j_auth_seq_id_1 
_ndb_struct_na_base_pair_step.j_PDB_ins_code_1 
_ndb_struct_na_base_pair_step.i_auth_asym_id_2 
_ndb_struct_na_base_pair_step.i_auth_seq_id_2 
_ndb_struct_na_base_pair_step.i_PDB_ins_code_2 
_ndb_struct_na_base_pair_step.j_auth_asym_id_2 
_ndb_struct_na_base_pair_step.j_auth_seq_id_2 
_ndb_struct_na_base_pair_step.j_PDB_ins_code_2 
1 A G 1  1_555 A C 18 1_555 A G 2  1_555 A C 17 1_555 -0.396 -1.029 3.115 -0.804 8.492  35.126 -2.762 0.535  2.807 13.820 1.308  
36.115 1  AA_G1G2:C17C18_AA   A 1  ? A 18 ? A 2  ? A 17 ? 
1 A G 2  1_555 A C 17 1_555 A U 3  1_555 A A 16 1_555 -0.320 -1.035 2.750 -0.392 2.855  34.595 -2.097 0.486  2.662 4.791  0.658  
34.712 2  AA_G2U3:A16C17_AA   A 2  ? A 17 ? A 3  ? A 16 ? 
1 A U 3  1_555 A A 16 1_555 A G 4  1_555 A C 15 1_555 0.555  -1.062 3.826 2.464  16.392 34.463 -3.930 -0.503 3.062 25.894 -3.892 
38.133 3  AA_U3G4:C15A16_AA   A 3  ? A 16 ? A 4  ? A 15 ? 
1 A G 4  1_555 A C 15 1_555 A G 5  1_555 A C 14 1_555 0.175  -1.089 3.065 -1.175 4.967  28.237 -3.215 -0.593 2.826 10.078 2.384  
28.685 4  AA_G4G5:C14C15_AA   A 4  ? A 15 ? A 5  ? A 14 ? 
1 A G 5  1_555 A C 14 1_555 A G 6  1_555 A C 13 1_555 0.290  -1.010 3.171 1.220  14.339 31.751 -3.680 -0.317 2.507 24.685 -2.099 
34.783 5  AA_G5G6:C13C14_AA   A 5  ? A 14 ? A 6  ? A 13 ? 
1 A G 6  1_555 A C 13 1_555 A A 7  1_555 A U 12 1_555 -0.242 -1.464 2.916 -2.608 -1.046 30.441 -2.590 -0.006 2.973 -1.988 4.953  
30.567 6  AA_G6A7:U12C13_AA   A 6  ? A 13 ? A 7  ? A 12 ? 
1 A C 10 1_555 B G 11 1_555 A G 11 1_555 B C 10 1_555 -0.061 -1.446 2.444 0.337  18.012 37.338 -3.316 0.111  1.609 26.341 -0.494 
41.317 7  AA_C10G11:C10G11_BB A 10 ? B 11 ? A 11 ? B 10 ? 
1 B G 1  1_555 B C 18 1_555 B G 2  1_555 B C 17 1_555 -0.195 -1.031 2.866 -1.540 7.958  33.221 -2.815 0.126  2.563 13.667 2.645  
34.168 8  BB_G1G2:C17C18_BB   B 1  ? B 18 ? B 2  ? B 17 ? 
1 B G 2  1_555 B C 17 1_555 B U 3  1_555 B A 16 1_555 0.107  -0.878 2.706 2.258  9.282  34.857 -2.461 0.082  2.404 15.146 -3.685 
36.103 9  BB_G2U3:A16C17_BB   B 2  ? B 17 ? B 3  ? B 16 ? 
1 B U 3  1_555 B A 16 1_555 B G 4  1_555 B C 15 1_555 0.331  -0.857 3.715 0.156  23.177 35.374 -3.767 -0.444 2.688 34.017 -0.229 
42.087 10 BB_U3G4:C15A16_BB   B 3  ? B 16 ? B 4  ? B 15 ? 
1 B G 4  1_555 B C 15 1_555 B G 5  1_555 B C 14 1_555 0.120  -0.958 3.153 -0.464 8.790  29.422 -3.408 -0.311 2.756 16.838 0.889  
30.683 11 BB_G4G5:C14C15_BB   B 4  ? B 15 ? B 5  ? B 14 ? 
1 B G 5  1_555 B C 14 1_555 B G 6  1_555 B C 13 1_555 0.174  -0.889 3.609 2.022  18.972 31.646 -4.089 0.011  2.678 31.470 -3.354 
36.826 12 BB_G5G6:C13C14_BB   B 5  ? B 14 ? B 6  ? B 13 ? 
1 B G 6  1_555 B C 13 1_555 B A 7  1_555 B U 12 1_555 -0.380 -1.058 2.738 -5.630 -4.040 30.673 -1.296 -0.214 2.873 -7.517 10.475 
31.428 13 BB_G6A7:U12C13_BB   B 6  ? B 13 ? B 7  ? B 12 ? 
# 
loop_
_pdbx_nmr_spectrometer.spectrometer_id 
_pdbx_nmr_spectrometer.type 
_pdbx_nmr_spectrometer.manufacturer 
_pdbx_nmr_spectrometer.model 
_pdbx_nmr_spectrometer.field_strength 
1 ? Bruker AMX 600 
2 ? Bruker DRX 500 
# 
_atom_sites.entry_id                    1F5U 
_atom_sites.fract_transf_matrix[1][1]   1.000000 
_atom_sites.fract_transf_matrix[1][2]   0.000000 
_atom_sites.fract_transf_matrix[1][3]   0.000000 
_atom_sites.fract_transf_matrix[2][1]   0.000000 
_atom_sites.fract_transf_matrix[2][2]   1.000000 
_atom_sites.fract_transf_matrix[2][3]   0.000000 
_atom_sites.fract_transf_matrix[3][1]   0.000000 
_atom_sites.fract_transf_matrix[3][2]   0.000000 
_atom_sites.fract_transf_matrix[3][3]   1.000000 
_atom_sites.fract_transf_vector[1]      0.00000 
_atom_sites.fract_transf_vector[2]      0.00000 
_atom_sites.fract_transf_vector[3]      0.00000 
# 
loop_
_atom_type.symbol 
C 
H 
N 
O 
P 
# 
loop_
_atom_site.group_PDB 
_atom_site.id 
_atom_site.type_symbol 
_atom_site.label_atom_id 
_atom_site.label_alt_id 
_atom_site.label_comp_id 
_atom_site.label_asym_id 
_atom_site.label_entity_id 
_atom_site.label_seq_id 
_atom_site.pdbx_PDB_ins_code 
_atom_site.Cartn_x 
_atom_site.Cartn_y 
_atom_site.Cartn_z 
_atom_site.occupancy 
_atom_site.B_iso_or_equiv 
_atom_site.pdbx_formal_charge 
_atom_site.auth_seq_id 
_atom_site.auth_comp_id 
_atom_site.auth_asym_id 
_atom_site.auth_atom_id 
_atom_site.pdbx_PDB_model_num 
ATOM 1    O "O5'"  . G A 1 1  ? 15.382  -13.897 -0.692  1.00 8.37  ? 1  G A "O5'"  1 
ATOM 2    C "C5'"  . G A 1 1  ? 16.724  -13.889 -1.188  1.00 8.97  ? 1  G A "C5'"  1 
ATOM 3    C "C4'"  . G A 1 1  ? 17.072  -15.204 -1.881  1.00 9.24  ? 1  G A "C4'"  1 
ATOM 4    O "O4'"  . G A 1 1  ? 17.405  -16.184 -0.888  1.00 9.47  ? 1  G A "O4'"  1 
ATOM 5    C "C3'"  . G A 1 1  ? 15.925  -15.820 -2.671  1.00 8.71  ? 1  G A "C3'"  1 
ATOM 6    O "O3'"  . G A 1 1  ? 16.147  -15.511 -4.050  1.00 8.80  ? 1  G A "O3'"  1 
ATOM 7    C "C2'"  . G A 1 1  ? 16.136  -17.317 -2.517  1.00 9.04  ? 1  G A "C2'"  1 
ATOM 8    O "O2'"  . G A 1 1  ? 17.080  -17.799 -3.475  1.00 9.60  ? 1  G A "O2'"  1 
ATOM 9    C "C1'"  . G A 1 1  ? 16.695  -17.411 -1.111  1.00 9.30  ? 1  G A "C1'"  1 
ATOM 10   N N9     . G A 1 1  ? 15.618  -17.529 -0.116  1.00 8.82  ? 1  G A N9     1 
ATOM 11   C C8     . G A 1 1  ? 15.217  -16.609 0.807   1.00 8.50  ? 1  G A C8     1 
ATOM 12   N N7     . G A 1 1  ? 14.210  -16.998 1.536   1.00 8.18  ? 1  G A N7     1 
ATOM 13   C C5     . G A 1 1  ? 13.922  -18.272 1.057   1.00 8.29  ? 1  G A C5     1 
ATOM 14   C C6     . G A 1 1  ? 12.921  -19.195 1.462   1.00 8.16  ? 1  G A C6     1 
ATOM 15   O O6     . G A 1 1  ? 12.076  -19.062 2.344   1.00 7.92  ? 1  G A O6     1 
ATOM 16   N N1     . G A 1 1  ? 12.973  -20.364 0.719   1.00 8.47  ? 1  G A N1     1 
ATOM 17   C C2     . G A 1 1  ? 13.876  -20.620 -0.290  1.00 8.84  ? 1  G A C2     1 
ATOM 18   N N2     . G A 1 1  ? 13.779  -21.798 -0.907  1.00 9.16  ? 1  G A N2     1 
ATOM 19   N N3     . G A 1 1  ? 14.822  -19.758 -0.676  1.00 8.97  ? 1  G A N3     1 
ATOM 20   C C4     . G A 1 1  ? 14.783  -18.609 0.041   1.00 8.68  ? 1  G A C4     1 
ATOM 21   H "H5'"  . G A 1 1  ? 17.411  -13.732 -0.357  1.00 9.41  ? 1  G A "H5'"  1 
ATOM 22   H "H5''" . G A 1 1  ? 16.834  -13.071 -1.901  1.00 8.86  ? 1  G A "H5''" 1 
ATOM 23   H "H4'"  . G A 1 1  ? 17.937  -15.044 -2.524  1.00 9.73  ? 1  G A "H4'"  1 
ATOM 24   H "H3'"  . G A 1 1  ? 14.943  -15.486 -2.337  1.00 8.19  ? 1  G A "H3'"  1 
ATOM 25   H "H2'"  . G A 1 1  ? 15.192  -17.848 -2.584  1.00 8.70  ? 1  G A "H2'"  1 
ATOM 26   H "HO2'" . G A 1 1  ? 16.692  -17.677 -4.345  1.00 9.48  ? 1  G A "HO2'" 1 
ATOM 27   H "H1'"  . G A 1 1  ? 17.379  -18.254 -1.013  1.00 9.79  ? 1  G A "H1'"  1 
ATOM 28   H H8     . G A 1 1  ? 15.686  -15.635 0.904   1.00 8.58  ? 1  G A H8     1 
ATOM 29   H H1     . G A 1 1  ? 12.293  -21.079 0.938   1.00 8.47  ? 1  G A H1     1 
ATOM 30   H H21    . G A 1 1  ? 13.033  -22.436 -0.669  1.00 9.13  ? 1  G A H21    1 
ATOM 31   H H22    . G A 1 1  ? 14.453  -22.052 -1.616  1.00 9.48  ? 1  G A H22    1 
ATOM 32   H "HO5'" . G A 1 1  ? 15.127  -12.984 -0.546  1.00 8.21  ? 1  G A "HO5'" 1 
ATOM 33   P P      . G A 1 2  ? 14.910  -15.124 -5.006  1.00 8.21  ? 2  G A P      1 
ATOM 34   O OP1    . G A 1 2  ? 15.454  -14.698 -6.315  1.00 8.55  ? 2  G A OP1    1 
ATOM 35   O OP2    . G A 1 2  ? 14.009  -14.225 -4.252  1.00 7.64  ? 2  G A OP2    1 
ATOM 36   O "O5'"  . G A 1 2  ? 14.159  -16.536 -5.207  1.00 8.03  ? 2  G A "O5'"  1 
ATOM 37   C "C5'"  . G A 1 2  ? 14.346  -17.291 -6.407  1.00 8.52  ? 2  G A "C5'"  1 
ATOM 38   C "C4'"  . G A 1 2  ? 13.881  -18.739 -6.246  1.00 8.43  ? 2  G A "C4'"  1 
ATOM 39   O "O4'"  . G A 1 2  ? 14.081  -19.155 -4.889  1.00 8.46  ? 2  G A "O4'"  1 
ATOM 40   C "C3'"  . G A 1 2  ? 12.397  -18.968 -6.477  1.00 7.80  ? 2  G A "C3'"  1 
ATOM 41   O "O3'"  . G A 1 2  ? 12.218  -19.306 -7.854  1.00 7.90  ? 2  G A "O3'"  1 
ATOM 42   C "C2'"  . G A 1 2  ? 12.120  -20.225 -5.674  1.00 7.84  ? 2  G A "C2'"  1 
ATOM 43   O "O2'"  . G A 1 2  ? 12.534  -21.389 -6.395  1.00 8.34  ? 2  G A "O2'"  1 
ATOM 44   C "C1'"  . G A 1 2  ? 13.004  -20.007 -4.452  1.00 8.11  ? 2  G A "C1'"  1 
ATOM 45   N N9     . G A 1 2  ? 12.280  -19.338 -3.357  1.00 7.60  ? 2  G A N9     1 
ATOM 46   C C8     . G A 1 2  ? 12.396  -18.043 -2.921  1.00 7.37  ? 2  G A C8     1 
ATOM 47   N N7     . G A 1 2  ? 11.623  -17.758 -1.912  1.00 6.93  ? 2  G A N7     1 
ATOM 48   C C5     . G A 1 2  ? 10.945  -18.945 -1.663  1.00 6.89  ? 2  G A C5     1 
ATOM 49   C C6     . G A 1 2  ? 9.966   -19.244 -0.677  1.00 6.59  ? 2  G A C6     1 
ATOM 50   O O6     . G A 1 2  ? 9.520   -18.505 0.194   1.00 6.24  ? 2  G A O6     1 
ATOM 51   N N1     . G A 1 2  ? 9.531   -20.557 -0.765  1.00 6.79  ? 2  G A N1     1 
ATOM 52   C C2     . G A 1 2  ? 9.980   -21.478 -1.684  1.00 7.20  ? 2  G A C2     1 
ATOM 53   N N2     . G A 1 2  ? 9.450   -22.704 -1.620  1.00 7.40  ? 2  G A N2     1 
ATOM 54   N N3     . G A 1 2  ? 10.902  -21.208 -2.616  1.00 7.46  ? 2  G A N3     1 
ATOM 55   C C4     . G A 1 2  ? 11.337  -19.923 -2.544  1.00 7.30  ? 2  G A C4     1 
ATOM 56   H "H5'"  . G A 1 2  ? 15.406  -17.280 -6.669  1.00 9.02  ? 2  G A "H5'"  1 
ATOM 57   H "H5''" . G A 1 2  ? 13.777  -16.825 -7.212  1.00 8.54  ? 2  G A "H5''" 1 
ATOM 58   H "H4'"  . G A 1 2  ? 14.472  -19.380 -6.902  1.00 8.87  ? 2  G A "H4'"  1 
ATOM 59   H "H3'"  . G A 1 2  ? 11.778  -18.122 -6.182  1.00 7.37  ? 2  G A "H3'"  1 
ATOM 60   H "H2'"  . G A 1 2  ? 11.072  -20.287 -5.391  1.00 7.39  ? 2  G A "H2'"  1 
ATOM 61   H "HO2'" . G A 1 2  ? 11.771  -21.710 -6.881  1.00 8.26  ? 2  G A "HO2'" 1 
ATOM 62   H "H1'"  . G A 1 2  ? 13.410  -20.951 -4.093  1.00 8.48  ? 2  G A "H1'"  1 
ATOM 63   H H8     . G A 1 2  ? 13.066  -17.316 -3.382  1.00 7.58  ? 2  G A H8     1 
ATOM 64   H H1     . G A 1 2  ? 8.827   -20.853 -0.105  1.00 6.68  ? 2  G A H1     1 
ATOM 65   H H21    . G A 1 2  ? 8.697   -22.898 -0.971  1.00 7.28  ? 2  G A H21    1 
ATOM 66   H H22    . G A 1 2  ? 9.802   -23.437 -2.219  1.00 7.71  ? 2  G A H22    1 
ATOM 67   P P      . U A 1 3  ? 10.869  -18.876 -8.622  1.00 7.35  ? 3  U A P      1 
ATOM 68   O OP1    . U A 1 3  ? 11.017  -19.227 -10.052 1.00 7.67  ? 3  U A OP1    1 
ATOM 69   O OP2    . U A 1 3  ? 10.536  -17.487 -8.234  1.00 7.02  ? 3  U A OP2    1 
ATOM 70   O "O5'"  . U A 1 3  ? 9.771   -19.862 -7.972  1.00 6.90  ? 3  U A "O5'"  1 
ATOM 71   C "C5'"  . U A 1 3  ? 9.503   -21.135 -8.568  1.00 7.14  ? 3  U A "C5'"  1 
ATOM 72   C "C4'"  . U A 1 3  ? 8.614   -22.008 -7.686  1.00 6.85  ? 3  U A "C4'"  1 
ATOM 73   O "O4'"  . U A 1 3  ? 9.067   -21.955 -6.330  1.00 6.92  ? 3  U A "O4'"  1 
ATOM 74   C "C3'"  . U A 1 3  ? 7.172   -21.562 -7.580  1.00 6.18  ? 3  U A "C3'"  1 
ATOM 75   O "O3'"  . U A 1 3  ? 6.457   -22.136 -8.675  1.00 6.14  ? 3  U A "O3'"  1 
ATOM 76   C "C2'"  . U A 1 3  ? 6.718   -22.267 -6.315  1.00 6.09  ? 3  U A "C2'"  1 
ATOM 77   O "O2'"  . U A 1 3  ? 6.457   -23.648 -6.575  1.00 6.38  ? 3  U A "O2'"  1 
ATOM 78   C "C1'"  . U A 1 3  ? 7.952   -22.107 -5.426  1.00 6.47  ? 3  U A "C1'"  1 
ATOM 79   N N1     . U A 1 3  ? 7.864   -20.902 -4.569  1.00 6.10  ? 3  U A N1     1 
ATOM 80   C C2     . U A 1 3  ? 7.208   -21.017 -3.352  1.00 5.83  ? 3  U A C2     1 
ATOM 81   O O2     . U A 1 3  ? 6.702   -22.070 -2.968  1.00 5.96  ? 3  U A O2     1 
ATOM 82   N N3     . U A 1 3  ? 7.145   -19.867 -2.590  1.00 5.50  ? 3  U A N3     1 
ATOM 83   C C4     . U A 1 3  ? 7.668   -18.635 -2.929  1.00 5.42  ? 3  U A C4     1 
ATOM 84   O O4     . U A 1 3  ? 7.547   -17.683 -2.160  1.00 5.13  ? 3  U A O4     1 
ATOM 85   C C5     . U A 1 3  ? 8.334   -18.594 -4.211  1.00 5.77  ? 3  U A C5     1 
ATOM 86   C C6     . U A 1 3  ? 8.408   -19.713 -4.976  1.00 6.09  ? 3  U A C6     1 
ATOM 87   H "H5'"  . U A 1 3  ? 10.448  -21.652 -8.738  1.00 7.62  ? 3  U A "H5'"  1 
ATOM 88   H "H5''" . U A 1 3  ? 9.007   -20.980 -9.525  1.00 7.13  ? 3  U A "H5''" 1 
ATOM 89   H "H4'"  . U A 1 3  ? 8.672   -23.038 -8.038  1.00 7.11  ? 3  U A "H4'"  1 
ATOM 90   H "H3'"  . U A 1 3  ? 7.055   -20.479 -7.540  1.00 5.93  ? 3  U A "H3'"  1 
ATOM 91   H "H2'"  . U A 1 3  ? 5.850   -21.774 -5.878  1.00 5.64  ? 3  U A "H2'"  1 
ATOM 92   H "HO2'" . U A 1 3  ? 5.524   -23.800 -6.406  1.00 6.21  ? 3  U A "HO2'" 1 
ATOM 93   H "H1'"  . U A 1 3  ? 8.107   -22.993 -4.808  1.00 6.74  ? 3  U A "H1'"  1 
ATOM 94   H H3     . U A 1 3  ? 6.671   -19.934 -1.700  1.00 5.34  ? 3  U A H3     1 
ATOM 95   H H5     . U A 1 3  ? 8.774   -17.663 -4.567  1.00 5.84  ? 3  U A H5     1 
ATOM 96   H H6     . U A 1 3  ? 8.908   -19.661 -5.943  1.00 6.39  ? 3  U A H6     1 
ATOM 97   P P      . G A 1 4  ? 5.256   -21.318 -9.366  1.00 5.69  ? 4  G A P      1 
ATOM 98   O OP1    . G A 1 4  ? 4.717   -22.135 -10.477 1.00 5.88  ? 4  G A OP1    1 
ATOM 99   O OP2    . G A 1 4  ? 5.725   -19.939 -9.624  1.00 5.64  ? 4  G A OP2    1 
ATOM 100  O "O5'"  . G A 1 4  ? 4.151   -21.268 -8.194  1.00 5.18  ? 4  G A "O5'"  1 
ATOM 101  C "C5'"  . G A 1 4  ? 3.375   -22.429 -7.895  1.00 5.21  ? 4  G A "C5'"  1 
ATOM 102  C "C4'"  . G A 1 4  ? 2.566   -22.270 -6.609  1.00 4.90  ? 4  G A "C4'"  1 
ATOM 103  O "O4'"  . G A 1 4  ? 3.438   -22.006 -5.505  1.00 5.01  ? 4  G A "O4'"  1 
ATOM 104  C "C3'"  . G A 1 4  ? 1.620   -21.091 -6.567  1.00 4.34  ? 4  G A "C3'"  1 
ATOM 105  O "O3'"  . G A 1 4  ? 0.398   -21.481 -7.196  1.00 4.22  ? 4  G A "O3'"  1 
ATOM 106  C "C2'"  . G A 1 4  ? 1.350   -20.966 -5.079  1.00 4.24  ? 4  G A "C2'"  1 
ATOM 107  O "O2'"  . G A 1 4  ? 0.418   -21.963 -4.652  1.00 4.38  ? 4  G A "O2'"  1 
ATOM 108  C "C1'"  . G A 1 4  ? 2.739   -21.243 -4.498  1.00 4.63  ? 4  G A "C1'"  1 
ATOM 109  N N9     . G A 1 4  ? 3.479   -19.993 -4.230  1.00 4.44  ? 4  G A N9     1 
ATOM 110  C C8     . G A 1 4  ? 4.407   -19.361 -5.017  1.00 4.61  ? 4  G A C8     1 
ATOM 111  N N7     . G A 1 4  ? 4.868   -18.256 -4.500  1.00 4.41  ? 4  G A N7     1 
ATOM 112  C C5     . G A 1 4  ? 4.200   -18.146 -3.287  1.00 4.07  ? 4  G A C5     1 
ATOM 113  C C6     . G A 1 4  ? 4.291   -17.142 -2.285  1.00 3.77  ? 4  G A C6     1 
ATOM 114  O O6     . G A 1 4  ? 4.996   -16.135 -2.277  1.00 3.70  ? 4  G A O6     1 
ATOM 115  N N1     . G A 1 4  ? 3.448   -17.405 -1.217  1.00 3.64  ? 4  G A N1     1 
ATOM 116  C C2     . G A 1 4  ? 2.617   -18.498 -1.117  1.00 3.80  ? 4  G A C2     1 
ATOM 117  N N2     . G A 1 4  ? 1.871   -18.589 -0.015  1.00 3.82  ? 4  G A N2     1 
ATOM 118  N N3     . G A 1 4  ? 2.524   -19.450 -2.054  1.00 4.02  ? 4  G A N3     1 
ATOM 119  C C4     . G A 1 4  ? 3.343   -19.207 -3.108  1.00 4.13  ? 4  G A C4     1 
ATOM 120  H "H5'"  . G A 1 4  ? 4.044   -23.282 -7.788  1.00 5.61  ? 4  G A "H5'"  1 
ATOM 121  H "H5''" . G A 1 4  ? 2.690   -22.618 -8.721  1.00 5.13  ? 4  G A "H5''" 1 
ATOM 122  H "H4'"  . G A 1 4  ? 2.027   -23.198 -6.418  1.00 5.04  ? 4  G A "H4'"  1 
ATOM 123  H "H3'"  . G A 1 4  ? 2.036   -20.185 -7.010  1.00 4.22  ? 4  G A "H3'"  1 
ATOM 124  H "H2'"  . G A 1 4  ? 1.009   -19.967 -4.821  1.00 3.88  ? 4  G A "H2'"  1 
ATOM 125  H "HO2'" . G A 1 4  ? -0.307  -21.508 -4.219  1.00 4.17  ? 4  G A "HO2'" 1 
ATOM 126  H "H1'"  . G A 1 4  ? 2.670   -21.828 -3.580  1.00 4.83  ? 4  G A "H1'"  1 
ATOM 127  H H8     . G A 1 4  ? 4.722   -19.738 -5.990  1.00 4.93  ? 4  G A H8     1 
ATOM 128  H H1     . G A 1 4  ? 3.448   -16.739 -0.457  1.00 3.49  ? 4  G A H1     1 
ATOM 129  H H21    . G A 1 4  ? 1.874   -17.838 0.665   1.00 3.73  ? 4  G A H21    1 
ATOM 130  H H22    . G A 1 4  ? 1.301   -19.408 0.142   1.00 4.00  ? 4  G A H22    1 
ATOM 131  P P      . G A 1 5  ? -0.470  -20.395 -8.009  1.00 3.80  ? 5  G A P      1 
ATOM 132  O OP1    . G A 1 5  ? -1.512  -21.113 -8.776  1.00 3.91  ? 5  G A OP1    1 
ATOM 133  O OP2    . G A 1 5  ? 0.462   -19.480 -8.704  1.00 3.79  ? 5  G A OP2    1 
ATOM 134  O "O5'"  . G A 1 5  ? -1.187  -19.580 -6.820  1.00 3.38  ? 5  G A "O5'"  1 
ATOM 135  C "C5'"  . G A 1 5  ? -2.100  -20.251 -5.951  1.00 3.43  ? 5  G A "C5'"  1 
ATOM 136  C "C4'"  . G A 1 5  ? -2.283  -19.519 -4.624  1.00 3.21  ? 5  G A "C4'"  1 
ATOM 137  O "O4'"  . G A 1 5  ? -1.018  -19.336 -3.981  1.00 3.28  ? 5  G A "O4'"  1 
ATOM 138  C "C3'"  . G A 1 5  ? -2.806  -18.104 -4.718  1.00 2.78  ? 5  G A "C3'"  1 
ATOM 139  O "O3'"  . G A 1 5  ? -4.229  -18.162 -4.807  1.00 2.75  ? 5  G A "O3'"  1 
ATOM 140  C "C2'"  . G A 1 5  ? -2.453  -17.557 -3.345  1.00 2.72  ? 5  G A "C2'"  1 
ATOM 141  O "O2'"  . G A 1 5  ? -3.390  -18.011 -2.366  1.00 2.92  ? 5  G A "O2'"  1 
ATOM 142  C "C1'"  . G A 1 5  ? -1.080  -18.188 -3.108  1.00 2.98  ? 5  G A "C1'"  1 
ATOM 143  N N9     . G A 1 5  ? 0.013   -17.254 -3.441  1.00 2.81  ? 5  G A N9     1 
ATOM 144  C C8     . G A 1 5  ? 0.736   -17.147 -4.603  1.00 2.95  ? 5  G A C8     1 
ATOM 145  N N7     . G A 1 5  ? 1.624   -16.192 -4.582  1.00 2.81  ? 5  G A N7     1 
ATOM 146  C C5     . G A 1 5  ? 1.479   -15.625 -3.321  1.00 2.53  ? 5  G A C5     1 
ATOM 147  C C6     . G A 1 5  ? 2.176   -14.539 -2.722  1.00 2.30  ? 5  G A C6     1 
ATOM 148  O O6     . G A 1 5  ? 3.078   -13.855 -3.202  1.00 2.29  ? 5  G A O6     1 
ATOM 149  N N1     . G A 1 5  ? 1.723   -14.285 -1.437  1.00 2.21  ? 5  G A N1     1 
ATOM 150  C C2     . G A 1 5  ? 0.722   -14.984 -0.800  1.00 2.39  ? 5  G A C2     1 
ATOM 151  N N2     . G A 1 5  ? 0.402   -14.597 0.436   1.00 2.50  ? 5  G A N2     1 
ATOM 152  N N3     . G A 1 5  ? 0.063   -16.006 -1.353  1.00 2.55  ? 5  G A N3     1 
ATOM 153  C C4     . G A 1 5  ? 0.494   -16.269 -2.612  1.00 2.58  ? 5  G A C4     1 
ATOM 154  H "H5'"  . G A 1 5  ? -1.723  -21.254 -5.750  1.00 3.76  ? 5  G A "H5'"  1 
ATOM 155  H "H5''" . G A 1 5  ? -3.067  -20.330 -6.447  1.00 3.38  ? 5  G A "H5''" 1 
ATOM 156  H "H4'"  . G A 1 5  ? -2.922  -20.120 -3.978  1.00 3.37  ? 5  G A "H4'"  1 
ATOM 157  H "H3'"  . G A 1 5  ? -2.368  -17.533 -5.537  1.00 2.65  ? 5  G A "H3'"  1 
ATOM 158  H "H2'"  . G A 1 5  ? -2.389  -16.472 -3.358  1.00 2.43  ? 5  G A "H2'"  1 
ATOM 159  H "HO2'" . G A 1 5  ? -4.013  -17.298 -2.213  1.00 2.86  ? 5  G A "HO2'" 1 
ATOM 160  H "H1'"  . G A 1 5  ? -0.973  -18.514 -2.074  1.00 3.15  ? 5  G A "H1'"  1 
ATOM 161  H H8     . G A 1 5  ? 0.571   -17.787 -5.470  1.00 3.21  ? 5  G A H8     1 
ATOM 162  H H1     . G A 1 5  ? 2.164   -13.527 -0.936  1.00 2.11  ? 5  G A H1     1 
ATOM 163  H H21    . G A 1 5  ? 0.828   -13.772 0.836   1.00 2.44  ? 5  G A H21    1 
ATOM 164  H H22    . G A 1 5  ? -0.275  -15.123 0.970   1.00 2.72  ? 5  G A H22    1 
ATOM 165  P P      . G A 1 6  ? -5.023  -17.064 -5.676  1.00 2.55  ? 6  G A P      1 
ATOM 166  O OP1    . G A 1 6  ? -6.430  -17.504 -5.808  1.00 2.73  ? 6  G A OP1    1 
ATOM 167  O OP2    . G A 1 6  ? -4.226  -16.765 -6.886  1.00 2.54  ? 6  G A OP2    1 
ATOM 168  O "O5'"  . G A 1 6  ? -4.987  -15.771 -4.716  1.00 2.29  ? 6  G A "O5'"  1 
ATOM 169  C "C5'"  . G A 1 6  ? -5.768  -15.748 -3.520  1.00 2.39  ? 6  G A "C5'"  1 
ATOM 170  C "C4'"  . G A 1 6  ? -5.370  -14.604 -2.591  1.00 2.21  ? 6  G A "C4'"  1 
ATOM 171  O "O4'"  . G A 1 6  ? -3.999  -14.742 -2.197  1.00 2.12  ? 6  G A "O4'"  1 
ATOM 172  C "C3'"  . G A 1 6  ? -5.399  -13.220 -3.202  1.00 1.99  ? 6  G A "C3'"  1 
ATOM 173  O "O3'"  . G A 1 6  ? -6.732  -12.721 -3.112  1.00 2.15  ? 6  G A "O3'"  1 
ATOM 174  C "C2'"  . G A 1 6  ? -4.550  -12.436 -2.220  1.00 1.85  ? 6  G A "C2'"  1 
ATOM 175  O "O2'"  . G A 1 6  ? -5.292  -12.141 -1.035  1.00 2.05  ? 6  G A "O2'"  1 
ATOM 176  C "C1'"  . G A 1 6  ? -3.436  -13.440 -1.924  1.00 1.89  ? 6  G A "C1'"  1 
ATOM 177  N N9     . G A 1 6  ? -2.262  -13.223 -2.792  1.00 1.71  ? 6  G A N9     1 
ATOM 178  C C8     . G A 1 6  ? -1.982  -13.776 -4.015  1.00 1.78  ? 6  G A C8     1 
ATOM 179  N N7     . G A 1 6  ? -0.861  -13.359 -4.535  1.00 1.66  ? 6  G A N7     1 
ATOM 180  C C5     . G A 1 6  ? -0.365  -12.466 -3.592  1.00 1.45  ? 6  G A C5     1 
ATOM 181  C C6     . G A 1 6  ? 0.829   -11.694 -3.606  1.00 1.28  ? 6  G A C6     1 
ATOM 182  O O6     . G A 1 6  ? 1.700   -11.650 -4.474  1.00 1.29  ? 6  G A O6     1 
ATOM 183  N N1     . G A 1 6  ? 0.953   -10.921 -2.462  1.00 1.19  ? 6  G A N1     1 
ATOM 184  C C2     . G A 1 6  ? 0.044   -10.891 -1.427  1.00 1.33  ? 6  G A C2     1 
ATOM 185  N N2     . G A 1 6  ? 0.316   -10.081 -0.403  1.00 1.40  ? 6  G A N2     1 
ATOM 186  N N3     . G A 1 6  ? -1.079  -11.614 -1.404  1.00 1.49  ? 6  G A N3     1 
ATOM 187  C C4     . G A 1 6  ? -1.216  -12.375 -2.517  1.00 1.51  ? 6  G A C4     1 
ATOM 188  H "H5'"  . G A 1 6  ? -5.636  -16.693 -2.994  1.00 2.58  ? 6  G A "H5'"  1 
ATOM 189  H "H5''" . G A 1 6  ? -6.819  -15.636 -3.787  1.00 2.49  ? 6  G A "H5''" 1 
ATOM 190  H "H4'"  . G A 1 6  ? -5.997  -14.640 -1.700  1.00 2.38  ? 6  G A "H4'"  1 
ATOM 191  H "H3'"  . G A 1 6  ? -5.019  -13.190 -4.223  1.00 1.91  ? 6  G A "H3'"  1 
ATOM 192  H "H2'"  . G A 1 6  ? -4.153  -11.530 -2.675  1.00 1.67  ? 6  G A "H2'"  1 
ATOM 193  H "HO2'" . G A 1 6  ? -6.043  -11.603 -1.294  1.00 2.11  ? 6  G A "HO2'" 1 
ATOM 194  H "H1'"  . G A 1 6  ? -3.130  -13.390 -0.879  1.00 1.97  ? 6  G A "H1'"  1 
ATOM 195  H H8     . G A 1 6  ? -2.643  -14.482 -4.516  1.00 1.96  ? 6  G A H8     1 
ATOM 196  H H1     . G A 1 6  ? 1.774   -10.339 -2.388  1.00 1.10  ? 6  G A H1     1 
ATOM 197  H H21    . G A 1 6  ? 1.118   -9.468  -0.441  1.00 1.32  ? 6  G A H21    1 
ATOM 198  H H22    . G A 1 6  ? -0.283  -10.077 0.410   1.00 1.59  ? 6  G A H22    1 
ATOM 199  P P      . A A 1 7  ? -7.301  -11.757 -4.268  1.00 2.11  ? 7  A A P      1 
ATOM 200  O OP1    . A A 1 7  ? -8.736  -11.510 -4.002  1.00 2.39  ? 7  A A OP1    1 
ATOM 201  O OP2    . A A 1 7  ? -6.874  -12.298 -5.577  1.00 2.24  ? 7  A A OP2    1 
ATOM 202  O "O5'"  . A A 1 7  ? -6.495  -10.387 -4.002  1.00 1.93  ? 7  A A "O5'"  1 
ATOM 203  C "C5'"  . A A 1 7  ? -7.041  -9.393  -3.134  1.00 1.90  ? 7  A A "C5'"  1 
ATOM 204  C "C4'"  . A A 1 7  ? -5.979  -8.408  -2.643  1.00 1.74  ? 7  A A "C4'"  1 
ATOM 205  O "O4'"  . A A 1 7  ? -4.740  -9.081  -2.409  1.00 1.59  ? 7  A A "O4'"  1 
ATOM 206  C "C3'"  . A A 1 7  ? -5.593  -7.330  -3.630  1.00 1.60  ? 7  A A "C3'"  1 
ATOM 207  O "O3'"  . A A 1 7  ? -6.533  -6.263  -3.488  1.00 1.80  ? 7  A A "O3'"  1 
ATOM 208  C "C2'"  . A A 1 7  ? -4.263  -6.847  -3.069  1.00 1.42  ? 7  A A "C2'"  1 
ATOM 209  O "O2'"  . A A 1 7  ? -4.477  -5.926  -1.996  1.00 1.60  ? 7  A A "O2'"  1 
ATOM 210  C "C1'"  . A A 1 7  ? -3.646  -8.147  -2.546  1.00 1.38  ? 7  A A "C1'"  1 
ATOM 211  N N9     . A A 1 7  ? -2.639  -8.698  -3.475  1.00 1.22  ? 7  A A N9     1 
ATOM 212  C C8     . A A 1 7  ? -2.776  -9.703  -4.401  1.00 1.33  ? 7  A A C8     1 
ATOM 213  N N7     . A A 1 7  ? -1.684  -9.946  -5.074  1.00 1.29  ? 7  A A N7     1 
ATOM 214  C C5     . A A 1 7  ? -0.765  -9.038  -4.558  1.00 1.07  ? 7  A A C5     1 
ATOM 215  C C6     . A A 1 7  ? 0.586   -8.781  -4.848  1.00 0.99  ? 7  A A C6     1 
ATOM 216  N N6     . A A 1 7  ? 1.278   -9.443  -5.775  1.00 1.16  ? 7  A A N6     1 
ATOM 217  N N1     . A A 1 7  ? 1.204   -7.811  -4.151  1.00 0.84  ? 7  A A N1     1 
ATOM 218  C C2     . A A 1 7  ? 0.520   -7.146  -3.228  1.00 0.86  ? 7  A A C2     1 
ATOM 219  N N3     . A A 1 7  ? -0.747  -7.292  -2.863  1.00 0.99  ? 7  A A N3     1 
ATOM 220  C C4     . A A 1 7  ? -1.335  -8.272  -3.582  1.00 1.04  ? 7  A A C4     1 
ATOM 221  H "H5'"  . A A 1 7  ? -7.491  -9.889  -2.273  1.00 2.16  ? 7  A A "H5'"  1 
ATOM 222  H "H5''" . A A 1 7  ? -7.813  -8.844  -3.670  1.00 2.39  ? 7  A A "H5''" 1 
ATOM 223  H "H4'"  . A A 1 7  ? -6.319  -7.960  -1.708  1.00 1.90  ? 7  A A "H4'"  1 
ATOM 224  H "H3'"  . A A 1 7  ? -5.526  -7.685  -4.659  1.00 1.56  ? 7  A A "H3'"  1 
ATOM 225  H "H2'"  . A A 1 7  ? -3.643  -6.408  -3.846  1.00 1.28  ? 7  A A "H2'"  1 
ATOM 226  H "HO2'" . A A 1 7  ? -5.269  -5.423  -2.203  1.00 1.66  ? 7  A A "HO2'" 1 
ATOM 227  H "H1'"  . A A 1 7  ? -3.184  -7.988  -1.574  1.00 1.43  ? 7  A A "H1'"  1 
ATOM 228  H H8     . A A 1 7  ? -3.708  -10.242 -4.563  1.00 1.50  ? 7  A A H8     1 
ATOM 229  H H61    . A A 1 7  ? 2.230   -9.177  -5.980  1.00 1.14  ? 7  A A H61    1 
ATOM 230  H H62    . A A 1 7  ? 0.851   -10.212 -6.271  1.00 1.36  ? 7  A A H62    1 
ATOM 231  H H2     . A A 1 7  ? 1.076   -6.370  -2.698  1.00 0.89  ? 7  A A H2     1 
ATOM 232  P P      . G A 1 8  ? -7.343  -5.716  -4.767  1.00 1.84  ? 8  G A P      1 
ATOM 233  O OP1    . G A 1 8  ? -8.546  -5.002  -4.284  1.00 2.30  ? 8  G A OP1    1 
ATOM 234  O OP2    . G A 1 8  ? -7.484  -6.827  -5.736  1.00 2.48  ? 8  G A OP2    1 
ATOM 235  O "O5'"  . G A 1 8  ? -6.326  -4.630  -5.388  1.00 1.35  ? 8  G A "O5'"  1 
ATOM 236  C "C5'"  . G A 1 8  ? -6.528  -3.226  -5.180  1.00 1.01  ? 8  G A "C5'"  1 
ATOM 237  C "C4'"  . G A 1 8  ? -5.237  -2.537  -4.708  1.00 0.92  ? 8  G A "C4'"  1 
ATOM 238  O "O4'"  . G A 1 8  ? -4.287  -3.529  -4.317  1.00 0.91  ? 8  G A "O4'"  1 
ATOM 239  C "C3'"  . G A 1 8  ? -4.495  -1.744  -5.768  1.00 0.82  ? 8  G A "C3'"  1 
ATOM 240  O "O3'"  . G A 1 8  ? -5.012  -0.412  -5.735  1.00 0.92  ? 8  G A "O3'"  1 
ATOM 241  C "C2'"  . G A 1 8  ? -3.077  -1.690  -5.219  1.00 0.85  ? 8  G A "C2'"  1 
ATOM 242  O "O2'"  . G A 1 8  ? -2.944  -0.619  -4.282  1.00 1.00  ? 8  G A "O2'"  1 
ATOM 243  C "C1'"  . G A 1 8  ? -2.946  -3.043  -4.509  1.00 0.86  ? 8  G A "C1'"  1 
ATOM 244  N N9     . G A 1 8  ? -2.187  -4.022  -5.312  1.00 0.80  ? 8  G A N9     1 
ATOM 245  C C8     . G A 1 8  ? -2.643  -5.144  -5.958  1.00 0.81  ? 8  G A C8     1 
ATOM 246  N N7     . G A 1 8  ? -1.709  -5.801  -6.588  1.00 0.85  ? 8  G A N7     1 
ATOM 247  C C5     . G A 1 8  ? -0.555  -5.065  -6.344  1.00 0.88  ? 8  G A C5     1 
ATOM 248  C C6     . G A 1 8  ? 0.781   -5.293  -6.777  1.00 1.02  ? 8  G A C6     1 
ATOM 249  O O6     . G A 1 8  ? 1.211   -6.207  -7.475  1.00 1.12  ? 8  G A O6     1 
ATOM 250  N N1     . G A 1 8  ? 1.643   -4.313  -6.309  1.00 1.13  ? 8  G A N1     1 
ATOM 251  C C2     . G A 1 8  ? 1.273   -3.245  -5.525  1.00 1.13  ? 8  G A C2     1 
ATOM 252  N N2     . G A 1 8  ? 2.237   -2.396  -5.164  1.00 1.33  ? 8  G A N2     1 
ATOM 253  N N3     . G A 1 8  ? 0.022   -3.021  -5.114  1.00 1.00  ? 8  G A N3     1 
ATOM 254  C C4     . G A 1 8  ? -0.836  -3.971  -5.562  1.00 0.86  ? 8  G A C4     1 
ATOM 255  H "H5'"  . G A 1 8  ? -7.308  -3.085  -4.427  1.00 1.51  ? 8  G A "H5'"  1 
ATOM 256  H "H5''" . G A 1 8  ? -6.859  -2.776  -6.117  1.00 1.38  ? 8  G A "H5''" 1 
ATOM 257  H "H4'"  . G A 1 8  ? -5.458  -1.903  -3.847  1.00 1.05  ? 8  G A "H4'"  1 
ATOM 258  H "H3'"  . G A 1 8  ? -4.560  -2.182  -6.764  1.00 0.79  ? 8  G A "H3'"  1 
ATOM 259  H "H2'"  . G A 1 8  ? -2.348  -1.600  -6.025  1.00 0.85  ? 8  G A "H2'"  1 
ATOM 260  H "HO2'" . G A 1 8  ? -3.827  -0.395  -3.977  1.00 1.24  ? 8  G A "HO2'" 1 
ATOM 261  H "H1'"  . G A 1 8  ? -2.465  -2.926  -3.538  1.00 1.00  ? 8  G A "H1'"  1 
ATOM 262  H H8     . G A 1 8  ? -3.687  -5.457  -5.945  1.00 0.87  ? 8  G A H8     1 
ATOM 263  H H1     . G A 1 8  ? 2.616   -4.395  -6.568  1.00 1.28  ? 8  G A H1     1 
ATOM 264  H H21    . G A 1 8  ? 3.176   -2.520  -5.513  1.00 1.47  ? 8  G A H21    1 
ATOM 265  H H22    . G A 1 8  ? 2.027   -1.630  -4.538  1.00 1.39  ? 8  G A H22    1 
ATOM 266  P P      . A A 1 9  ? -6.191  0.034   -6.736  1.00 0.92  ? 9  A A P      1 
ATOM 267  O OP1    . A A 1 9  ? -7.459  0.070   -5.973  1.00 1.44  ? 9  A A OP1    1 
ATOM 268  O OP2    . A A 1 9  ? -6.092  -0.787  -7.964  1.00 1.25  ? 9  A A OP2    1 
ATOM 269  O "O5'"  . A A 1 9  ? -5.783  1.550   -7.109  1.00 1.13  ? 9  A A "O5'"  1 
ATOM 270  C "C5'"  . A A 1 9  ? -5.349  1.898   -8.431  1.00 0.92  ? 9  A A "C5'"  1 
ATOM 271  C "C4'"  . A A 1 9  ? -3.966  2.540   -8.414  1.00 0.75  ? 9  A A "C4'"  1 
ATOM 272  O "O4'"  . A A 1 9  ? -3.897  3.489   -7.341  1.00 0.75  ? 9  A A "O4'"  1 
ATOM 273  C "C3'"  . A A 1 9  ? -2.821  1.580   -8.137  1.00 0.75  ? 9  A A "C3'"  1 
ATOM 274  O "O3'"  . A A 1 9  ? -2.309  1.154   -9.405  1.00 0.82  ? 9  A A "O3'"  1 
ATOM 275  C "C2'"  . A A 1 9  ? -1.768  2.472   -7.506  1.00 0.67  ? 9  A A "C2'"  1 
ATOM 276  O "O2'"  . A A 1 9  ? -1.038  3.179   -8.513  1.00 0.70  ? 9  A A "O2'"  1 
ATOM 277  C "C1'"  . A A 1 9  ? -2.619  3.436   -6.685  1.00 0.67  ? 9  A A "C1'"  1 
ATOM 278  N N9     . A A 1 9  ? -2.821  2.969   -5.299  1.00 0.72  ? 9  A A N9     1 
ATOM 279  C C8     . A A 1 9  ? -3.835  2.191   -4.801  1.00 0.83  ? 9  A A C8     1 
ATOM 280  N N7     . A A 1 9  ? -3.735  1.955   -3.522  1.00 0.90  ? 9  A A N7     1 
ATOM 281  C C5     . A A 1 9  ? -2.574  2.623   -3.148  1.00 0.82  ? 9  A A C5     1 
ATOM 282  C C6     . A A 1 9  ? -1.914  2.764   -1.917  1.00 0.89  ? 9  A A C6     1 
ATOM 283  N N6     . A A 1 9  ? -2.349  2.217   -0.783  1.00 1.01  ? 9  A A N6     1 
ATOM 284  N N1     . A A 1 9  ? -0.787  3.491   -1.889  1.00 0.88  ? 9  A A N1     1 
ATOM 285  C C2     . A A 1 9  ? -0.344  4.042   -3.012  1.00 0.84  ? 9  A A C2     1 
ATOM 286  N N3     . A A 1 9  ? -0.869  3.986   -4.232  1.00 0.75  ? 9  A A N3     1 
ATOM 287  C C4     . A A 1 9  ? -2.003  3.246   -4.223  1.00 0.73  ? 9  A A C4     1 
ATOM 288  H "H5'"  . A A 1 9  ? -6.061  2.599   -8.865  1.00 1.06  ? 9  A A "H5'"  1 
ATOM 289  H "H5''" . A A 1 9  ? -5.314  0.999   -9.050  1.00 1.05  ? 9  A A "H5''" 1 
ATOM 290  H "H4'"  . A A 1 9  ? -3.807  3.062   -9.358  1.00 0.74  ? 9  A A "H4'"  1 
ATOM 291  H "H3'"  . A A 1 9  ? -3.107  0.735   -7.510  1.00 0.84  ? 9  A A "H3'"  1 
ATOM 292  H "H2'"  . A A 1 9  ? -1.104  1.899   -6.866  1.00 0.71  ? 9  A A "H2'"  1 
ATOM 293  H "HO2'" . A A 1 9  ? -0.548  2.529   -9.020  1.00 0.75  ? 9  A A "HO2'" 1 
ATOM 294  H "H1'"  . A A 1 9  ? -2.175  4.431   -6.671  1.00 0.68  ? 9  A A "H1'"  1 
ATOM 295  H H8     . A A 1 9  ? -4.649  1.805   -5.416  1.00 0.91  ? 9  A A H8     1 
ATOM 296  H H61    . A A 1 9  ? -1.832  2.353   0.075   1.00 1.05  ? 9  A A H61    1 
ATOM 297  H H62    . A A 1 9  ? -3.196  1.666   -0.779  1.00 1.08  ? 9  A A H62    1 
ATOM 298  H H2     . A A 1 9  ? 0.579   4.620   -2.918  1.00 0.92  ? 9  A A H2     1 
ATOM 299  P P      . C A 1 10 ? -2.236  -0.411  -9.779  1.00 0.98  ? 10 C A P      1 
ATOM 300  O OP1    . C A 1 10 ? -2.146  -0.530  -11.253 1.00 1.39  ? 10 C A OP1    1 
ATOM 301  O OP2    . C A 1 10 ? -3.314  -1.113  -9.048  1.00 1.69  ? 10 C A OP2    1 
ATOM 302  O "O5'"  . C A 1 10 ? -0.822  -0.864  -9.150  1.00 0.96  ? 10 C A "O5'"  1 
ATOM 303  C "C5'"  . C A 1 10 ? 0.379   -0.842  -9.933  1.00 1.00  ? 10 C A "C5'"  1 
ATOM 304  C "C4'"  . C A 1 10 ? 1.289   0.330   -9.525  1.00 0.75  ? 10 C A "C4'"  1 
ATOM 305  O "O4'"  . C A 1 10 ? 0.771   0.922   -8.341  1.00 0.73  ? 10 C A "O4'"  1 
ATOM 306  C "C3'"  . C A 1 10 ? 2.713   -0.036  -9.133  1.00 0.74  ? 10 C A "C3'"  1 
ATOM 307  O "O3'"  . C A 1 10 ? 3.511   0.063   -10.316 1.00 1.01  ? 10 C A "O3'"  1 
ATOM 308  C "C2'"  . C A 1 10 ? 3.142   1.103   -8.211  1.00 0.86  ? 10 C A "C2'"  1 
ATOM 309  O "O2'"  . C A 1 10 ? 3.788   2.136   -8.961  1.00 1.60  ? 10 C A "O2'"  1 
ATOM 310  C "C1'"  . C A 1 10 ? 1.814   1.615   -7.640  1.00 0.66  ? 10 C A "C1'"  1 
ATOM 311  N N1     . C A 1 10 ? 1.682   1.342   -6.192  1.00 0.47  ? 10 C A N1     1 
ATOM 312  C C2     . C A 1 10 ? 2.526   2.030   -5.336  1.00 0.45  ? 10 C A C2     1 
ATOM 313  O O2     . C A 1 10 ? 3.363   2.810   -5.784  1.00 0.61  ? 10 C A O2     1 
ATOM 314  N N3     . C A 1 10 ? 2.408   1.821   -3.996  1.00 0.37  ? 10 C A N3     1 
ATOM 315  C C4     . C A 1 10 ? 1.496   0.967   -3.514  1.00 0.45  ? 10 C A C4     1 
ATOM 316  N N4     . C A 1 10 ? 1.418   0.824   -2.191  1.00 0.58  ? 10 C A N4     1 
ATOM 317  C C5     . C A 1 10 ? 0.626   0.249   -4.390  1.00 0.54  ? 10 C A C5     1 
ATOM 318  C C6     . C A 1 10 ? 0.751   0.464   -5.712  1.00 0.48  ? 10 C A C6     1 
ATOM 319  H "H5'"  . C A 1 10 ? 0.117   -0.748  -10.990 1.00 1.65  ? 10 C A "H5'"  1 
ATOM 320  H "H5''" . C A 1 10 ? 0.909   -1.784  -9.787  1.00 1.56  ? 10 C A "H5''" 1 
ATOM 321  H "H4'"  . C A 1 10 ? 1.293   1.080   -10.319 1.00 0.90  ? 10 C A "H4'"  1 
ATOM 322  H "H3'"  . C A 1 10 ? 2.797   -1.019  -8.671  1.00 1.05  ? 10 C A "H3'"  1 
ATOM 323  H "H2'"  . C A 1 10 ? 3.789   0.735   -7.416  1.00 1.22  ? 10 C A "H2'"  1 
ATOM 324  H "HO2'" . C A 1 10 ? 4.734   1.988   -8.895  1.00 1.40  ? 10 C A "HO2'" 1 
ATOM 325  H "H1'"  . C A 1 10 ? 1.708   2.685   -7.810  1.00 1.05  ? 10 C A "H1'"  1 
ATOM 326  H H41    . C A 1 10 ? 1.981   1.404   -1.586  1.00 0.55  ? 10 C A H41    1 
ATOM 327  H H42    . C A 1 10 ? 0.789   0.140   -1.794  1.00 0.77  ? 10 C A H42    1 
ATOM 328  H H5     . C A 1 10 ? -0.118  -0.450  -4.008  1.00 0.71  ? 10 C A H5     1 
ATOM 329  H H6     . C A 1 10 ? 0.096   -0.061  -6.407  1.00 0.56  ? 10 C A H6     1 
ATOM 330  P P      . G A 1 11 ? 4.742   -0.945  -10.558 1.00 1.27  ? 11 G A P      1 
ATOM 331  O OP1    . G A 1 11 ? 5.176   -0.816  -11.967 1.00 1.71  ? 11 G A OP1    1 
ATOM 332  O OP2    . G A 1 11 ? 4.368   -2.271  -10.020 1.00 1.51  ? 11 G A OP2    1 
ATOM 333  O "O5'"  . G A 1 11 ? 5.892   -0.325  -9.617  1.00 1.19  ? 11 G A "O5'"  1 
ATOM 334  C "C5'"  . G A 1 11 ? 6.837   -1.181  -8.969  1.00 0.67  ? 11 G A "C5'"  1 
ATOM 335  C "C4'"  . G A 1 11 ? 7.604   -0.447  -7.872  1.00 0.62  ? 11 G A "C4'"  1 
ATOM 336  O "O4'"  . G A 1 11 ? 6.702   0.379   -7.132  1.00 0.65  ? 11 G A "O4'"  1 
ATOM 337  C "C3'"  . G A 1 11 ? 8.221   -1.342  -6.816  1.00 0.62  ? 11 G A "C3'"  1 
ATOM 338  O "O3'"  . G A 1 11 ? 9.560   -1.645  -7.234  1.00 0.76  ? 11 G A "O3'"  1 
ATOM 339  C "C2'"  . G A 1 11 ? 8.343   -0.417  -5.607  1.00 0.68  ? 11 G A "C2'"  1 
ATOM 340  O "O2'"  . G A 1 11 ? 9.572   0.312   -5.658  1.00 0.89  ? 11 G A "O2'"  1 
ATOM 341  C "C1'"  . G A 1 11 ? 7.151   0.528   -5.774  1.00 0.64  ? 11 G A "C1'"  1 
ATOM 342  N N9     . G A 1 11 ? 6.048   0.196   -4.848  1.00 0.54  ? 11 G A N9     1 
ATOM 343  C C8     . G A 1 11 ? 4.899   -0.513  -5.092  1.00 0.59  ? 11 G A C8     1 
ATOM 344  N N7     . G A 1 11 ? 4.124   -0.632  -4.052  1.00 0.52  ? 11 G A N7     1 
ATOM 345  C C5     . G A 1 11 ? 4.803   0.041   -3.047  1.00 0.43  ? 11 G A C5     1 
ATOM 346  C C6     . G A 1 11 ? 4.447   0.246   -1.688  1.00 0.42  ? 11 G A C6     1 
ATOM 347  O O6     . G A 1 11 ? 3.441   -0.142  -1.095  1.00 0.47  ? 11 G A O6     1 
ATOM 348  N N1     . G A 1 11 ? 5.407   0.976   -1.014  1.00 0.40  ? 11 G A N1     1 
ATOM 349  C C2     . G A 1 11 ? 6.571   1.454   -1.565  1.00 0.36  ? 11 G A C2     1 
ATOM 350  N N2     . G A 1 11 ? 7.384   2.133   -0.755  1.00 0.39  ? 11 G A N2     1 
ATOM 351  N N3     . G A 1 11 ? 6.919   1.270   -2.842  1.00 0.38  ? 11 G A N3     1 
ATOM 352  C C4     . G A 1 11 ? 5.987   0.555   -3.521  1.00 0.43  ? 11 G A C4     1 
ATOM 353  H "H5'"  . G A 1 11 ? 7.546   -1.552  -9.710  1.00 1.07  ? 11 G A "H5'"  1 
ATOM 354  H "H5''" . G A 1 11 ? 6.308   -2.026  -8.530  1.00 1.15  ? 11 G A "H5''" 1 
ATOM 355  H "H4'"  . G A 1 11 ? 8.366   0.183   -8.333  1.00 0.71  ? 11 G A "H4'"  1 
ATOM 356  H "H3'"  . G A 1 11 ? 7.638   -2.240  -6.620  1.00 0.61  ? 11 G A "H3'"  1 
ATOM 357  H "H2'"  . G A 1 11 ? 8.258   -0.976  -4.677  1.00 0.70  ? 11 G A "H2'"  1 
ATOM 358  H "HO2'" . G A 1 11 ? 10.278  -0.326  -5.781  1.00 1.18  ? 11 G A "HO2'" 1 
ATOM 359  H "H1'"  . G A 1 11 ? 7.454   1.562   -5.610  1.00 0.80  ? 11 G A "H1'"  1 
ATOM 360  H H8     . G A 1 11 ? 4.665   -0.953  -6.056  1.00 0.69  ? 11 G A H8     1 
ATOM 361  H H1     . G A 1 11 ? 5.233   1.169   -0.041  1.00 0.46  ? 11 G A H1     1 
ATOM 362  H H21    . G A 1 11 ? 7.161   2.219   0.228   1.00 0.45  ? 11 G A H21    1 
ATOM 363  H H22    . G A 1 11 ? 8.223   2.559   -1.123  1.00 0.39  ? 11 G A H22    1 
ATOM 364  P P      . U A 1 12 ? 9.911   -2.982  -8.073  1.00 1.13  ? 12 U A P      1 
ATOM 365  O OP1    . U A 1 12 ? 11.350  -3.273  -7.889  1.00 1.63  ? 12 U A OP1    1 
ATOM 366  O OP2    . U A 1 12 ? 9.362   -2.823  -9.438  1.00 1.50  ? 12 U A OP2    1 
ATOM 367  O "O5'"  . U A 1 12 ? 9.067   -4.138  -7.325  1.00 0.93  ? 12 U A "O5'"  1 
ATOM 368  C "C5'"  . U A 1 12 ? 9.454   -4.627  -6.035  1.00 0.81  ? 12 U A "C5'"  1 
ATOM 369  C "C4'"  . U A 1 12 ? 8.603   -3.977  -4.942  1.00 0.71  ? 12 U A "C4'"  1 
ATOM 370  O "O4'"  . U A 1 12 ? 7.364   -3.573  -5.543  1.00 0.61  ? 12 U A "O4'"  1 
ATOM 371  C "C3'"  . U A 1 12 ? 8.187   -4.876  -3.778  1.00 0.70  ? 12 U A "C3'"  1 
ATOM 372  O "O3'"  . U A 1 12 ? 9.084   -4.606  -2.696  1.00 0.82  ? 12 U A "O3'"  1 
ATOM 373  C "C2'"  . U A 1 12 ? 6.831   -4.319  -3.368  1.00 0.63  ? 12 U A "C2'"  1 
ATOM 374  O "O2'"  . U A 1 12 ? 6.994   -3.187  -2.507  1.00 0.69  ? 12 U A "O2'"  1 
ATOM 375  C "C1'"  . U A 1 12 ? 6.242   -3.889  -4.704  1.00 0.57  ? 12 U A "C1'"  1 
ATOM 376  N N1     . U A 1 12 ? 5.457   -4.972  -5.344  1.00 0.59  ? 12 U A N1     1 
ATOM 377  C C2     . U A 1 12 ? 4.304   -5.394  -4.705  1.00 0.62  ? 12 U A C2     1 
ATOM 378  O O2     . U A 1 12 ? 3.914   -4.900  -3.647  1.00 0.63  ? 12 U A O2     1 
ATOM 379  N N3     . U A 1 12 ? 3.603   -6.412  -5.326  1.00 0.72  ? 12 U A N3     1 
ATOM 380  C C4     . U A 1 12 ? 3.950   -7.035  -6.511  1.00 0.78  ? 12 U A C4     1 
ATOM 381  O O4     . U A 1 12 ? 3.242   -7.932  -6.964  1.00 0.90  ? 12 U A O4     1 
ATOM 382  C C5     . U A 1 12 ? 5.164   -6.541  -7.118  1.00 0.76  ? 12 U A C5     1 
ATOM 383  C C6     . U A 1 12 ? 5.866   -5.542  -6.524  1.00 0.67  ? 12 U A C6     1 
ATOM 384  H "H5'"  . U A 1 12 ? 10.508  -4.396  -5.863  1.00 0.89  ? 12 U A "H5'"  1 
ATOM 385  H "H5''" . U A 1 12 ? 9.319   -5.707  -6.011  1.00 0.80  ? 12 U A "H5''" 1 
ATOM 386  H "H4'"  . U A 1 12 ? 9.126   -3.096  -4.575  1.00 0.77  ? 12 U A "H4'"  1 
ATOM 387  H "H3'"  . U A 1 12 ? 8.159   -5.937  -4.028  1.00 0.70  ? 12 U A "H3'"  1 
ATOM 388  H "H2'"  . U A 1 12 ? 6.217   -5.083  -2.898  1.00 0.66  ? 12 U A "H2'"  1 
ATOM 389  H "HO2'" . U A 1 12 ? 7.865   -2.823  -2.676  1.00 1.05  ? 12 U A "HO2'" 1 
ATOM 390  H "H1'"  . U A 1 12 ? 5.614   -3.006  -4.590  1.00 0.55  ? 12 U A "H1'"  1 
ATOM 391  H H3     . U A 1 12 ? 2.760   -6.732  -4.871  1.00 0.78  ? 12 U A H3     1 
ATOM 392  H H5     . U A 1 12 ? 5.517   -6.971  -8.055  1.00 0.86  ? 12 U A H5     1 
ATOM 393  H H6     . U A 1 12 ? 6.779   -5.182  -6.997  1.00 0.71  ? 12 U A H6     1 
ATOM 394  P P      . C A 1 13 ? 9.531   -5.777  -1.683  1.00 0.91  ? 13 C A P      1 
ATOM 395  O OP1    . C A 1 13 ? 10.651  -5.272  -0.858  1.00 1.08  ? 13 C A OP1    1 
ATOM 396  O OP2    . C A 1 13 ? 9.692   -7.025  -2.461  1.00 0.90  ? 13 C A OP2    1 
ATOM 397  O "O5'"  . C A 1 13 ? 8.238   -5.938  -0.730  1.00 0.89  ? 13 C A "O5'"  1 
ATOM 398  C "C5'"  . C A 1 13 ? 7.627   -4.790  -0.133  1.00 0.94  ? 13 C A "C5'"  1 
ATOM 399  C "C4'"  . C A 1 13 ? 6.209   -5.081  0.346   1.00 0.98  ? 13 C A "C4'"  1 
ATOM 400  O "O4'"  . C A 1 13 ? 5.344   -5.253  -0.781  1.00 0.84  ? 13 C A "O4'"  1 
ATOM 401  C "C3'"  . C A 1 13 ? 6.023   -6.369  1.119   1.00 1.11  ? 13 C A "C3'"  1 
ATOM 402  O "O3'"  . C A 1 13 ? 6.304   -6.091  2.495   1.00 1.38  ? 13 C A "O3'"  1 
ATOM 403  C "C2'"  . C A 1 13 ? 4.524   -6.586  0.997   1.00 1.16  ? 13 C A "C2'"  1 
ATOM 404  O "O2'"  . C A 1 13 ? 3.819   -5.741  1.908   1.00 1.39  ? 13 C A "O2'"  1 
ATOM 405  C "C1'"  . C A 1 13 ? 4.270   -6.152  -0.447  1.00 0.92  ? 13 C A "C1'"  1 
ATOM 406  N N1     . C A 1 13 ? 4.296   -7.299  -1.383  1.00 0.79  ? 13 C A N1     1 
ATOM 407  C C2     . C A 1 13 ? 3.111   -7.993  -1.596  1.00 0.85  ? 13 C A C2     1 
ATOM 408  O O2     . C A 1 13 ? 2.083   -7.654  -1.015  1.00 0.99  ? 13 C A O2     1 
ATOM 409  N N3     . C A 1 13 ? 3.121   -9.054  -2.447  1.00 0.86  ? 13 C A N3     1 
ATOM 410  C C4     . C A 1 13 ? 4.247   -9.424  -3.068  1.00 0.87  ? 13 C A C4     1 
ATOM 411  N N4     . C A 1 13 ? 4.190   -10.478 -3.882  1.00 1.03  ? 13 C A N4     1 
ATOM 412  C C5     . C A 1 13 ? 5.470   -8.715  -2.855  1.00 0.82  ? 13 C A C5     1 
ATOM 413  C C6     . C A 1 13 ? 5.451   -7.667  -2.011  1.00 0.75  ? 13 C A C6     1 
ATOM 414  H "H5'"  . C A 1 13 ? 7.596   -3.984  -0.864  1.00 0.91  ? 13 C A "H5'"  1 
ATOM 415  H "H5''" . C A 1 13 ? 8.222   -4.467  0.720   1.00 1.06  ? 13 C A "H5''" 1 
ATOM 416  H "H4'"  . C A 1 13 ? 5.860   -4.235  0.933   1.00 1.13  ? 13 C A "H4'"  1 
ATOM 417  H "H3'"  . C A 1 13 ? 6.617   -7.200  0.738   1.00 1.08  ? 13 C A "H3'"  1 
ATOM 418  H "H2'"  . C A 1 13 ? 4.260   -7.629  1.140   1.00 1.23  ? 13 C A "H2'"  1 
ATOM 419  H "HO2'" . C A 1 13 ? 4.449   -5.443  2.569   1.00 1.53  ? 13 C A "HO2'" 1 
ATOM 420  H "H1'"  . C A 1 13 ? 3.320   -5.624  -0.533  1.00 1.03  ? 13 C A "H1'"  1 
ATOM 421  H H41    . C A 1 13 ? 3.323   -10.986 -3.990  1.00 1.11  ? 13 C A H41    1 
ATOM 422  H H42    . C A 1 13 ? 5.014   -10.768 -4.389  1.00 1.13  ? 13 C A H42    1 
ATOM 423  H H5     . C A 1 13 ? 6.394   -9.005  -3.357  1.00 0.92  ? 13 C A H5     1 
ATOM 424  H H6     . C A 1 13 ? 6.370   -7.115  -1.817  1.00 0.77  ? 13 C A H6     1 
ATOM 425  P P      . C A 1 14 ? 7.173   -7.122  3.377   1.00 1.61  ? 14 C A P      1 
ATOM 426  O OP1    . C A 1 14 ? 7.701   -6.392  4.551   1.00 1.79  ? 14 C A OP1    1 
ATOM 427  O OP2    . C A 1 14 ? 8.102   -7.837  2.474   1.00 1.57  ? 14 C A OP2    1 
ATOM 428  O "O5'"  . C A 1 14 ? 6.064   -8.171  3.892   1.00 1.85  ? 14 C A "O5'"  1 
ATOM 429  C "C5'"  . C A 1 14 ? 4.997   -7.738  4.739   1.00 2.12  ? 14 C A "C5'"  1 
ATOM 430  C "C4'"  . C A 1 14 ? 3.825   -8.715  4.721   1.00 2.36  ? 14 C A "C4'"  1 
ATOM 431  O "O4'"  . C A 1 14 ? 3.233   -8.741  3.419   1.00 2.07  ? 14 C A "O4'"  1 
ATOM 432  C "C3'"  . C A 1 14 ? 4.186   -10.167 4.952   1.00 2.61  ? 14 C A "C3'"  1 
ATOM 433  O "O3'"  . C A 1 14 ? 4.204   -10.394 6.362   1.00 3.06  ? 14 C A "O3'"  1 
ATOM 434  C "C2'"  . C A 1 14 ? 2.974   -10.891 4.390   1.00 2.68  ? 14 C A "C2'"  1 
ATOM 435  O "O2'"  . C A 1 14 ? 1.897   -10.876 5.330   1.00 3.05  ? 14 C A "O2'"  1 
ATOM 436  C "C1'"  . C A 1 14 ? 2.637   -10.032 3.171   1.00 2.22  ? 14 C A "C1'"  1 
ATOM 437  N N1     . C A 1 14 ? 3.206   -10.593 1.922   1.00 1.93  ? 14 C A N1     1 
ATOM 438  C C2     . C A 1 14 ? 2.428   -11.484 1.189   1.00 2.01  ? 14 C A C2     1 
ATOM 439  O O2     . C A 1 14 ? 1.308   -11.803 1.587   1.00 2.27  ? 14 C A O2     1 
ATOM 440  N N3     . C A 1 14 ? 2.937   -12.002 0.037   1.00 1.89  ? 14 C A N3     1 
ATOM 441  C C4     . C A 1 14 ? 4.161   -11.661 -0.383  1.00 1.73  ? 14 C A C4     1 
ATOM 442  N N4     . C A 1 14 ? 4.602   -12.202 -1.520  1.00 1.83  ? 14 C A N4     1 
ATOM 443  C C5     . C A 1 14 ? 4.969   -10.747 0.364   1.00 1.61  ? 14 C A C5     1 
ATOM 444  C C6     . C A 1 14 ? 4.457   -10.241 1.504   1.00 1.69  ? 14 C A C6     1 
ATOM 445  H "H5'"  . C A 1 14 ? 4.650   -6.762  4.400   1.00 2.02  ? 14 C A "H5'"  1 
ATOM 446  H "H5''" . C A 1 14 ? 5.368   -7.647  5.760   1.00 2.35  ? 14 C A "H5''" 1 
ATOM 447  H "H4'"  . C A 1 14 ? 3.079   -8.385  5.445   1.00 2.62  ? 14 C A "H4'"  1 
ATOM 448  H "H3'"  . C A 1 14 ? 5.123   -10.460 4.481   1.00 2.49  ? 14 C A "H3'"  1 
ATOM 449  H "H2'"  . C A 1 14 ? 3.225   -11.904 4.093   1.00 2.79  ? 14 C A "H2'"  1 
ATOM 450  H "HO2'" . C A 1 14 ? 2.101   -11.523 6.009   1.00 3.31  ? 14 C A "HO2'" 1 
ATOM 451  H "H1'"  . C A 1 14 ? 1.557   -9.914  3.067   1.00 2.31  ? 14 C A "H1'"  1 
ATOM 452  H H41    . C A 1 14 ? 3.990   -12.789 -2.069  1.00 1.97  ? 14 C A H41    1 
ATOM 453  H H42    . C A 1 14 ? 5.546   -12.026 -1.830  1.00 1.84  ? 14 C A H42    1 
ATOM 454  H H5     . C A 1 14 ? 5.967   -10.463 0.031   1.00 1.55  ? 14 C A H5     1 
ATOM 455  H H6     . C A 1 14 ? 5.053   -9.556  2.104   1.00 1.67  ? 14 C A H6     1 
ATOM 456  P P      . C A 1 15 ? 5.235   -11.458 6.991   1.00 3.39  ? 15 C A P      1 
ATOM 457  O OP1    . C A 1 15 ? 5.247   -11.282 8.461   1.00 3.77  ? 15 C A OP1    1 
ATOM 458  O OP2    . C A 1 15 ? 6.502   -11.385 6.228   1.00 3.15  ? 15 C A OP2    1 
ATOM 459  O "O5'"  . C A 1 15 ? 4.520   -12.860 6.653   1.00 3.68  ? 15 C A "O5'"  1 
ATOM 460  C "C5'"  . C A 1 15 ? 3.403   -13.300 7.428   1.00 4.05  ? 15 C A "C5'"  1 
ATOM 461  C "C4'"  . C A 1 15 ? 2.552   -14.325 6.684   1.00 4.19  ? 15 C A "C4'"  1 
ATOM 462  O "O4'"  . C A 1 15 ? 2.311   -13.885 5.346   1.00 3.70  ? 15 C A "O4'"  1 
ATOM 463  C "C3'"  . C A 1 15 ? 3.191   -15.679 6.478   1.00 4.47  ? 15 C A "C3'"  1 
ATOM 464  O "O3'"  . C A 1 15 ? 2.943   -16.455 7.652   1.00 5.09  ? 15 C A "O3'"  1 
ATOM 465  C "C2'"  . C A 1 15 ? 2.342   -16.257 5.355   1.00 4.39  ? 15 C A "C2'"  1 
ATOM 466  O "O2'"  . C A 1 15 ? 1.108   -16.763 5.872   1.00 4.78  ? 15 C A "O2'"  1 
ATOM 467  C "C1'"  . C A 1 15 ? 2.094   -15.022 4.487   1.00 3.77  ? 15 C A "C1'"  1 
ATOM 468  N N1     . C A 1 15 ? 3.032   -14.949 3.341   1.00 3.41  ? 15 C A N1     1 
ATOM 469  C C2     . C A 1 15 ? 2.668   -15.581 2.154   1.00 3.39  ? 15 C A C2     1 
ATOM 470  O O2     . C A 1 15 ? 1.606   -16.198 2.078   1.00 3.61  ? 15 C A O2     1 
ATOM 471  N N3     . C A 1 15 ? 3.517   -15.513 1.092   1.00 3.24  ? 15 C A N3     1 
ATOM 472  C C4     . C A 1 15 ? 4.677   -14.853 1.183   1.00 3.08  ? 15 C A C4     1 
ATOM 473  N N4     . C A 1 15 ? 5.459   -14.817 0.103   1.00 3.11  ? 15 C A N4     1 
ATOM 474  C C5     . C A 1 15 ? 5.061   -14.204 2.398   1.00 3.03  ? 15 C A C5     1 
ATOM 475  C C6     . C A 1 15 ? 4.216   -14.276 3.445   1.00 3.21  ? 15 C A C6     1 
ATOM 476  H "H5'"  . C A 1 15 ? 2.784   -12.438 7.675   1.00 3.93  ? 15 C A "H5'"  1 
ATOM 477  H "H5''" . C A 1 15 ? 3.769   -13.748 8.353   1.00 4.44  ? 15 C A "H5''" 1 
ATOM 478  H "H4'"  . C A 1 15 ? 1.597   -14.428 7.199   1.00 4.50  ? 15 C A "H4'"  1 
ATOM 479  H "H3'"  . C A 1 15 ? 4.254   -15.627 6.237   1.00 4.35  ? 15 C A "H3'"  1 
ATOM 480  H "H2'"  . C A 1 15 ? 2.881   -17.019 4.801   1.00 4.48  ? 15 C A "H2'"  1 
ATOM 481  H "HO2'" . C A 1 15 ? 0.769   -17.395 5.233   1.00 5.16  ? 15 C A "HO2'" 1 
ATOM 482  H "H1'"  . C A 1 15 ? 1.067   -15.005 4.123   1.00 3.75  ? 15 C A "H1'"  1 
ATOM 483  H H41    . C A 1 15 ? 5.144   -15.229 -0.763  1.00 3.25  ? 15 C A H41    1 
ATOM 484  H H42    . C A 1 15 ? 6.366   -14.375 0.152   1.00 3.07  ? 15 C A H42    1 
ATOM 485  H H5     . C A 1 15 ? 6.005   -13.667 2.484   1.00 2.95  ? 15 C A H5     1 
ATOM 486  H H6     . C A 1 15 ? 4.486   -13.803 4.389   1.00 3.28  ? 15 C A H6     1 
ATOM 487  P P      . A A 1 16 ? 4.098   -17.396 8.261   1.00 5.54  ? 16 A A P      1 
ATOM 488  O OP1    . A A 1 16 ? 3.790   -17.647 9.687   1.00 6.07  ? 16 A A OP1    1 
ATOM 489  O OP2    . A A 1 16 ? 5.411   -16.827 7.879   1.00 5.25  ? 16 A A OP2    1 
ATOM 490  O "O5'"  . A A 1 16 ? 3.888   -18.772 7.452   1.00 5.79  ? 16 A A "O5'"  1 
ATOM 491  C "C5'"  . A A 1 16 ? 2.704   -19.548 7.647   1.00 6.20  ? 16 A A "C5'"  1 
ATOM 492  C "C4'"  . A A 1 16 ? 2.492   -20.550 6.519   1.00 6.26  ? 16 A A "C4'"  1 
ATOM 493  O "O4'"  . A A 1 16 ? 2.336   -19.853 5.276   1.00 5.63  ? 16 A A "O4'"  1 
ATOM 494  C "C3'"  . A A 1 16 ? 3.661   -21.476 6.258   1.00 6.58  ? 16 A A "C3'"  1 
ATOM 495  O "O3'"  . A A 1 16 ? 3.494   -22.625 7.089   1.00 7.29  ? 16 A A "O3'"  1 
ATOM 496  C "C2'"  . A A 1 16 ? 3.418   -21.911 4.823   1.00 6.37  ? 16 A A "C2'"  1 
ATOM 497  O "O2'"  . A A 1 16 ? 2.413   -22.927 4.765   1.00 6.75  ? 16 A A "O2'"  1 
ATOM 498  C "C1'"  . A A 1 16 ? 2.911   -20.615 4.197   1.00 5.64  ? 16 A A "C1'"  1 
ATOM 499  N N9     . A A 1 16 ? 4.002   -19.833 3.589   1.00 5.25  ? 16 A A N9     1 
ATOM 500  C C8     . A A 1 16 ? 4.744   -18.822 4.143   1.00 5.06  ? 16 A A C8     1 
ATOM 501  N N7     . A A 1 16 ? 5.640   -18.328 3.336   1.00 4.81  ? 16 A A N7     1 
ATOM 502  C C5     . A A 1 16 ? 5.478   -19.064 2.168   1.00 4.87  ? 16 A A C5     1 
ATOM 503  C C6     . A A 1 16 ? 6.129   -19.028 0.927   1.00 4.84  ? 16 A A C6     1 
ATOM 504  N N6     . A A 1 16 ? 7.115   -18.181 0.639   1.00 4.77  ? 16 A A N6     1 
ATOM 505  N N1     . A A 1 16 ? 5.729   -19.895 -0.017  1.00 5.01  ? 16 A A N1     1 
ATOM 506  C C2     . A A 1 16 ? 4.745   -20.740 0.261   1.00 5.15  ? 16 A A C2     1 
ATOM 507  N N3     . A A 1 16 ? 4.053   -20.874 1.383   1.00 5.23  ? 16 A A N3     1 
ATOM 508  C C4     . A A 1 16 ? 4.483   -19.987 2.309   1.00 5.10  ? 16 A A C4     1 
ATOM 509  H "H5'"  . A A 1 16 ? 1.845   -18.880 7.697   1.00 6.04  ? 16 A A "H5'"  1 
ATOM 510  H "H5''" . A A 1 16 ? 2.788   -20.090 8.589   1.00 6.68  ? 16 A A "H5''" 1 
ATOM 511  H "H4'"  . A A 1 16 ? 1.585   -21.122 6.720   1.00 6.58  ? 16 A A "H4'"  1 
ATOM 512  H "H3'"  . A A 1 16 ? 4.630   -21.002 6.408   1.00 6.47  ? 16 A A "H3'"  1 
ATOM 513  H "H2'"  . A A 1 16 ? 4.341   -22.239 4.350   1.00 6.48  ? 16 A A "H2'"  1 
ATOM 514  H "HO2'" . A A 1 16 ? 2.423   -23.286 3.876   1.00 7.21  ? 16 A A "HO2'" 1 
ATOM 515  H "H1'"  . A A 1 16 ? 2.147   -20.817 3.447   1.00 5.50  ? 16 A A "H1'"  1 
ATOM 516  H H8     . A A 1 16 ? 4.609   -18.475 5.167   1.00 5.18  ? 16 A A H8     1 
ATOM 517  H H61    . A A 1 16 ? 7.498   -18.148 -0.295  1.00 4.88  ? 16 A A H61    1 
ATOM 518  H H62    . A A 1 16 ? 7.482   -17.571 1.357   1.00 4.67  ? 16 A A H62    1 
ATOM 519  H H2     . A A 1 16 ? 4.472   -21.422 -0.547  1.00 5.29  ? 16 A A H2     1 
ATOM 520  P P      . C A 1 17 ? 4.782   -23.371 7.697   1.00 7.84  ? 17 C A P      1 
ATOM 521  O OP1    . C A 1 17 ? 4.316   -24.400 8.654   1.00 8.49  ? 17 C A OP1    1 
ATOM 522  O OP2    . C A 1 17 ? 5.754   -22.344 8.132   1.00 7.58  ? 17 C A OP2    1 
ATOM 523  O "O5'"  . C A 1 17 ? 5.383   -24.120 6.405   1.00 7.95  ? 17 C A "O5'"  1 
ATOM 524  C "C5'"  . C A 1 17 ? 4.813   -25.351 5.957   1.00 8.31  ? 17 C A "C5'"  1 
ATOM 525  C "C4'"  . C A 1 17 ? 5.144   -25.633 4.496   1.00 8.26  ? 17 C A "C4'"  1 
ATOM 526  O "O4'"  . C A 1 17 ? 4.990   -24.439 3.725   1.00 7.57  ? 17 C A "O4'"  1 
ATOM 527  C "C3'"  . C A 1 17 ? 6.577   -26.036 4.228   1.00 8.58  ? 17 C A "C3'"  1 
ATOM 528  O "O3'"  . C A 1 17 ? 6.653   -27.456 4.377   1.00 9.30  ? 17 C A "O3'"  1 
ATOM 529  C "C2'"  . C A 1 17 ? 6.731   -25.721 2.746   1.00 8.30  ? 17 C A "C2'"  1 
ATOM 530  O "O2'"  . C A 1 17 ? 6.181   -26.776 1.952   1.00 8.64  ? 17 C A "O2'"  1 
ATOM 531  C "C1'"  . C A 1 17 ? 5.893   -24.447 2.602   1.00 7.54  ? 17 C A "C1'"  1 
ATOM 532  N N1     . C A 1 17 ? 6.718   -23.216 2.651   1.00 7.14  ? 17 C A N1     1 
ATOM 533  C C2     . C A 1 17 ? 7.256   -22.737 1.458   1.00 6.95  ? 17 C A C2     1 
ATOM 534  O O2     . C A 1 17 ? 7.073   -23.345 0.404   1.00 7.12  ? 17 C A O2     1 
ATOM 535  N N3     . C A 1 17 ? 7.992   -21.592 1.487   1.00 6.65  ? 17 C A N3     1 
ATOM 536  C C4     . C A 1 17 ? 8.198   -20.940 2.637   1.00 6.49  ? 17 C A C4     1 
ATOM 537  N N4     . C A 1 17 ? 8.920   -19.821 2.596   1.00 6.23  ? 17 C A N4     1 
ATOM 538  C C5     . C A 1 17 ? 7.654   -21.427 3.868   1.00 6.68  ? 17 C A C5     1 
ATOM 539  C C6     . C A 1 17 ? 6.927   -22.560 3.829   1.00 7.02  ? 17 C A C6     1 
ATOM 540  H "H5'"  . C A 1 17 ? 3.730   -25.302 6.072   1.00 8.13  ? 17 C A "H5'"  1 
ATOM 541  H "H5''" . C A 1 17 ? 5.197   -26.164 6.572   1.00 8.85  ? 17 C A "H5''" 1 
ATOM 542  H "H4'"  . C A 1 17 ? 4.457   -26.389 4.118   1.00 8.53  ? 17 C A "H4'"  1 
ATOM 543  H "H3'"  . C A 1 17 ? 7.299   -25.519 4.859   1.00 8.50  ? 17 C A "H3'"  1 
ATOM 544  H "H2'"  . C A 1 17 ? 7.771   -25.535 2.488   1.00 8.39  ? 17 C A "H2'"  1 
ATOM 545  H "HO2'" . C A 1 17 ? 6.707   -27.561 2.115   1.00 9.04  ? 17 C A "HO2'" 1 
ATOM 546  H "H1'"  . C A 1 17 ? 5.315   -24.466 1.677   1.00 7.35  ? 17 C A "H1'"  1 
ATOM 547  H H41    . C A 1 17 ? 9.235   -19.456 1.707   1.00 6.20  ? 17 C A H41    1 
ATOM 548  H H42    . C A 1 17 ? 9.153   -19.338 3.452   1.00 6.12  ? 17 C A H42    1 
ATOM 549  H H5     . C A 1 17 ? 7.816   -20.902 4.809   1.00 6.60  ? 17 C A H5     1 
ATOM 550  H H6     . C A 1 17 ? 6.506   -22.960 4.751   1.00 7.26  ? 17 C A H6     1 
ATOM 551  P P      . C A 1 18 ? 7.921   -28.129 5.105   1.00 9.89  ? 18 C A P      1 
ATOM 552  O OP1    . C A 1 18 ? 7.693   -29.589 5.187   1.00 10.59 ? 18 C A OP1    1 
ATOM 553  O OP2    . C A 1 18 ? 8.214   -27.358 6.334   1.00 9.61  ? 18 C A OP2    1 
ATOM 554  O "O5'"  . C A 1 18 ? 9.105   -27.863 4.048   1.00 9.98  ? 18 C A "O5'"  1 
ATOM 555  C "C5'"  . C A 1 18 ? 9.485   -28.879 3.118   1.00 10.30 ? 18 C A "C5'"  1 
ATOM 556  C "C4'"  . C A 1 18 ? 10.213  -28.293 1.910   1.00 10.25 ? 18 C A "C4'"  1 
ATOM 557  O "O4'"  . C A 1 18 ? 9.650   -27.024 1.586   1.00 9.59  ? 18 C A "O4'"  1 
ATOM 558  C "C3'"  . C A 1 18 ? 11.682  -27.980 2.136   1.00 10.53 ? 18 C A "C3'"  1 
ATOM 559  O "O3'"  . C A 1 18 ? 12.479  -29.154 1.960   1.00 11.16 ? 18 C A "O3'"  1 
ATOM 560  C "C2'"  . C A 1 18 ? 11.954  -26.972 1.025   1.00 10.29 ? 18 C A "C2'"  1 
ATOM 561  O "O2'"  . C A 1 18 ? 12.213  -27.644 -0.211  1.00 10.69 ? 18 C A "O2'"  1 
ATOM 562  C "C1'"  . C A 1 18 ? 10.634  -26.198 0.946   1.00 9.54  ? 18 C A "C1'"  1 
ATOM 563  N N1     . C A 1 18 ? 10.703  -24.901 1.652   1.00 9.06  ? 18 C A N1     1 
ATOM 564  C C2     . C A 1 18 ? 11.223  -23.813 0.961   1.00 8.79  ? 18 C A C2     1 
ATOM 565  O O2     . C A 1 18 ? 11.615  -23.949 -0.196  1.00 8.96  ? 18 C A O2     1 
ATOM 566  N N3     . C A 1 18 ? 11.290  -22.609 1.592   1.00 8.42  ? 18 C A N3     1 
ATOM 567  C C4     . C A 1 18 ? 10.867  -22.472 2.854   1.00 8.32  ? 18 C A C4     1 
ATOM 568  N N4     . C A 1 18 ? 10.958  -21.266 3.413   1.00 8.04  ? 18 C A N4     1 
ATOM 569  C C5     . C A 1 18 ? 10.334  -23.586 3.574   1.00 8.62  ? 18 C A C5     1 
ATOM 570  C C6     . C A 1 18 ? 10.271  -24.774 2.941   1.00 8.98  ? 18 C A C6     1 
ATOM 571  H "H5'"  . C A 1 18 ? 8.589   -29.401 2.779   1.00 10.14 ? 18 C A "H5'"  1 
ATOM 572  H "H5''" . C A 1 18 ? 10.142  -29.591 3.619   1.00 10.83 ? 18 C A "H5''" 1 
ATOM 573  H "H4'"  . C A 1 18 ? 10.090  -28.965 1.059   1.00 10.54 ? 18 C A "H4'"  1 
ATOM 574  H "H3'"  . C A 1 18 ? 11.841  -27.536 3.120   1.00 10.46 ? 18 C A "H3'"  1 
ATOM 575  H "H2'"  . C A 1 18 ? 12.777  -26.310 1.293   1.00 10.42 ? 18 C A "H2'"  1 
ATOM 576  H "HO2'" . C A 1 18 ? 11.622  -27.271 -0.868  1.00 10.84 ? 18 C A "HO2'" 1 
ATOM 577  H "H1'"  . C A 1 18 ? 10.342  -26.034 -0.094  1.00 9.42  ? 18 C A "H1'"  1 
ATOM 578  H H41    . C A 1 18 ? 11.335  -20.492 2.885   1.00 7.91  ? 18 C A H41    1 
ATOM 579  H H42    . C A 1 18 ? 10.651  -21.126 4.366   1.00 8.02  ? 18 C A H42    1 
ATOM 580  H H5     . C A 1 18 ? 9.990   -23.489 4.603   1.00 8.62  ? 18 C A H5     1 
ATOM 581  H H6     . C A 1 18 ? 9.873   -25.644 3.463   1.00 9.27  ? 18 C A H6     1 
ATOM 582  O "O5'"  . G B 1 1  ? 0.866   18.775  -4.556  1.00 6.09  ? 1  G B "O5'"  1 
ATOM 583  C "C5'"  . G B 1 1  ? 2.181   19.335  -4.499  1.00 6.42  ? 1  G B "C5'"  1 
ATOM 584  C "C4'"  . G B 1 1  ? 2.171   20.730  -3.880  1.00 6.57  ? 1  G B "C4'"  1 
ATOM 585  O "O4'"  . G B 1 1  ? 1.401   21.610  -4.716  1.00 6.77  ? 1  G B "O4'"  1 
ATOM 586  C "C3'"  . G B 1 1  ? 1.506   20.811  -2.511  1.00 6.21  ? 1  G B "C3'"  1 
ATOM 587  O "O3'"  . G B 1 1  ? 2.545   20.836  -1.530  1.00 6.24  ? 1  G B "O3'"  1 
ATOM 588  C "C2'"  . G B 1 1  ? 0.863   22.186  -2.507  1.00 6.49  ? 1  G B "C2'"  1 
ATOM 589  O "O2'"  . G B 1 1  ? 1.822   23.195  -2.185  1.00 6.92  ? 1  G B "O2'"  1 
ATOM 590  C "C1'"  . G B 1 1  ? 0.411   22.311  -3.948  1.00 6.68  ? 1  G B "C1'"  1 
ATOM 591  N N9     . G B 1 1  ? -0.898  21.675  -4.165  1.00 6.37  ? 1  G B N9     1 
ATOM 592  C C8     . G B 1 1  ? -1.170  20.489  -4.782  1.00 6.24  ? 1  G B C8     1 
ATOM 593  N N7     . G B 1 1  ? -2.438  20.183  -4.802  1.00 6.04  ? 1  G B N7     1 
ATOM 594  C C5     . G B 1 1  ? -3.049  21.246  -4.145  1.00 6.02  ? 1  G B C5     1 
ATOM 595  C C6     . G B 1 1  ? -4.422  21.472  -3.858  1.00 5.92  ? 1  G B C6     1 
ATOM 596  O O6     . G B 1 1  ? -5.386  20.762  -4.134  1.00 5.81  ? 1  G B O6     1 
ATOM 597  N N1     . G B 1 1  ? -4.612  22.664  -3.178  1.00 6.07  ? 1  G B N1     1 
ATOM 598  C C2     . G B 1 1  ? -3.610  23.536  -2.818  1.00 6.32  ? 1  G B C2     1 
ATOM 599  N N2     . G B 1 1  ? -3.974  24.636  -2.158  1.00 6.56  ? 1  G B N2     1 
ATOM 600  N N3     . G B 1 1  ? -2.315  23.335  -3.084  1.00 6.42  ? 1  G B N3     1 
ATOM 601  C C4     . G B 1 1  ? -2.112  22.170  -3.749  1.00 6.24  ? 1  G B C4     1 
ATOM 602  H "H5'"  . G B 1 1  ? 2.585   19.398  -5.510  1.00 6.72  ? 1  G B "H5'"  1 
ATOM 603  H "H5''" . G B 1 1  ? 2.818   18.685  -3.901  1.00 6.32  ? 1  G B "H5''" 1 
ATOM 604  H "H4'"  . G B 1 1  ? 3.195   21.100  -3.828  1.00 6.86  ? 1  G B "H4'"  1 
ATOM 605  H "H3'"  . G B 1 1  ? 0.797   20.004  -2.328  1.00 5.87  ? 1  G B "H3'"  1 
ATOM 606  H "H2'"  . G B 1 1  ? 0.010   22.213  -1.835  1.00 6.27  ? 1  G B "H2'"  1 
ATOM 607  H "HO2'" . G B 1 1  ? 2.136   23.017  -1.295  1.00 6.86  ? 1  G B "HO2'" 1 
ATOM 608  H "H1'"  . G B 1 1  ? 0.373   23.353  -4.263  1.00 7.06  ? 1  G B "H1'"  1 
ATOM 609  H H8     . G B 1 1  ? -0.395  19.851  -5.199  1.00 6.35  ? 1  G B H8     1 
ATOM 610  H H1     . G B 1 1  ? -5.561  22.907  -2.932  1.00 6.06  ? 1  G B H1     1 
ATOM 611  H H21    . G B 1 1  ? -4.939  24.767  -1.887  1.00 6.54  ? 1  G B H21    1 
ATOM 612  H H22    . G B 1 1  ? -3.286  25.338  -1.928  1.00 6.81  ? 1  G B H22    1 
ATOM 613  H "HO5'" . G B 1 1  ? 0.961   17.847  -4.782  1.00 6.10  ? 1  G B "HO5'" 1 
ATOM 614  P P      . G B 1 2  ? 2.328   20.128  -0.099  1.00 5.81  ? 2  G B P      1 
ATOM 615  O OP1    . G B 1 2  ? 3.571   20.288  0.688   1.00 6.00  ? 2  G B OP1    1 
ATOM 616  O OP2    . G B 1 2  ? 1.770   18.776  -0.330  1.00 5.46  ? 2  G B OP2    1 
ATOM 617  O "O5'"  . G B 1 2  ? 1.183   21.038  0.579   1.00 5.69  ? 2  G B "O5'"  1 
ATOM 618  C "C5'"  . G B 1 2  ? 1.526   22.015  1.565   1.00 6.05  ? 2  G B "C5'"  1 
ATOM 619  C "C4'"  . G B 1 2  ? 0.370   22.979  1.836   1.00 6.04  ? 2  G B "C4'"  1 
ATOM 620  O "O4'"  . G B 1 2  ? -0.386  23.176  0.636   1.00 6.08  ? 2  G B "O4'"  1 
ATOM 621  C "C3'"  . G B 1 2  ? -0.661  22.478  2.831   1.00 5.61  ? 2  G B "C3'"  1 
ATOM 622  O "O3'"  . G B 1 2  ? -0.245  22.901  4.131   1.00 5.71  ? 2  G B "O3'"  1 
ATOM 623  C "C2'"  . G B 1 2  ? -1.890  23.289  2.461   1.00 5.70  ? 2  G B "C2'"  1 
ATOM 624  O "O2'"  . G B 1 2  ? -1.799  24.613  2.990   1.00 6.10  ? 2  G B "O2'"  1 
ATOM 625  C "C1'"  . G B 1 2  ? -1.788  23.310  0.937   1.00 5.87  ? 2  G B "C1'"  1 
ATOM 626  N N9     . G B 1 2  ? -2.519  22.189  0.316   1.00 5.50  ? 2  G B N9     1 
ATOM 627  C C8     . G B 1 2  ? -2.015  21.034  -0.226  1.00 5.32  ? 2  G B C8     1 
ATOM 628  N N7     . G B 1 2  ? -2.930  20.236  -0.700  1.00 5.03  ? 2  G B N7     1 
ATOM 629  C C5     . G B 1 2  ? -4.123  20.905  -0.453  1.00 5.02  ? 2  G B C5     1 
ATOM 630  C C6     . G B 1 2  ? -5.460  20.522  -0.749  1.00 4.83  ? 2  G B C6     1 
ATOM 631  O O6     . G B 1 2  ? -5.853  19.498  -1.302  1.00 4.60  ? 2  G B O6     1 
ATOM 632  N N1     . G B 1 2  ? -6.370  21.480  -0.335  1.00 5.00  ? 2  G B N1     1 
ATOM 633  C C2     . G B 1 2  ? -6.043  22.664  0.288   1.00 5.30  ? 2  G B C2     1 
ATOM 634  N N2     . G B 1 2  ? -7.052  23.470  0.624   1.00 5.48  ? 2  G B N2     1 
ATOM 635  N N3     . G B 1 2  ? -4.790  23.034  0.570   1.00 5.46  ? 2  G B N3     1 
ATOM 636  C C4     . G B 1 2  ? -3.884  22.106  0.171   1.00 5.31  ? 2  G B C4     1 
ATOM 637  H "H5'"  . G B 1 2  ? 2.392   22.581  1.217   1.00 6.39  ? 2  G B "H5'"  1 
ATOM 638  H "H5''" . G B 1 2  ? 1.785   21.504  2.491   1.00 6.05  ? 2  G B "H5''" 1 
ATOM 639  H "H4'"  . G B 1 2  ? 0.774   23.940  2.161   1.00 6.38  ? 2  G B "H4'"  1 
ATOM 640  H "H3'"  . G B 1 2  ? -0.821  21.401  2.784   1.00 5.28  ? 2  G B "H3'"  1 
ATOM 641  H "H2'"  . G B 1 2  ? -2.802  22.794  2.785   1.00 5.39  ? 2  G B "H2'"  1 
ATOM 642  H "HO2'" . G B 1 2  ? -1.763  24.537  3.946   1.00 6.03  ? 2  G B "HO2'" 1 
ATOM 643  H "H1'"  . G B 1 2  ? -2.158  24.252  0.535   1.00 6.17  ? 2  G B "H1'"  1 
ATOM 644  H H8     . G B 1 2  ? -0.951  20.802  -0.248  1.00 5.46  ? 2  G B H8     1 
ATOM 645  H H1     . G B 1 2  ? -7.348  21.289  -0.505  1.00 4.94  ? 2  G B H1     1 
ATOM 646  H H21    . G B 1 2  ? -8.008  23.170  0.486   1.00 5.42  ? 2  G B H21    1 
ATOM 647  H H22    . G B 1 2  ? -6.861  24.381  1.018   1.00 5.73  ? 2  G B H22    1 
ATOM 648  P P      . U B 1 3  ? -0.440  21.931  5.401   1.00 5.33  ? 3  U B P      1 
ATOM 649  O OP1    . U B 1 3  ? 0.253   22.539  6.559   1.00 5.60  ? 3  U B OP1    1 
ATOM 650  O OP2    . U B 1 3  ? -0.109  20.550  4.985   1.00 5.05  ? 3  U B OP2    1 
ATOM 651  O "O5'"  . U B 1 3  ? -2.027  22.013  5.664   1.00 5.08  ? 3  U B "O5'"  1 
ATOM 652  C "C5'"  . U B 1 3  ? -2.575  23.094  6.422   1.00 5.32  ? 3  U B "C5'"  1 
ATOM 653  C "C4'"  . U B 1 3  ? -4.082  23.221  6.224   1.00 5.15  ? 3  U B "C4'"  1 
ATOM 654  O "O4'"  . U B 1 3  ? -4.391  23.217  4.827   1.00 5.16  ? 3  U B "O4'"  1 
ATOM 655  C "C3'"  . U B 1 3  ? -4.902  22.067  6.758   1.00 4.70  ? 3  U B "C3'"  1 
ATOM 656  O "O3'"  . U B 1 3  ? -5.177  22.332  8.135   1.00 4.74  ? 3  U B "O3'"  1 
ATOM 657  C "C2'"  . U B 1 3  ? -6.202  22.228  5.990   1.00 4.64  ? 3  U B "C2'"  1 
ATOM 658  O "O2'"  . U B 1 3  ? -6.991  23.281  6.549   1.00 4.91  ? 3  U B "O2'"  1 
ATOM 659  C "C1'"  . U B 1 3  ? -5.685  22.618  4.605   1.00 4.85  ? 3  U B "C1'"  1 
ATOM 660  N N1     . U B 1 3  ? -5.520  21.441  3.722   1.00 4.54  ? 3  U B N1     1 
ATOM 661  C C2     . U B 1 3  ? -6.619  21.025  2.983   1.00 4.36  ? 3  U B C2     1 
ATOM 662  O O2     . U B 1 3  ? -7.710  21.586  3.048   1.00 4.49  ? 3  U B O2     1 
ATOM 663  N N3     . U B 1 3  ? -6.421  19.924  2.173   1.00 4.10  ? 3  U B N3     1 
ATOM 664  C C4     . U B 1 3  ? -5.244  19.213  2.036   1.00 4.01  ? 3  U B C4     1 
ATOM 665  O O4     . U B 1 3  ? -5.195  18.248  1.277   1.00 3.82  ? 3  U B O4     1 
ATOM 666  C C5     . U B 1 3  ? -4.147  19.705  2.838   1.00 4.25  ? 3  U B C5     1 
ATOM 667  C C6     . U B 1 3  ? -4.319  20.784  3.642   1.00 4.49  ? 3  U B C6     1 
ATOM 668  H "H5'"  . U B 1 3  ? -2.097  24.023  6.110   1.00 5.66  ? 3  U B "H5'"  1 
ATOM 669  H "H5''" . U B 1 3  ? -2.369  22.927  7.479   1.00 5.34  ? 3  U B "H5''" 1 
ATOM 670  H "H4'"  . U B 1 3  ? -4.416  24.163  6.658   1.00 5.38  ? 3  U B "H4'"  1 
ATOM 671  H "H3'"  . U B 1 3  ? -4.429  21.096  6.614   1.00 4.48  ? 3  U B "H3'"  1 
ATOM 672  H "H2'"  . U B 1 3  ? -6.758  21.293  5.953   1.00 4.33  ? 3  U B "H2'"  1 
ATOM 673  H "HO2'" . U B 1 3  ? -7.412  22.934  7.339   1.00 4.85  ? 3  U B "HO2'" 1 
ATOM 674  H "H1'"  . U B 1 3  ? -6.342  23.350  4.131   1.00 5.05  ? 3  U B "H1'"  1 
ATOM 675  H H3     . U B 1 3  ? -7.211  19.612  1.626   1.00 4.01  ? 3  U B H3     1 
ATOM 676  H H5     . U B 1 3  ? -3.178  19.207  2.797   1.00 4.27  ? 3  U B H5     1 
ATOM 677  H H6     . U B 1 3  ? -3.483  21.133  4.247   1.00 4.70  ? 3  U B H6     1 
ATOM 678  P P      . G B 1 4  ? -5.062  21.152  9.225   1.00 4.44  ? 4  G B P      1 
ATOM 679  O OP1    . G B 1 4  ? -5.233  21.744  10.570  1.00 4.66  ? 4  G B OP1    1 
ATOM 680  O OP2    . G B 1 4  ? -3.853  20.355  8.918   1.00 4.34  ? 4  G B OP2    1 
ATOM 681  O "O5'"  . G B 1 4  ? -6.356  20.250  8.901   1.00 4.08  ? 4  G B "O5'"  1 
ATOM 682  C "C5'"  . G B 1 4  ? -7.640  20.632  9.400   1.00 4.15  ? 4  G B "C5'"  1 
ATOM 683  C "C4'"  . G B 1 4  ? -8.766  19.828  8.758   1.00 3.92  ? 4  G B "C4'"  1 
ATOM 684  O "O4'"  . G B 1 4  ? -8.722  19.980  7.336   1.00 3.92  ? 4  G B "O4'"  1 
ATOM 685  C "C3'"  . G B 1 4  ? -8.679  18.327  8.937   1.00 3.55  ? 4  G B "C3'"  1 
ATOM 686  O "O3'"  . G B 1 4  ? -9.302  17.997  10.180  1.00 3.55  ? 4  G B "O3'"  1 
ATOM 687  C "C2'"  . G B 1 4  ? -9.584  17.827  7.827   1.00 3.43  ? 4  G B "C2'"  1 
ATOM 688  O "O2'"  . G B 1 4  ? -10.958 17.962  8.198   1.00 3.57  ? 4  G B "O2'"  1 
ATOM 689  C "C1'"  . G B 1 4  ? -9.235  18.794  6.695   1.00 3.63  ? 4  G B "C1'"  1 
ATOM 690  N N9     . G B 1 4  ? -8.198  18.241  5.802   1.00 3.44  ? 4  G B N9     1 
ATOM 691  C C8     . G B 1 4  ? -6.842  18.449  5.827   1.00 3.52  ? 4  G B C8     1 
ATOM 692  N N7     . G B 1 4  ? -6.196  17.796  4.901   1.00 3.33  ? 4  G B N7     1 
ATOM 693  C C5     . G B 1 4  ? -7.192  17.108  4.216   1.00 3.11  ? 4  G B C5     1 
ATOM 694  C C6     . G B 1 4  ? -7.092  16.228  3.103   1.00 2.91  ? 4  G B C6     1 
ATOM 695  O O6     . G B 1 4  ? -6.084  15.884  2.492   1.00 2.83  ? 4  G B O6     1 
ATOM 696  N N1     . G B 1 4  ? -8.335  15.746  2.720   1.00 2.86  ? 4  G B N1     1 
ATOM 697  C C2     . G B 1 4  ? -9.528  16.067  3.328   1.00 3.00  ? 4  G B C2     1 
ATOM 698  N N2     . G B 1 4  ? -10.632 15.506  2.829   1.00 3.04  ? 4  G B N2     1 
ATOM 699  N N3     . G B 1 4  ? -9.632  16.893  4.372   1.00 3.15  ? 4  G B N3     1 
ATOM 700  C C4     . G B 1 4  ? -8.425  17.374  4.761   1.00 3.20  ? 4  G B C4     1 
ATOM 701  H "H5'"  . G B 1 4  ? -7.798  21.691  9.194   1.00 4.43  ? 4  G B "H5'"  1 
ATOM 702  H "H5''" . G B 1 4  ? -7.662  20.474  10.478  1.00 4.16  ? 4  G B "H5''" 1 
ATOM 703  H "H4'"  . G B 1 4  ? -9.720  20.202  9.126   1.00 4.05  ? 4  G B "H4'"  1 
ATOM 704  H "H3'"  . G B 1 4  ? -7.661  17.940  8.875   1.00 3.44  ? 4  G B "H3'"  1 
ATOM 705  H "H2'"  . G B 1 4  ? -9.346  16.801  7.555   1.00 3.19  ? 4  G B "H2'"  1 
ATOM 706  H "HO2'" . G B 1 4  ? -11.169 17.234  8.786   1.00 3.48  ? 4  G B "HO2'" 1 
ATOM 707  H "H1'"  . G B 1 4  ? -10.118 19.049  6.111   1.00 3.74  ? 4  G B "H1'"  1 
ATOM 708  H H8     . G B 1 4  ? -6.350  19.086  6.561   1.00 3.75  ? 4  G B H8     1 
ATOM 709  H H1     . G B 1 4  ? -8.359  15.112  1.934   1.00 2.78  ? 4  G B H1     1 
ATOM 710  H H21    . G B 1 4  ? -10.562 14.812  2.097   1.00 2.99  ? 4  G B H21    1 
ATOM 711  H H22    . G B 1 4  ? -11.537 15.770  3.189   1.00 3.17  ? 4  G B H22    1 
ATOM 712  P P      . G B 1 5  ? -8.739  16.776  11.065  1.00 3.34  ? 5  G B P      1 
ATOM 713  O OP1    . G B 1 5  ? -9.400  16.819  12.388  1.00 3.52  ? 5  G B OP1    1 
ATOM 714  O OP2    . G B 1 5  ? -7.263  16.779  10.976  1.00 3.29  ? 5  G B OP2    1 
ATOM 715  O "O5'"  . G B 1 5  ? -9.290  15.489  10.267  1.00 3.04  ? 5  G B "O5'"  1 
ATOM 716  C "C5'"  . G B 1 5  ? -10.668 15.124  10.360  1.00 3.12  ? 5  G B "C5'"  1 
ATOM 717  C "C4'"  . G B 1 5  ? -11.091 14.189  9.230   1.00 2.92  ? 5  G B "C4'"  1 
ATOM 718  O "O4'"  . G B 1 5  ? -10.688 14.726  7.968   1.00 2.88  ? 5  G B "O4'"  1 
ATOM 719  C "C3'"  . G B 1 5  ? -10.437 12.824  9.236   1.00 2.64  ? 5  G B "C3'"  1 
ATOM 720  O "O3'"  . G B 1 5  ? -11.196 11.978  10.103  1.00 2.69  ? 5  G B "O3'"  1 
ATOM 721  C "C2'"  . G B 1 5  ? -10.681 12.358  7.812   1.00 2.53  ? 5  G B "C2'"  1 
ATOM 722  O "O2'"  . G B 1 5  ? -12.024 11.890  7.658   1.00 2.68  ? 5  G B "O2'"  1 
ATOM 723  C "C1'"  . G B 1 5  ? -10.471 13.655  7.026   1.00 2.64  ? 5  G B "C1'"  1 
ATOM 724  N N9     . G B 1 5  ? -9.100  13.753  6.485   1.00 2.47  ? 5  G B N9     1 
ATOM 725  C C8     . G B 1 5  ? -8.007  14.385  7.022   1.00 2.54  ? 5  G B C8     1 
ATOM 726  N N7     . G B 1 5  ? -6.928  14.268  6.302   1.00 2.37  ? 5  G B N7     1 
ATOM 727  C C5     . G B 1 5  ? -7.330  13.505  5.211   1.00 2.17  ? 5  G B C5     1 
ATOM 728  C C6     . G B 1 5  ? -6.584  13.052  4.089   1.00 1.96  ? 5  G B C6     1 
ATOM 729  O O6     . G B 1 5  ? -5.396  13.243  3.835   1.00 1.88  ? 5  G B O6     1 
ATOM 730  N N1     . G B 1 5  ? -7.367  12.307  3.220   1.00 1.93  ? 5  G B N1     1 
ATOM 731  C C2     . G B 1 5  ? -8.704  12.031  3.401   1.00 2.08  ? 5  G B C2     1 
ATOM 732  N N2     . G B 1 5  ? -9.303  11.293  2.466   1.00 2.15  ? 5  G B N2     1 
ATOM 733  N N3     . G B 1 5  ? -9.415  12.453  4.451   1.00 2.22  ? 5  G B N3     1 
ATOM 734  C C4     . G B 1 5  ? -8.663  13.183  5.313   1.00 2.25  ? 5  G B C4     1 
ATOM 735  H "H5'"  . G B 1 5  ? -11.277 16.028  10.317  1.00 3.33  ? 5  G B "H5'"  1 
ATOM 736  H "H5''" . G B 1 5  ? -10.839 14.626  11.314  1.00 3.15  ? 5  G B "H5''" 1 
ATOM 737  H "H4'"  . G B 1 5  ? -12.177 14.091  9.243   1.00 3.06  ? 5  G B "H4'"  1 
ATOM 738  H "H3'"  . G B 1 5  ? -9.382  12.849  9.510   1.00 2.54  ? 5  G B "H3'"  1 
ATOM 739  H "H2'"  . G B 1 5  ? -9.961  11.599  7.515   1.00 2.32  ? 5  G B "H2'"  1 
ATOM 740  H "HO2'" . G B 1 5  ? -12.413 11.851  8.535   1.00 2.68  ? 5  G B "HO2'" 1 
ATOM 741  H "H1'"  . G B 1 5  ? -11.189 13.739  6.209   1.00 2.72  ? 5  G B "H1'"  1 
ATOM 742  H H8     . G B 1 5  ? -8.035  14.923  7.969   1.00 2.77  ? 5  G B H8     1 
ATOM 743  H H1     . G B 1 5  ? -6.917  11.945  2.391   1.00 1.85  ? 5  G B H1     1 
ATOM 744  H H21    . G B 1 5  ? -8.760  10.895  1.711   1.00 2.11  ? 5  G B H21    1 
ATOM 745  H H22    . G B 1 5  ? -10.297 11.125  2.515   1.00 2.30  ? 5  G B H22    1 
ATOM 746  P P      . G B 1 6  ? -10.456 10.853  10.986  1.00 2.51  ? 6  G B P      1 
ATOM 747  O OP1    . G B 1 6  ? -11.424 10.329  11.975  1.00 2.66  ? 6  G B OP1    1 
ATOM 748  O OP2    . G B 1 6  ? -9.160  11.402  11.443  1.00 2.46  ? 6  G B OP2    1 
ATOM 749  O "O5'"  . G B 1 6  ? -10.161 9.696   9.905   1.00 2.29  ? 6  G B "O5'"  1 
ATOM 750  C "C5'"  . G B 1 6  ? -11.243 8.987   9.299   1.00 2.38  ? 6  G B "C5'"  1 
ATOM 751  C "C4'"  . G B 1 6  ? -10.773 8.103   8.146   1.00 2.21  ? 6  G B "C4'"  1 
ATOM 752  O "O4'"  . G B 1 6  ? -10.309 8.920   7.068   1.00 2.14  ? 6  G B "O4'"  1 
ATOM 753  C "C3'"  . G B 1 6  ? -9.575  7.222   8.442   1.00 1.99  ? 6  G B "C3'"  1 
ATOM 754  O "O3'"  . G B 1 6  ? -10.053 6.003   9.009   1.00 2.11  ? 6  G B "O3'"  1 
ATOM 755  C "C2'"  . G B 1 6  ? -9.064  6.900   7.051   1.00 1.87  ? 6  G B "C2'"  1 
ATOM 756  O "O2'"  . G B 1 6  ? -9.856  5.874   6.447   1.00 2.02  ? 6  G B "O2'"  1 
ATOM 757  C "C1'"  . G B 1 6  ? -9.274  8.235   6.334   1.00 1.91  ? 6  G B "C1'"  1 
ATOM 758  N N9     . G B 1 6  ? -8.049  9.057   6.342   1.00 1.74  ? 6  G B N9     1 
ATOM 759  C C8     . G B 1 6  ? -7.637  9.976   7.272   1.00 1.82  ? 6  G B C8     1 
ATOM 760  N N7     . G B 1 6  ? -6.486  10.522  6.995   1.00 1.69  ? 6  G B N7     1 
ATOM 761  C C5     . G B 1 6  ? -6.107  9.922   5.800   1.00 1.48  ? 6  G B C5     1 
ATOM 762  C C6     . G B 1 6  ? -4.939  10.113  5.011   1.00 1.29  ? 6  G B C6     1 
ATOM 763  O O6     . G B 1 6  ? -3.994  10.871  5.221   1.00 1.30  ? 6  G B O6     1 
ATOM 764  N N1     . G B 1 6  ? -4.947  9.309   3.882   1.00 1.15  ? 6  G B N1     1 
ATOM 765  C C2     . G B 1 6  ? -5.951  8.428   3.547   1.00 1.25  ? 6  G B C2     1 
ATOM 766  N N2     . G B 1 6  ? -5.795  7.725   2.424   1.00 1.23  ? 6  G B N2     1 
ATOM 767  N N3     . G B 1 6  ? -7.052  8.242   4.280   1.00 1.44  ? 6  G B N3     1 
ATOM 768  C C4     . G B 1 6  ? -7.060  9.020   5.390   1.00 1.52  ? 6  G B C4     1 
ATOM 769  H "H5'"  . G B 1 6  ? -11.970 9.706   8.921   1.00 2.55  ? 6  G B "H5'"  1 
ATOM 770  H "H5''" . G B 1 6  ? -11.722 8.361   10.053  1.00 2.45  ? 6  G B "H5''" 1 
ATOM 771  H "H4'"  . G B 1 6  ? -11.612 7.501   7.798   1.00 2.36  ? 6  G B "H4'"  1 
ATOM 772  H "H3'"  . G B 1 6  ? -8.830  7.702   9.076   1.00 1.92  ? 6  G B "H3'"  1 
ATOM 773  H "H2'"  . G B 1 6  ? -8.009  6.626   7.073   1.00 1.70  ? 6  G B "H2'"  1 
ATOM 774  H "HO2'" . G B 1 6  ? -9.638  5.048   6.888   1.00 2.04  ? 6  G B "HO2'" 1 
ATOM 775  H "H1'"  . G B 1 6  ? -9.600  8.080   5.306   1.00 1.97  ? 6  G B "H1'"  1 
ATOM 776  H H8     . G B 1 6  ? -8.212  10.219  8.165   1.00 2.00  ? 6  G B H8     1 
ATOM 777  H H1     . G B 1 6  ? -4.154  9.381   3.262   1.00 1.03  ? 6  G B H1     1 
ATOM 778  H H21    . G B 1 6  ? -4.934  7.793   1.900   1.00 1.11  ? 6  G B H21    1 
ATOM 779  H H22    . G B 1 6  ? -6.536  7.121   2.101   1.00 1.38  ? 6  G B H22    1 
ATOM 780  P P      . A B 1 7  ? -9.163  5.223   10.099  1.00 2.07  ? 7  A B P      1 
ATOM 781  O OP1    . A B 1 7  ? -10.005 4.177   10.722  1.00 2.31  ? 7  A B OP1    1 
ATOM 782  O OP2    . A B 1 7  ? -8.482  6.227   10.949  1.00 1.96  ? 7  A B OP2    1 
ATOM 783  O "O5'"  . A B 1 7  ? -8.052  4.499   9.184   1.00 1.99  ? 7  A B "O5'"  1 
ATOM 784  C "C5'"  . A B 1 7  ? -8.385  3.319   8.449   1.00 2.03  ? 7  A B "C5'"  1 
ATOM 785  C "C4'"  . A B 1 7  ? -7.407  3.059   7.306   1.00 1.86  ? 7  A B "C4'"  1 
ATOM 786  O "O4'"  . A B 1 7  ? -7.153  4.271   6.594   1.00 1.72  ? 7  A B "O4'"  1 
ATOM 787  C "C3'"  . A B 1 7  ? -6.026  2.604   7.727   1.00 1.70  ? 7  A B "C3'"  1 
ATOM 788  O "O3'"  . A B 1 7  ? -6.064  1.178   7.824   1.00 1.90  ? 7  A B "O3'"  1 
ATOM 789  C "C2'"  . A B 1 7  ? -5.174  2.950   6.514   1.00 1.54  ? 7  A B "C2'"  1 
ATOM 790  O "O2'"  . A B 1 7  ? -5.249  1.908   5.537   1.00 1.74  ? 7  A B "O2'"  1 
ATOM 791  C "C1'"  . A B 1 7  ? -5.845  4.225   5.991   1.00 1.50  ? 7  A B "C1'"  1 
ATOM 792  N N9     . A B 1 7  ? -5.100  5.444   6.360   1.00 1.32  ? 7  A B N9     1 
ATOM 793  C C8     . A B 1 7  ? -5.271  6.261   7.449   1.00 1.41  ? 7  A B C8     1 
ATOM 794  N N7     . A B 1 7  ? -4.439  7.266   7.483   1.00 1.34  ? 7  A B N7     1 
ATOM 795  C C5     . A B 1 7  ? -3.667  7.100   6.337   1.00 1.13  ? 7  A B C5     1 
ATOM 796  C C6     . A B 1 7  ? -2.602  7.835   5.791   1.00 1.02  ? 7  A B C6     1 
ATOM 797  N N6     . A B 1 7  ? -2.106  8.938   6.350   1.00 1.18  ? 7  A B N6     1 
ATOM 798  N N1     . A B 1 7  ? -2.063  7.394   4.643   1.00 0.86  ? 7  A B N1     1 
ATOM 799  C C2     . A B 1 7  ? -2.552  6.296   4.079   1.00 0.85  ? 7  A B C2     1 
ATOM 800  N N3     . A B 1 7  ? -3.543  5.519   4.490   1.00 1.02  ? 7  A B N3     1 
ATOM 801  C C4     . A B 1 7  ? -4.062  5.991   5.645   1.00 1.11  ? 7  A B C4     1 
ATOM 802  H "H5'"  . A B 1 7  ? -9.388  3.430   8.038   1.00 2.36  ? 7  A B "H5'"  1 
ATOM 803  H "H5''" . A B 1 7  ? -8.371  2.466   9.126   1.00 2.42  ? 7  A B "H5''" 1 
ATOM 804  H "H4'"  . A B 1 7  ? -7.853  2.336   6.622   1.00 2.02  ? 7  A B "H4'"  1 
ATOM 805  H "H3'"  . A B 1 7  ? -5.677  3.068   8.650   1.00 1.64  ? 7  A B "H3'"  1 
ATOM 806  H "H2'"  . A B 1 7  ? -4.142  3.143   6.804   1.00 1.39  ? 7  A B "H2'"  1 
ATOM 807  H "HO2'" . A B 1 7  ? -4.962  1.097   5.963   1.00 1.81  ? 7  A B "HO2'" 1 
ATOM 808  H "H1'"  . A B 1 7  ? -5.952  4.187   4.908   1.00 1.55  ? 7  A B "H1'"  1 
ATOM 809  H H8     . A B 1 7  ? -6.030  6.089   8.211   1.00 1.58  ? 7  A B H8     1 
ATOM 810  H H61    . A B 1 7  ? -1.378  9.459   5.881   1.00 1.17  ? 7  A B H61    1 
ATOM 811  H H62    . A B 1 7  ? -2.458  9.254   7.243   1.00 1.36  ? 7  A B H62    1 
ATOM 812  H H2     . A B 1 7  ? -2.070  5.990   3.149   1.00 0.81  ? 7  A B H2     1 
ATOM 813  P P      . G B 1 8  ? -5.199  0.415   8.946   1.00 1.89  ? 8  G B P      1 
ATOM 814  O OP1    . G B 1 8  ? -6.035  -0.661  9.525   1.00 2.45  ? 8  G B OP1    1 
ATOM 815  O OP2    . G B 1 8  ? -4.589  1.431   9.832   1.00 2.15  ? 8  G B OP2    1 
ATOM 816  O "O5'"  . G B 1 8  ? -4.026  -0.268  8.079   1.00 1.66  ? 8  G B "O5'"  1 
ATOM 817  C "C5'"  . G B 1 8  ? -2.655  -0.092  8.445   1.00 1.66  ? 8  G B "C5'"  1 
ATOM 818  C "C4'"  . G B 1 8  ? -1.743  -0.097  7.223   1.00 1.36  ? 8  G B "C4'"  1 
ATOM 819  O "O4'"  . G B 1 8  ? -2.041  1.044   6.413   1.00 1.17  ? 8  G B "O4'"  1 
ATOM 820  C "C3'"  . G B 1 8  ? -0.262  0.037   7.534   1.00 1.11  ? 8  G B "C3'"  1 
ATOM 821  O "O3'"  . G B 1 8  ? 0.279   -1.287  7.586   1.00 1.34  ? 8  G B "O3'"  1 
ATOM 822  C "C2'"  . G B 1 8  ? 0.304   0.700   6.289   1.00 0.91  ? 8  G B "C2'"  1 
ATOM 823  O "O2'"  . G B 1 8  ? 0.583   -0.278  5.286   1.00 1.20  ? 8  G B "O2'"  1 
ATOM 824  C "C1'"  . G B 1 8  ? -0.846  1.607   5.849   1.00 0.89  ? 8  G B "C1'"  1 
ATOM 825  N N9     . G B 1 8  ? -0.696  2.989   6.344   1.00 0.63  ? 8  G B N9     1 
ATOM 826  C C8     . G B 1 8  ? -1.365  3.607   7.369   1.00 0.72  ? 8  G B C8     1 
ATOM 827  N N7     . G B 1 8  ? -1.013  4.848   7.550   1.00 0.77  ? 8  G B N7     1 
ATOM 828  C C5     . G B 1 8  ? -0.041  5.070   6.581   1.00 0.70  ? 8  G B C5     1 
ATOM 829  C C6     . G B 1 8  ? 0.708   6.243   6.293   1.00 0.98  ? 8  G B C6     1 
ATOM 830  O O6     . G B 1 8  ? 0.656   7.337   6.851   1.00 1.22  ? 8  G B O6     1 
ATOM 831  N N1     . G B 1 8  ? 1.583   6.043   5.237   1.00 1.14  ? 8  G B N1     1 
ATOM 832  C C2     . G B 1 8  ? 1.724   4.866   4.540   1.00 1.11  ? 8  G B C2     1 
ATOM 833  N N2     . G B 1 8  ? 2.618   4.852   3.552   1.00 1.46  ? 8  G B N2     1 
ATOM 834  N N3     . G B 1 8  ? 1.025   3.757   4.801   1.00 0.89  ? 8  G B N3     1 
ATOM 835  C C4     . G B 1 8  ? 0.163   3.934   5.834   1.00 0.64  ? 8  G B C4     1 
ATOM 836  H "H5'"  . G B 1 8  ? -2.359  -0.902  9.114   1.00 2.30  ? 8  G B "H5'"  1 
ATOM 837  H "H5''" . G B 1 8  ? -2.545  0.858   8.968   1.00 2.00  ? 8  G B "H5''" 1 
ATOM 838  H "H4'"  . G B 1 8  ? -1.935  -1.000  6.644   1.00 1.60  ? 8  G B "H4'"  1 
ATOM 839  H "H3'"  . G B 1 8  ? -0.061  0.593   8.450   1.00 1.10  ? 8  G B "H3'"  1 
ATOM 840  H "H2'"  . G B 1 8  ? 1.193   1.284   6.527   1.00 0.80  ? 8  G B "H2'"  1 
ATOM 841  H "HO2'" . G B 1 8  ? 0.080   -1.065  5.507   1.00 1.30  ? 8  G B "HO2'" 1 
ATOM 842  H "H1'"  . G B 1 8  ? -0.934  1.621   4.762   1.00 1.07  ? 8  G B "H1'"  1 
ATOM 843  H H8     . G B 1 8  ? -2.120  3.107   7.974   1.00 0.95  ? 8  G B H8     1 
ATOM 844  H H1     . G B 1 8  ? 2.157   6.828   4.962   1.00 1.40  ? 8  G B H1     1 
ATOM 845  H H21    . G B 1 8  ? 3.124   5.695   3.318   1.00 1.68  ? 8  G B H21    1 
ATOM 846  H H22    . G B 1 8  ? 2.791   3.999   3.038   1.00 1.57  ? 8  G B H22    1 
ATOM 847  P P      . A B 1 9  ? 0.681   -1.950  8.996   1.00 1.48  ? 9  A B P      1 
ATOM 848  O OP1    . A B 1 9  ? -0.434  -2.820  9.433   1.00 1.83  ? 9  A B OP1    1 
ATOM 849  O OP2    . A B 1 9  ? 1.171   -0.877  9.890   1.00 1.83  ? 9  A B OP2    1 
ATOM 850  O "O5'"  . A B 1 9  ? 1.933   -2.888  8.604   1.00 1.38  ? 9  A B "O5'"  1 
ATOM 851  C "C5'"  . A B 1 9  ? 3.195   -2.757  9.274   1.00 1.20  ? 9  A B "C5'"  1 
ATOM 852  C "C4'"  . A B 1 9  ? 4.263   -2.178  8.352   1.00 0.95  ? 9  A B "C4'"  1 
ATOM 853  O "O4'"  . A B 1 9  ? 4.367   -2.998  7.181   1.00 0.89  ? 9  A B "O4'"  1 
ATOM 854  C "C3'"  . A B 1 9  ? 3.956   -0.790  7.814   1.00 0.82  ? 9  A B "C3'"  1 
ATOM 855  O "O3'"  . A B 1 9  ? 4.606   0.152   8.674   1.00 0.95  ? 9  A B "O3'"  1 
ATOM 856  C "C2'"  . A B 1 9  ? 4.688   -0.758  6.484   1.00 0.69  ? 9  A B "C2'"  1 
ATOM 857  O "O2'"  . A B 1 9  ? 6.069   -0.442  6.678   1.00 0.84  ? 9  A B "O2'"  1 
ATOM 858  C "C1'"  . A B 1 9  ? 4.530   -2.196  5.999   1.00 0.71  ? 9  A B "C1'"  1 
ATOM 859  N N9     . A B 1 9  ? 3.338   -2.370  5.148   1.00 0.77  ? 9  A B N9     1 
ATOM 860  C C8     . A B 1 9  ? 2.032   -2.550  5.532   1.00 1.02  ? 9  A B C8     1 
ATOM 861  N N7     . A B 1 9  ? 1.204   -2.672  4.532   1.00 1.19  ? 9  A B N7     1 
ATOM 862  C C5     . A B 1 9  ? 2.019   -2.564  3.410   1.00 1.03  ? 9  A B C5     1 
ATOM 863  C C6     . A B 1 9  ? 1.752   -2.610  2.033   1.00 1.17  ? 9  A B C6     1 
ATOM 864  N N6     . A B 1 9  ? 0.532   -2.781  1.524   1.00 1.45  ? 9  A B N6     1 
ATOM 865  N N1     . A B 1 9  ? 2.787   -2.471  1.189   1.00 1.09  ? 9  A B N1     1 
ATOM 866  C C2     . A B 1 9  ? 4.005   -2.297  1.686   1.00 0.93  ? 9  A B C2     1 
ATOM 867  N N3     . A B 1 9  ? 4.388   -2.236  2.954   1.00 0.77  ? 9  A B N3     1 
ATOM 868  C C4     . A B 1 9  ? 3.323   -2.380  3.773   1.00 0.79  ? 9  A B C4     1 
ATOM 869  H "H5'"  . A B 1 9  ? 3.518   -3.741  9.615   1.00 1.49  ? 9  A B "H5'"  1 
ATOM 870  H "H5''" . A B 1 9  ? 3.080   -2.102  10.139  1.00 1.40  ? 9  A B "H5''" 1 
ATOM 871  H "H4'"  . A B 1 9  ? 5.220   -2.183  8.873   1.00 1.05  ? 9  A B "H4'"  1 
ATOM 872  H "H3'"  . A B 1 9  ? 2.888   -0.588  7.723   1.00 0.87  ? 9  A B "H3'"  1 
ATOM 873  H "H2'"  . A B 1 9  ? 4.217   -0.061  5.796   1.00 0.69  ? 9  A B "H2'"  1 
ATOM 874  H "HO2'" . A B 1 9  ? 6.115   0.476   6.952   1.00 0.98  ? 9  A B "HO2'" 1 
ATOM 875  H "H1'"  . A B 1 9  ? 5.415   -2.527  5.456   1.00 0.72  ? 9  A B "H1'"  1 
ATOM 876  H H8     . A B 1 9  ? 1.717   -2.586  6.575   1.00 1.15  ? 9  A B H8     1 
ATOM 877  H H61    . A B 1 9  ? 0.405   -2.838  0.525   1.00 1.56  ? 9  A B H61    1 
ATOM 878  H H62    . A B 1 9  ? -0.267  -2.852  2.140   1.00 1.59  ? 9  A B H62    1 
ATOM 879  H H2     . A B 1 9  ? 4.800   -2.186  0.947   1.00 1.03  ? 9  A B H2     1 
ATOM 880  P P      . C B 1 10 ? 3.787   1.394   9.296   1.00 1.12  ? 10 C B P      1 
ATOM 881  O OP1    . C B 1 10 ? 3.599   1.145   10.741  1.00 1.60  ? 10 C B OP1    1 
ATOM 882  O OP2    . C B 1 10 ? 2.615   1.655   8.431   1.00 1.89  ? 10 C B OP2    1 
ATOM 883  O "O5'"  . C B 1 10 ? 4.820   2.620   9.127   1.00 1.12  ? 10 C B "O5'"  1 
ATOM 884  C "C5'"  . C B 1 10 ? 4.772   3.469   7.974   1.00 0.96  ? 10 C B "C5'"  1 
ATOM 885  C "C4'"  . C B 1 10 ? 5.850   3.095   6.961   1.00 0.71  ? 10 C B "C4'"  1 
ATOM 886  O "O4'"  . C B 1 10 ? 5.384   2.018   6.154   1.00 0.70  ? 10 C B "O4'"  1 
ATOM 887  C "C3'"  . C B 1 10 ? 6.183   4.177   5.953   1.00 0.72  ? 10 C B "C3'"  1 
ATOM 888  O "O3'"  . C B 1 10 ? 7.268   4.935   6.494   1.00 0.95  ? 10 C B "O3'"  1 
ATOM 889  C "C2'"  . C B 1 10 ? 6.734   3.402   4.762   1.00 0.64  ? 10 C B "C2'"  1 
ATOM 890  O "O2'"  . C B 1 10 ? 8.145   3.220   4.898   1.00 1.08  ? 10 C B "O2'"  1 
ATOM 891  C "C1'"  . C B 1 10 ? 6.011   2.054   4.862   1.00 0.59  ? 10 C B "C1'"  1 
ATOM 892  N N1     . C B 1 10 ? 4.974   1.898   3.818   1.00 0.47  ? 10 C B N1     1 
ATOM 893  C C2     . C B 1 10 ? 5.408   1.736   2.512   1.00 0.45  ? 10 C B C2     1 
ATOM 894  O O2     . C B 1 10 ? 6.609   1.753   2.249   1.00 0.55  ? 10 C B O2     1 
ATOM 895  N N3     . C B 1 10 ? 4.478   1.564   1.533   1.00 0.39  ? 10 C B N3     1 
ATOM 896  C C4     . C B 1 10 ? 3.171   1.554   1.823   1.00 0.40  ? 10 C B C4     1 
ATOM 897  N N4     . C B 1 10 ? 2.312   1.370   0.820   1.00 0.46  ? 10 C B N4     1 
ATOM 898  C C5     . C B 1 10 ? 2.715   1.725   3.166   1.00 0.45  ? 10 C B C5     1 
ATOM 899  C C6     . C B 1 10 ? 3.644   1.893   4.128   1.00 0.45  ? 10 C B C6     1 
ATOM 900  H "H5'"  . C B 1 10 ? 4.922   4.502   8.286   1.00 1.47  ? 10 C B "H5'"  1 
ATOM 901  H "H5''" . C B 1 10 ? 3.793   3.379   7.501   1.00 1.24  ? 10 C B "H5''" 1 
ATOM 902  H "H4'"  . C B 1 10 ? 6.745   2.778   7.496   1.00 0.80  ? 10 C B "H4'"  1 
ATOM 903  H "H3'"  . C B 1 10 ? 5.333   4.811   5.700   1.00 0.97  ? 10 C B "H3'"  1 
ATOM 904  H "H2'"  . C B 1 10 ? 6.491   3.905   3.825   1.00 0.80  ? 10 C B "H2'"  1 
ATOM 905  H "HO2'" . C B 1 10 ? 8.568   4.015   4.566   1.00 1.13  ? 10 C B "HO2'" 1 
ATOM 906  H "H1'"  . C B 1 10 ? 6.720   1.229   4.786   1.00 0.81  ? 10 C B "H1'"  1 
ATOM 907  H H41    . C B 1 10 ? 2.657   1.172   -0.110  1.00 0.46  ? 10 C B H41    1 
ATOM 908  H H42    . C B 1 10 ? 1.319   1.426   0.989   1.00 0.55  ? 10 C B H42    1 
ATOM 909  H H5     . C B 1 10 ? 1.655   1.722   3.415   1.00 0.53  ? 10 C B H5     1 
ATOM 910  H H6     . C B 1 10 ? 3.331   2.023   5.163   1.00 0.52  ? 10 C B H6     1 
ATOM 911  P P      . G B 1 11 ? 7.374   6.518   6.224   1.00 1.26  ? 11 G B P      1 
ATOM 912  O OP1    . G B 1 11 ? 8.348   7.087   7.184   1.00 1.75  ? 11 G B OP1    1 
ATOM 913  O OP2    . G B 1 11 ? 6.003   7.067   6.151   1.00 1.54  ? 11 G B OP2    1 
ATOM 914  O "O5'"  . G B 1 11 ? 8.024   6.580   4.752   1.00 1.09  ? 11 G B "O5'"  1 
ATOM 915  C "C5'"  . G B 1 11 ? 7.661   7.621   3.842   1.00 0.64  ? 11 G B "C5'"  1 
ATOM 916  C "C4'"  . G B 1 11 ? 8.010   7.255   2.403   1.00 0.63  ? 11 G B "C4'"  1 
ATOM 917  O "O4'"  . G B 1 11 ? 7.585   5.917   2.140   1.00 0.65  ? 11 G B "O4'"  1 
ATOM 918  C "C3'"  . G B 1 11 ? 7.302   8.077   1.344   1.00 0.62  ? 11 G B "C3'"  1 
ATOM 919  O "O3'"  . G B 1 11 ? 8.155   9.184   1.023   1.00 0.78  ? 11 G B "O3'"  1 
ATOM 920  C "C2'"  . G B 1 11 ? 7.303   7.154   0.128   1.00 0.70  ? 11 G B "C2'"  1 
ATOM 921  O "O2'"  . G B 1 11 ? 8.511   7.314   -0.619  1.00 0.91  ? 11 G B "O2'"  1 
ATOM 922  C "C1'"  . G B 1 11 ? 7.242   5.757   0.754   1.00 0.64  ? 11 G B "C1'"  1 
ATOM 923  N N9     . G B 1 11 ? 5.895   5.155   0.648   1.00 0.52  ? 11 G B N9     1 
ATOM 924  C C8     . G B 1 11 ? 4.931   5.019   1.614   1.00 0.56  ? 11 G B C8     1 
ATOM 925  N N7     . G B 1 11 ? 3.845   4.438   1.196   1.00 0.47  ? 11 G B N7     1 
ATOM 926  C C5     . G B 1 11 ? 4.101   4.172   -0.140  1.00 0.38  ? 11 G B C5     1 
ATOM 927  C C6     . G B 1 11 ? 3.279   3.549   -1.114  1.00 0.35  ? 11 G B C6     1 
ATOM 928  O O6     . G B 1 11 ? 2.141   3.103   -0.980  1.00 0.40  ? 11 G B O6     1 
ATOM 929  N N1     . G B 1 11 ? 3.912   3.475   -2.341  1.00 0.35  ? 11 G B N1     1 
ATOM 930  C C2     . G B 1 11 ? 5.178   3.937   -2.609  1.00 0.33  ? 11 G B C2     1 
ATOM 931  N N2     . G B 1 11 ? 5.624   3.782   -3.856  1.00 0.37  ? 11 G B N2     1 
ATOM 932  N N3     . G B 1 11 ? 5.962   4.525   -1.701  1.00 0.36  ? 11 G B N3     1 
ATOM 933  C C4     . G B 1 11 ? 5.356   4.607   -0.491  1.00 0.40  ? 11 G B C4     1 
ATOM 934  H "H5'"  . G B 1 11 ? 8.190   8.534   4.115   1.00 1.20  ? 11 G B "H5'"  1 
ATOM 935  H "H5''" . G B 1 11 ? 6.587   7.799   3.913   1.00 0.99  ? 11 G B "H5''" 1 
ATOM 936  H "H4'"  . G B 1 11 ? 9.091   7.315   2.277   1.00 0.75  ? 11 G B "H4'"  1 
ATOM 937  H "H3'"  . G B 1 11 ? 6.307   8.401   1.645   1.00 0.57  ? 11 G B "H3'"  1 
ATOM 938  H "H2'"  . G B 1 11 ? 6.429   7.333   -0.496  1.00 0.70  ? 11 G B "H2'"  1 
ATOM 939  H "HO2'" . G B 1 11 ? 8.418   8.112   -1.146  1.00 1.35  ? 11 G B "HO2'" 1 
ATOM 940  H "H1'"  . G B 1 11 ? 7.965   5.093   0.282   1.00 0.80  ? 11 G B "H1'"  1 
ATOM 941  H H8     . G B 1 11 ? 5.052   5.377   2.630   1.00 0.66  ? 11 G B H8     1 
ATOM 942  H H1     . G B 1 11 ? 3.398   3.046   -3.092  1.00 0.41  ? 11 G B H1     1 
ATOM 943  H H21    . G B 1 11 ? 5.013   3.402   -4.567  1.00 0.43  ? 11 G B H21    1 
ATOM 944  H H22    . G B 1 11 ? 6.570   4.044   -4.090  1.00 0.39  ? 11 G B H22    1 
ATOM 945  P P      . U B 1 12 ? 7.808   10.688  1.501   1.00 1.01  ? 12 U B P      1 
ATOM 946  O OP1    . U B 1 12 ? 8.079   11.604  0.370   1.00 1.53  ? 12 U B OP1    1 
ATOM 947  O OP2    . U B 1 12 ? 8.467   10.920  2.807   1.00 1.26  ? 12 U B OP2    1 
ATOM 948  O "O5'"  . U B 1 12 ? 6.215   10.650  1.743   1.00 0.86  ? 12 U B "O5'"  1 
ATOM 949  C "C5'"  . U B 1 12 ? 5.296   10.996  0.697   1.00 0.80  ? 12 U B "C5'"  1 
ATOM 950  C "C4'"  . U B 1 12 ? 4.656   9.742   0.109   1.00 0.68  ? 12 U B "C4'"  1 
ATOM 951  O "O4'"  . U B 1 12 ? 4.521   8.784   1.168   1.00 0.57  ? 12 U B "O4'"  1 
ATOM 952  C "C3'"  . U B 1 12 ? 3.241   9.909   -0.443  1.00 0.67  ? 12 U B "C3'"  1 
ATOM 953  O "O3'"  . U B 1 12 ? 3.359   10.009  -1.866  1.00 0.80  ? 12 U B "O3'"  1 
ATOM 954  C "C2'"  . U B 1 12 ? 2.582   8.567   -0.164  1.00 0.60  ? 12 U B "C2'"  1 
ATOM 955  O "O2'"  . U B 1 12 ? 2.901   7.632   -1.198  1.00 0.67  ? 12 U B "O2'"  1 
ATOM 956  C "C1'"  . U B 1 12 ? 3.232   8.151   1.146   1.00 0.52  ? 12 U B "C1'"  1 
ATOM 957  N N1     . U B 1 12 ? 2.462   8.606   2.327   1.00 0.56  ? 12 U B N1     1 
ATOM 958  C C2     . U B 1 12 ? 1.239   8.005   2.564   1.00 0.60  ? 12 U B C2     1 
ATOM 959  O O2     . U B 1 12 ? 0.782   7.122   1.841   1.00 0.60  ? 12 U B O2     1 
ATOM 960  N N3     . U B 1 12 ? 0.551   8.456   3.676   1.00 0.73  ? 12 U B N3     1 
ATOM 961  C C4     . U B 1 12 ? 0.971   9.438   4.553   1.00 0.85  ? 12 U B C4     1 
ATOM 962  O O4     . U B 1 12 ? 0.265   9.754   5.507   1.00 1.01  ? 12 U B O4     1 
ATOM 963  C C5     . U B 1 12 ? 2.256   10.017  4.237   1.00 0.83  ? 12 U B C5     1 
ATOM 964  C C6     . U B 1 12 ? 2.948   9.588   3.152   1.00 0.69  ? 12 U B C6     1 
ATOM 965  H "H5'"  . U B 1 12 ? 5.827   11.535  -0.089  1.00 0.93  ? 12 U B "H5'"  1 
ATOM 966  H "H5''" . U B 1 12 ? 4.518   11.639  1.108   1.00 0.81  ? 12 U B "H5''" 1 
ATOM 967  H "H4'"  . U B 1 12 ? 5.321   9.342   -0.654  1.00 0.74  ? 12 U B "H4'"  1 
ATOM 968  H "H3'"  . U B 1 12 ? 2.700   10.754  -0.019  1.00 0.69  ? 12 U B "H3'"  1 
ATOM 969  H "H2'"  . U B 1 12 ? 1.506   8.671   -0.050  1.00 0.63  ? 12 U B "H2'"  1 
ATOM 970  H "HO2'" . U B 1 12 ? 3.658   7.980   -1.673  1.00 0.80  ? 12 U B "HO2'" 1 
ATOM 971  H "H1'"  . U B 1 12 ? 3.354   7.072   1.192   1.00 0.50  ? 12 U B "H1'"  1 
ATOM 972  H H3     . U B 1 12 ? -0.344  8.029   3.864   1.00 0.80  ? 12 U B H3     1 
ATOM 973  H H5     . U B 1 12 ? 2.671   10.800  4.872   1.00 0.97  ? 12 U B H5     1 
ATOM 974  H H6     . U B 1 12 ? 3.917   10.034  2.930   1.00 0.73  ? 12 U B H6     1 
ATOM 975  P P      . C B 1 13 ? 2.330   10.910  -2.716  1.00 0.89  ? 13 C B P      1 
ATOM 976  O OP1    . C B 1 13 ? 2.866   11.056  -4.088  1.00 1.06  ? 13 C B OP1    1 
ATOM 977  O OP2    . C B 1 13 ? 2.002   12.114  -1.920  1.00 0.90  ? 13 C B OP2    1 
ATOM 978  O "O5'"  . C B 1 13 ? 1.017   9.975   -2.783  1.00 0.85  ? 13 C B "O5'"  1 
ATOM 979  C "C5'"  . C B 1 13 ? 1.120   8.589   -3.135  1.00 0.90  ? 13 C B "C5'"  1 
ATOM 980  C "C4'"  . C B 1 13 ? -0.088  7.794   -2.658  1.00 0.92  ? 13 C B "C4'"  1 
ATOM 981  O "O4'"  . C B 1 13 ? -0.032  7.625   -1.240  1.00 0.73  ? 13 C B "O4'"  1 
ATOM 982  C "C3'"  . C B 1 13 ? -1.429  8.459   -2.870  1.00 1.05  ? 13 C B "C3'"  1 
ATOM 983  O "O3'"  . C B 1 13 ? -1.869  8.122   -4.187  1.00 1.32  ? 13 C B "O3'"  1 
ATOM 984  C "C2'"  . C B 1 13 ? -2.310  7.706   -1.888  1.00 1.06  ? 13 C B "C2'"  1 
ATOM 985  O "O2'"  . C B 1 13 ? -2.691  6.436   -2.423  1.00 1.28  ? 13 C B "O2'"  1 
ATOM 986  C "C1'"  . C B 1 13 ? -1.364  7.527   -0.699  1.00 0.82  ? 13 C B "C1'"  1 
ATOM 987  N N1     . C B 1 13 ? -1.544  8.591   0.319   1.00 0.70  ? 13 C B N1     1 
ATOM 988  C C2     . C B 1 13 ? -2.363  8.323   1.410   1.00 0.76  ? 13 C B C2     1 
ATOM 989  O O2     . C B 1 13 ? -2.921  7.232   1.512   1.00 0.88  ? 13 C B O2     1 
ATOM 990  N N3     . C B 1 13 ? -2.535  9.292   2.352   1.00 0.81  ? 13 C B N3     1 
ATOM 991  C C4     . C B 1 13 ? -1.931  10.479  2.231   1.00 0.83  ? 13 C B C4     1 
ATOM 992  N N4     . C B 1 13 ? -2.140  11.385  3.185   1.00 1.02  ? 13 C B N4     1 
ATOM 993  C C5     . C B 1 13 ? -1.087  10.763  1.111   1.00 0.77  ? 13 C B C5     1 
ATOM 994  C C6     . C B 1 13 ? -0.923  9.799   0.186   1.00 0.68  ? 13 C B C6     1 
ATOM 995  H "H5'"  . C B 1 13 ? 2.020   8.172   -2.690  1.00 0.86  ? 13 C B "H5'"  1 
ATOM 996  H "H5''" . C B 1 13 ? 1.190   8.496   -4.217  1.00 1.04  ? 13 C B "H5''" 1 
ATOM 997  H "H4'"  . C B 1 13 ? -0.071  6.818   -3.131  1.00 1.07  ? 13 C B "H4'"  1 
ATOM 998  H "H3'"  . C B 1 13 ? -1.414  9.536   -2.705  1.00 1.02  ? 13 C B "H3'"  1 
ATOM 999  H "H2'"  . C B 1 13 ? -3.180  8.291   -1.606  1.00 1.11  ? 13 C B "H2'"  1 
ATOM 1000 H "HO2'" . C B 1 13 ? -2.941  6.576   -3.339  1.00 1.50  ? 13 C B "HO2'" 1 
ATOM 1001 H "H1'"  . C B 1 13 ? -1.497  6.545   -0.244  1.00 0.90  ? 13 C B "H1'"  1 
ATOM 1002 H H41    . C B 1 13 ? -2.745  11.166  3.964   1.00 1.11  ? 13 C B H41    1 
ATOM 1003 H H42    . C B 1 13 ? -1.695  12.289  3.130   1.00 1.12  ? 13 C B H42    1 
ATOM 1004 H H5     . C B 1 13 ? -0.588  11.726  1.003   1.00 0.88  ? 13 C B H5     1 
ATOM 1005 H H6     . C B 1 13 ? -0.293  9.989   -0.684  1.00 0.71  ? 13 C B H6     1 
ATOM 1006 P P      . C B 1 14 ? -2.539  9.240   -5.133  1.00 1.57  ? 14 C B P      1 
ATOM 1007 O OP1    . C B 1 14 ? -2.467  8.767   -6.533  1.00 1.82  ? 14 C B OP1    1 
ATOM 1008 O OP2    . C B 1 14 ? -1.970  10.557  -4.767  1.00 1.47  ? 14 C B OP2    1 
ATOM 1009 O "O5'"  . C B 1 14 ? -4.080  9.209   -4.669  1.00 1.73  ? 14 C B "O5'"  1 
ATOM 1010 C "C5'"  . C B 1 14 ? -4.862  8.028   -4.853  1.00 2.01  ? 14 C B "C5'"  1 
ATOM 1011 C "C4'"  . C B 1 14 ? -6.103  8.022   -3.966  1.00 2.16  ? 14 C B "C4'"  1 
ATOM 1012 O "O4'"  . C B 1 14 ? -5.717  7.954   -2.591  1.00 1.91  ? 14 C B "O4'"  1 
ATOM 1013 C "C3'"  . C B 1 14 ? -6.943  9.280   -4.018  1.00 2.30  ? 14 C B "C3'"  1 
ATOM 1014 O "O3'"  . C B 1 14 ? -7.867  9.142   -5.099  1.00 2.70  ? 14 C B "O3'"  1 
ATOM 1015 C "C2'"  . C B 1 14 ? -7.738  9.186   -2.727  1.00 2.34  ? 14 C B "C2'"  1 
ATOM 1016 O "O2'"  . C B 1 14 ? -8.839  8.286   -2.878  1.00 2.68  ? 14 C B "O2'"  1 
ATOM 1017 C "C1'"  . C B 1 14 ? -6.700  8.609   -1.764  1.00 1.99  ? 14 C B "C1'"  1 
ATOM 1018 N N1     . C B 1 14 ? -6.029  9.666   -0.969  1.00 1.72  ? 14 C B N1     1 
ATOM 1019 C C2     . C B 1 14 ? -6.578  10.006  0.262   1.00 1.78  ? 14 C B C2     1 
ATOM 1020 O O2     . C B 1 14 ? -7.599  9.448   0.660   1.00 2.03  ? 14 C B O2     1 
ATOM 1021 N N3     . C B 1 14 ? -5.968  10.968  1.008   1.00 1.66  ? 14 C B N3     1 
ATOM 1022 C C4     . C B 1 14 ? -4.861  11.578  0.565   1.00 1.51  ? 14 C B C4     1 
ATOM 1023 N N4     . C B 1 14 ? -4.309  12.509  1.343   1.00 1.57  ? 14 C B N4     1 
ATOM 1024 C C5     . C B 1 14 ? -4.292  11.237  -0.702  1.00 1.42  ? 14 C B C5     1 
ATOM 1025 C C6     . C B 1 14 ? -4.903  10.282  -1.431  1.00 1.51  ? 14 C B C6     1 
ATOM 1026 H "H5'"  . C B 1 14 ? -4.251  7.158   -4.613  1.00 1.96  ? 14 C B "H5'"  1 
ATOM 1027 H "H5''" . C B 1 14 ? -5.172  7.967   -5.897  1.00 2.23  ? 14 C B "H5''" 1 
ATOM 1028 H "H4'"  . C B 1 14 ? -6.707  7.148   -4.209  1.00 2.42  ? 14 C B "H4'"  1 
ATOM 1029 H "H3'"  . C B 1 14 ? -6.354  10.193  -4.099  1.00 2.17  ? 14 C B "H3'"  1 
ATOM 1030 H "H2'"  . C B 1 14 ? -8.071  10.165  -2.397  1.00 2.38  ? 14 C B "H2'"  1 
ATOM 1031 H "HO2'" . C B 1 14 ? -9.581  8.797   -3.211  1.00 2.90  ? 14 C B "HO2'" 1 
ATOM 1032 H "H1'"  . C B 1 14 ? -7.156  7.875   -1.099  1.00 2.09  ? 14 C B "H1'"  1 
ATOM 1033 H H41    . C B 1 14 ? -4.734  12.745  2.228   1.00 1.67  ? 14 C B H41    1 
ATOM 1034 H H42    . C B 1 14 ? -3.466  12.980  1.046   1.00 1.58  ? 14 C B H42    1 
ATOM 1035 H H5     . C B 1 14 ? -3.391  11.725  -1.073  1.00 1.38  ? 14 C B H5     1 
ATOM 1036 H H6     . C B 1 14 ? -4.497  10.005  -2.403  1.00 1.52  ? 14 C B H6     1 
ATOM 1037 P P      . C B 1 15 ? -8.319  10.435  -5.943  1.00 2.95  ? 15 C B P      1 
ATOM 1038 O OP1    . C B 1 15 ? -9.089  9.975   -7.120  1.00 3.31  ? 15 C B OP1    1 
ATOM 1039 O OP2    . C B 1 15 ? -7.136  11.306  -6.127  1.00 2.74  ? 15 C B OP2    1 
ATOM 1040 O "O5'"  . C B 1 15 ? -9.332  11.167  -4.928  1.00 3.12  ? 15 C B "O5'"  1 
ATOM 1041 C "C5'"  . C B 1 15 ? -10.732 10.881  -4.977  1.00 3.43  ? 15 C B "C5'"  1 
ATOM 1042 C "C4'"  . C B 1 15 ? -11.430 11.234  -3.665  1.00 3.48  ? 15 C B "C4'"  1 
ATOM 1043 O "O4'"  . C B 1 15 ? -10.563 10.954  -2.562  1.00 3.13  ? 15 C B "O4'"  1 
ATOM 1044 C "C3'"  . C B 1 15 ? -11.753 12.699  -3.475  1.00 3.63  ? 15 C B "C3'"  1 
ATOM 1045 O "O3'"  . C B 1 15 ? -13.021 12.945  -4.090  1.00 4.07  ? 15 C B "O3'"  1 
ATOM 1046 C "C2'"  . C B 1 15 ? -11.948 12.783  -1.970  1.00 3.53  ? 15 C B "C2'"  1 
ATOM 1047 O "O2'"  . C B 1 15 ? -13.238 12.287  -1.601  1.00 3.81  ? 15 C B "O2'"  1 
ATOM 1048 C "C1'"  . C B 1 15 ? -10.848 11.848  -1.468  1.00 3.13  ? 15 C B "C1'"  1 
ATOM 1049 N N1     . C B 1 15 ? -9.612  12.581  -1.111  1.00 2.85  ? 15 C B N1     1 
ATOM 1050 C C2     . C B 1 15 ? -9.521  13.119  0.168   1.00 2.81  ? 15 C B C2     1 
ATOM 1051 O O2     . C B 1 15 ? -10.450 12.991  0.963   1.00 2.96  ? 15 C B O2     1 
ATOM 1052 N N3     . C B 1 15 ? -8.389  13.794  0.514   1.00 2.67  ? 15 C B N3     1 
ATOM 1053 C C4     . C B 1 15 ? -7.385  13.938  -0.359  1.00 2.57  ? 15 C B C4     1 
ATOM 1054 N N4     . C B 1 15 ? -6.303  14.608  0.040   1.00 2.54  ? 15 C B N4     1 
ATOM 1055 C C5     . C B 1 15 ? -7.472  13.390  -1.678  1.00 2.57  ? 15 C B C5     1 
ATOM 1056 C C6     . C B 1 15 ? -8.595  12.724  -2.010  1.00 2.72  ? 15 C B C6     1 
ATOM 1057 H "H5'"  . C B 1 15 ? -10.868 9.818   -5.181  1.00 3.38  ? 15 C B "H5'"  1 
ATOM 1058 H "H5''" . C B 1 15 ? -11.183 11.459  -5.785  1.00 3.74  ? 15 C B "H5''" 1 
ATOM 1059 H "H4'"  . C B 1 15 ? -12.333 10.628  -3.568  1.00 3.73  ? 15 C B "H4'"  1 
ATOM 1060 H "H3'"  . C B 1 15 ? -10.978 13.367  -3.851  1.00 3.53  ? 15 C B "H3'"  1 
ATOM 1061 H "H2'"  . C B 1 15 ? -11.795 13.796  -1.606  1.00 3.55  ? 15 C B "H2'"  1 
ATOM 1062 H "HO2'" . C B 1 15 ? -13.839 13.035  -1.592  1.00 4.10  ? 15 C B "HO2'" 1 
ATOM 1063 H "H1'"  . C B 1 15 ? -11.193 11.268  -0.612  1.00 3.11  ? 15 C B "H1'"  1 
ATOM 1064 H H41    . C B 1 15 ? -6.251  14.967  0.984   1.00 2.61  ? 15 C B H41    1 
ATOM 1065 H H42    . C B 1 15 ? -5.536  14.756  -0.599  1.00 2.51  ? 15 C B H42    1 
ATOM 1066 H H5     . C B 1 15 ? -6.661  13.503  -2.398  1.00 2.51  ? 15 C B H5     1 
ATOM 1067 H H6     . C B 1 15 ? -8.694  12.301  -3.008  1.00 2.80  ? 15 C B H6     1 
ATOM 1068 P P      . A B 1 16 ? -13.212 14.190  -5.093  1.00 4.39  ? 16 A B P      1 
ATOM 1069 O OP1    . A B 1 16 ? -14.350 13.892  -5.990  1.00 4.80  ? 16 A B OP1    1 
ATOM 1070 O OP2    . A B 1 16 ? -11.890 14.530  -5.666  1.00 4.23  ? 16 A B OP2    1 
ATOM 1071 O "O5'"  . A B 1 16 ? -13.650 15.377  -4.098  1.00 4.46  ? 16 A B "O5'"  1 
ATOM 1072 C "C5'"  . A B 1 16 ? -14.870 15.282  -3.360  1.00 4.71  ? 16 A B "C5'"  1 
ATOM 1073 C "C4'"  . A B 1 16 ? -14.895 16.241  -2.173  1.00 4.69  ? 16 A B "C4'"  1 
ATOM 1074 O "O4'"  . A B 1 16 ? -13.948 15.809  -1.186  1.00 4.25  ? 16 A B "O4'"  1 
ATOM 1075 C "C3'"  . A B 1 16 ? -14.463 17.663  -2.479  1.00 4.89  ? 16 A B "C3'"  1 
ATOM 1076 O "O3'"  . A B 1 16 ? -15.627 18.396  -2.864  1.00 5.37  ? 16 A B "O3'"  1 
ATOM 1077 C "C2'"  . A B 1 16 ? -14.041 18.172  -1.113  1.00 4.71  ? 16 A B "C2'"  1 
ATOM 1078 O "O2'"  . A B 1 16 ? -15.184 18.520  -0.329  1.00 4.94  ? 16 A B "O2'"  1 
ATOM 1079 C "C1'"  . A B 1 16 ? -13.345 16.943  -0.535  1.00 4.23  ? 16 A B "C1'"  1 
ATOM 1080 N N9     . A B 1 16 ? -11.897 16.942  -0.817  1.00 3.98  ? 16 A B N9     1 
ATOM 1081 C C8     . A B 1 16 ? -11.228 16.375  -1.874  1.00 3.91  ? 16 A B C8     1 
ATOM 1082 N N7     . A B 1 16 ? -9.938  16.557  -1.833  1.00 3.74  ? 16 A B N7     1 
ATOM 1083 C C5     . A B 1 16 ? -9.740  17.295  -0.672  1.00 3.72  ? 16 A B C5     1 
ATOM 1084 C C6     . A B 1 16 ? -8.589  17.811  -0.060  1.00 3.67  ? 16 A B C6     1 
ATOM 1085 N N6     . A B 1 16 ? -7.360  17.654  -0.550  1.00 3.63  ? 16 A B N6     1 
ATOM 1086 N N1     . A B 1 16 ? -8.742  18.497  1.084   1.00 3.76  ? 16 A B N1     1 
ATOM 1087 C C2     . A B 1 16 ? -9.962  18.656  1.583   1.00 3.85  ? 16 A B C2     1 
ATOM 1088 N N3     . A B 1 16 ? -11.120 18.220  1.107   1.00 3.91  ? 16 A B N3     1 
ATOM 1089 C C4     . A B 1 16 ? -10.928 17.537  -0.042  1.00 3.85  ? 16 A B C4     1 
ATOM 1090 H "H5'"  . A B 1 16 ? -14.984 14.261  -2.993  1.00 4.61  ? 16 A B "H5'"  1 
ATOM 1091 H "H5''" . A B 1 16 ? -15.704 15.515  -4.021  1.00 5.07  ? 16 A B "H5''" 1 
ATOM 1092 H "H4'"  . A B 1 16 ? -15.892 16.232  -1.734  1.00 4.89  ? 16 A B "H4'"  1 
ATOM 1093 H "H3'"  . A B 1 16 ? -13.674 17.726  -3.229  1.00 4.85  ? 16 A B "H3'"  1 
ATOM 1094 H "H2'"  . A B 1 16 ? -13.349 19.007  -1.200  1.00 4.78  ? 16 A B "H2'"  1 
ATOM 1095 H "HO2'" . A B 1 16 ? -15.477 19.386  -0.621  1.00 5.25  ? 16 A B "HO2'" 1 
ATOM 1096 H "H1'"  . A B 1 16 ? -13.505 16.875  0.540   1.00 4.11  ? 16 A B "H1'"  1 
ATOM 1097 H H8     . A B 1 16 ? -11.730 15.837  -2.676  1.00 4.03  ? 16 A B H8     1 
ATOM 1098 H H61    . A B 1 16 ? -6.562  18.003  -0.036  1.00 3.67  ? 16 A B H61    1 
ATOM 1099 H H62    . A B 1 16 ? -7.225  17.186  -1.435  1.00 3.60  ? 16 A B H62    1 
ATOM 1100 H H2     . A B 1 16 ? -10.017 19.227  2.510   1.00 3.94  ? 16 A B H2     1 
ATOM 1101 P P      . C B 1 17 ? -15.523 19.557  -3.974  1.00 5.80  ? 17 C B P      1 
ATOM 1102 O OP1    . C B 1 17 ? -16.895 19.977  -4.335  1.00 6.24  ? 17 C B OP1    1 
ATOM 1103 O OP2    . C B 1 17 ? -14.587 19.108  -5.029  1.00 5.69  ? 17 C B OP2    1 
ATOM 1104 O "O5'"  . C B 1 17 ? -14.825 20.759  -3.160  1.00 5.84  ? 17 C B "O5'"  1 
ATOM 1105 C "C5'"  . C B 1 17 ? -15.610 21.633  -2.343  1.00 6.07  ? 17 C B "C5'"  1 
ATOM 1106 C "C4'"  . C B 1 17 ? -14.740 22.474  -1.413  1.00 6.06  ? 17 C B "C4'"  1 
ATOM 1107 O "O4'"  . C B 1 17 ? -13.810 21.630  -0.731  1.00 5.56  ? 17 C B "O4'"  1 
ATOM 1108 C "C3'"  . C B 1 17 ? -13.852 23.489  -2.105  1.00 6.32  ? 17 C B "C3'"  1 
ATOM 1109 O "O3'"  . C B 1 17 ? -14.602 24.699  -2.231  1.00 6.87  ? 17 C B "O3'"  1 
ATOM 1110 C "C2'"  . C B 1 17 ? -12.768 23.735  -1.067  1.00 6.15  ? 17 C B "C2'"  1 
ATOM 1111 O "O2'"  . C B 1 17 ? -13.226 24.655  -0.073  1.00 6.42  ? 17 C B "O2'"  1 
ATOM 1112 C "C1'"  . C B 1 17 ? -12.586 22.340  -0.464  1.00 5.58  ? 17 C B "C1'"  1 
ATOM 1113 N N1     . C B 1 17 ? -11.465 21.600  -1.090  1.00 5.28  ? 17 C B N1     1 
ATOM 1114 C C2     . C B 1 17 ? -10.198 21.738  -0.534  1.00 5.16  ? 17 C B C2     1 
ATOM 1115 O O2     . C B 1 17 ? -10.026 22.463  0.444   1.00 5.30  ? 17 C B O2     1 
ATOM 1116 N N3     . C B 1 17 ? -9.160  21.058  -1.096  1.00 4.93  ? 17 C B N3     1 
ATOM 1117 C C4     . C B 1 17 ? -9.354  20.275  -2.164  1.00 4.83  ? 17 C B C4     1 
ATOM 1118 N N4     . C B 1 17 ? -8.299  19.635  -2.666  1.00 4.66  ? 17 C B N4     1 
ATOM 1119 C C5     . C B 1 17 ? -10.653 20.131  -2.744  1.00 4.96  ? 17 C B C5     1 
ATOM 1120 C C6     . C B 1 17 ? -11.673 20.806  -2.181  1.00 5.19  ? 17 C B C6     1 
ATOM 1121 H "H5'"  . C B 1 17 ? -16.295 21.034  -1.742  1.00 5.91  ? 17 C B "H5'"  1 
ATOM 1122 H "H5''" . C B 1 17 ? -16.187 22.295  -2.986  1.00 6.47  ? 17 C B "H5''" 1 
ATOM 1123 H "H4'"  . C B 1 17 ? -15.379 22.963  -0.678  1.00 6.26  ? 17 C B "H4'"  1 
ATOM 1124 H "H3'"  . C B 1 17 ? -13.464 23.145  -3.064  1.00 6.27  ? 17 C B "H3'"  1 
ATOM 1125 H "H2'"  . C B 1 17 ? -11.849 24.082  -1.532  1.00 6.23  ? 17 C B "H2'"  1 
ATOM 1126 H "HO2'" . C B 1 17 ? -13.513 25.449  -0.530  1.00 6.67  ? 17 C B "HO2'" 1 
ATOM 1127 H "H1'"  . C B 1 17 ? -12.434 22.400  0.613   1.00 5.46  ? 17 C B "H1'"  1 
ATOM 1128 H H41    . C B 1 17 ? -7.399  19.711  -2.212  1.00 4.62  ? 17 C B H41    1 
ATOM 1129 H H42    . C B 1 17 ? -8.397  19.076  -3.501  1.00 4.61  ? 17 C B H42    1 
ATOM 1130 H H5     . C B 1 17 ? -10.821 19.496  -3.614  1.00 4.93  ? 17 C B H5     1 
ATOM 1131 H H6     . C B 1 17 ? -12.674 20.720  -2.602  1.00 5.35  ? 17 C B H6     1 
ATOM 1132 P P      . C B 1 18 ? -14.415 25.642  -3.524  1.00 7.28  ? 18 C B P      1 
ATOM 1133 O OP1    . C B 1 18 ? -15.358 26.777  -3.409  1.00 7.78  ? 18 C B OP1    1 
ATOM 1134 O OP2    . C B 1 18 ? -14.438 24.785  -4.730  1.00 7.07  ? 18 C B OP2    1 
ATOM 1135 O "O5'"  . C B 1 18 ? -12.919 26.205  -3.333  1.00 7.36  ? 18 C B "O5'"  1 
ATOM 1136 C "C5'"  . C B 1 18 ? -12.699 27.490  -2.745  1.00 7.66  ? 18 C B "C5'"  1 
ATOM 1137 C "C4'"  . C B 1 18 ? -11.270 27.638  -2.226  1.00 7.65  ? 18 C B "C4'"  1 
ATOM 1138 O "O4'"  . C B 1 18 ? -10.819 26.389  -1.709  1.00 7.17  ? 18 C B "O4'"  1 
ATOM 1139 C "C3'"  . C B 1 18 ? -10.237 27.978  -3.285  1.00 7.81  ? 18 C B "C3'"  1 
ATOM 1140 O "O3'"  . C B 1 18 ? -10.216 29.386  -3.535  1.00 8.49  ? 18 C B "O3'"  1 
ATOM 1141 C "C2'"  . C B 1 18 ? -8.947  27.535  -2.602  1.00 7.45  ? 18 C B "C2'"  1 
ATOM 1142 O "O2'"  . C B 1 18 ? -8.475  28.552  -1.714  1.00 7.81  ? 18 C B "O2'"  1 
ATOM 1143 C "C1'"  . C B 1 18 ? -9.391  26.300  -1.811  1.00 7.03  ? 18 C B "C1'"  1 
ATOM 1144 N N1     . C B 1 18 ? -9.042  25.037  -2.501  1.00 6.66  ? 18 C B N1     1 
ATOM 1145 C C2     . C B 1 18 ? -7.784  24.494  -2.269  1.00 6.42  ? 18 C B C2     1 
ATOM 1146 O O2     . C B 1 18 ? -6.996  25.063  -1.516  1.00 6.52  ? 18 C B O2     1 
ATOM 1147 N N3     . C B 1 18 ? -7.449  23.331  -2.890  1.00 6.15  ? 18 C B N3     1 
ATOM 1148 C C4     . C B 1 18 ? -8.314  22.720  -3.710  1.00 6.16  ? 18 C B C4     1 
ATOM 1149 N N4     . C B 1 18 ? -7.930  21.580  -4.285  1.00 6.02  ? 18 C B N4     1 
ATOM 1150 C C5     . C B 1 18 ? -9.611  23.272  -3.955  1.00 6.42  ? 18 C B C5     1 
ATOM 1151 C C6     . C B 1 18 ? -9.931  24.424  -3.334  1.00 6.65  ? 18 C B C6     1 
ATOM 1152 H "H5'"  . C B 1 18 ? -13.397 27.624  -1.918  1.00 7.57  ? 18 C B "H5'"  1 
ATOM 1153 H "H5''" . C B 1 18 ? -12.886 28.260  -3.495  1.00 8.05  ? 18 C B "H5''" 1 
ATOM 1154 H "H4'"  . C B 1 18 ? -11.255 28.379  -1.427  1.00 7.91  ? 18 C B "H4'"  1 
ATOM 1155 H "H3'"  . C B 1 18 ? -10.411 27.413  -4.200  1.00 7.71  ? 18 C B "H3'"  1 
ATOM 1156 H "H2'"  . C B 1 18 ? -8.187  27.273  -3.338  1.00 7.30  ? 18 C B "H2'"  1 
ATOM 1157 H "HO2'" . C B 1 18 ? -7.568  28.338  -1.490  1.00 7.91  ? 18 C B "HO2'" 1 
ATOM 1158 H "H1'"  . C B 1 18 ? -8.961  26.304  -0.808  1.00 6.99  ? 18 C B "H1'"  1 
ATOM 1159 H H41    . C B 1 18 ? -7.035  21.174  -4.053  1.00 5.88  ? 18 C B H41    1 
ATOM 1160 H H42    . C B 1 18 ? -8.535  21.122  -4.951  1.00 6.11  ? 18 C B H42    1 
ATOM 1161 H H5     . C B 1 18 ? -10.322 22.784  -4.621  1.00 6.50  ? 18 C B H5     1 
ATOM 1162 H H6     . C B 1 18 ? -10.910 24.871  -3.502  1.00 6.88  ? 18 C B H6     1 
# 
